data_9EAR
#
_entry.id   9EAR
#
_cell.length_a   1.00
_cell.length_b   1.00
_cell.length_c   1.00
_cell.angle_alpha   90.00
_cell.angle_beta   90.00
_cell.angle_gamma   90.00
#
_symmetry.space_group_name_H-M   'P 1'
#
loop_
_entity.id
_entity.type
_entity.pdbx_description
1 polymer 'Histone H3'
2 polymer 'Histone H4'
3 polymer 'Histone H2A'
4 polymer 'Histone H2B'
5 polymer 'DNA (205-MER)'
6 polymer 'DNA (205-MER)'
7 polymer 'Chromodomain-helicase-DNA-binding protein 1'
8 non-polymer "ADENOSINE-5'-DIPHOSPHATE"
9 non-polymer 'BERYLLIUM TRIFLUORIDE ION'
#
loop_
_entity_poly.entity_id
_entity_poly.type
_entity_poly.pdbx_seq_one_letter_code
_entity_poly.pdbx_strand_id
1 'polypeptide(L)'
;MART(ML3)QTARKSTGGKAPRKQLATKAARKSAPATGGVKKPHRYRPGTVALREIRRYQKSTELLIRKLPFQRLVREIA
QDFKTDLRFQSSAVMALQEASEAYLVALFEDTNLAAIHAKRVTIMPKDIQLARRIRGERA
;
A,E
2 'polypeptide(L)'
;RHRKVLRDNIQGITKPAIRRLARRGGVKRISGLIYEETRGVLKVFLENVIRDAVTYTEHAKRKTVTAMDVVYALKRQGRT
LYGFGG
;
B,F
3 'polypeptide(L)'
;AKTRSSRAGLQFPVGRVHRLLRKGNYAERVGAGAPVYLAAVLEYLTAEILELAGNAARDNKKTRIIPRHLQLAVRNDEEL
NKLLGRVTIAQGGVLPNIQSVLLPK
;
C,G
4 'polypeptide(L)'
;KTRKESYAIYVYKVLKQVHPDTGISSKAMSIMNSFVNDVFERIAGEASRLAHYNKRSTITSREIQTAVRLLLPGELAKHA
VSEGTKAVTKYTSAK
;
D,H
5 'polydeoxyribonucleotide'
;(DA)(DT)(DT)(DC)(DC)(DA)(DG)(DC)(DC)(DA)(DT)(DC)(DA)(DG)(DA)(DA)(DT)(DC)(DC)(DC)
(DG)(DG)(DT)(DG)(DC)(DC)(DG)(DA)(DG)(DG)(DC)(DC)(DG)(DC)(DT)(DC)(DA)(DA)(DT)(DT)
(DG)(DG)(DT)(DC)(DG)(DT)(DA)(DG)(DA)(DC)(DA)(DG)(DC)(DT)(DC)(DT)(DA)(DG)(DC)(DA)
(DC)(DC)(DG)(DC)(DT)(DT)(DA)(DA)(DA)(DC)(DG)(DC)(DA)(DC)(DG)(DT)(DA)(DC)(DG)(DC)
(DG)(DC)(DT)(DG)(DT)(DC)(DC)(DC)(DC)(DC)(DG)(DC)(DG)(DT)(DT)(DT)(DT)(DA)(DA)(DC)
(DC)(DG)(DC)(DC)(DA)(DA)(DG)(DG)(DG)(DG)(DA)(DT)(DT)(DA)(DC)(DT)(DC)(DC)(DC)(DT)
(DA)(DG)(DT)(DC)(DT)(DC)(DC)(DA)(DG)(DG)(DC)(DA)(DC)(DG)(DT)(DG)(DT)(DC)(DA)(DG)
(DA)(DT)(DA)(DT)(DA)(DT)(DA)(DC)(DA)(DT)(DC)(DG)(DA)(DT)(DA)(DG)(DG)(DC)
;
I
6 'polydeoxyribonucleotide'
;(DG)(DC)(DC)(DT)(DA)(DT)(DC)(DG)(DA)(DT)(DG)(DT)(DA)(DT)(DA)(DT)(DA)(DT)(DC)(DT)
(DG)(DA)(DC)(DA)(DC)(DG)(DT)(DG)(DC)(DC)(DT)(DG)(DG)(DA)(DG)(DA)(DC)(DT)(DA)(DG)
(DG)(DG)(DA)(DG)(DT)(DA)(DA)(DT)(DC)(DC)(DC)(DC)(DT)(DT)(DG)(DG)(DC)(DG)(DG)(DT)
(DT)(DA)(DA)(DA)(DA)(DC)(DG)(DC)(DG)(DG)(DG)(DG)(DG)(DA)(DC)(DA)(DG)(DC)(DG)(DC)
(DG)(DT)(DA)(DC)(DG)(DT)(DG)(DC)(DG)(DT)(DT)(DT)(DA)(DA)(DG)(DC)(DG)(DG)(DT)(DG)
(DC)(DT)(DA)(DG)(DA)(DG)(DC)(DT)(DG)(DT)(DC)(DT)(DA)(DC)(DG)(DA)(DC)(DC)(DA)(DA)
(DT)(DT)(DG)(DA)(DG)(DC)(DG)(DG)(DC)(DC)(DT)(DC)(DG)(DG)(DC)(DA)(DC)(DC)(DG)(DG)
(DG)(DA)(DT)(DT)(DC)(DT)(DG)(DA)(DT)(DG)(DG)(DC)(DT)(DG)(DG)(DA)(DA)(DT)
;
J
7 'polypeptide(L)'
;SNANGHSDEESVRNSSGESSQSDDDSGSASGSGSGSSSGSSSDGSSSQSGSSDSDSGSESGSQSESESDTSRENKVQAKP
PKVDGAEFWKSSPSILAVQRSAILKKQQQQQQQQQHQASSNSGSEEDSSSSEDSDDSSSEVKRKKHKDEDWQMSGSGSPS
QSGSDSESEEEREKSSCDETESDYEPKNKVKSRKPQNRSKSKNGKKILGQKKRQIDSSEEDDDEEDYDNDKRSSRRQATV
NVSYKEDEEMKTDSDDLLEVCGEDVPQPEEEEFETIERFMDCRIGRKGATGATTTIYAVEADGDPNAGFEKNKEPGEIQY
LIKWKGWSHIHNTWETEETLKQQNVRGMKKLDNYKKKDQETKRWLKNASPEDVEYYNCQQELTDDLHKQYQIVERIIAHS
NQKSAAGYPDYYCKWQGLPYSECSWEDGALISKKFQACIDEYFSRNQSKTTPFKDCKVLKQRPRFVALKKQPSYIGGHEG
LELRDYQLNGLNWLAHSWCKGNSCILADEMGLGKTIQTISFLNYLFHEHQLYGPFLLVVPLSTLTSWQREIQTWASQMNA
VVYLGDINSRNMIRTHEWTHHQTKRLKFNILLTTYEILLKDKAFLGGLNWAFIGVDEAHRLKNDDSLLYKTLIDFKSNHR
LLITGTPLQNSLKELWSLLHFIMPEKFSSWEDFEEEHGKGREYGYASLHKELEPFLLRRVKKDVEKSLPAKVEQILRMEM
SALQKQYYKWILTRNYKALSKGSKGSTSGFLNIMMELKKCCNHCYLIKPPDNNEFYNKQEALQHLIRSSGKLILLDKLLI
RLRERGNRVLIFSQMVRMLDILAEYLKYRQFPFQRLDGSIKGELRKQALDHFNAEGSEDFCFLLSTRAGGLGINLASADT
VVIFDSDWNPQNDLQAQARAHRIGQKKQVNIYRLVTKGSVEEDILERAKKKMVLDHLVIQRMDTTGKTVLHTGSAPSSST
PFNKEELSAILKFGAEELFKEPEGEEQEPQEMDIDEILKRAETHENEPGPLTVGDELLSQFKVANFSNMDEDDIELEPER
NSKNWEEIIPEDQRRRLEEEERQKELEEIYMLPRMRNCAKQISFNGSEGRRSRSRRYSGSDSDSISEGKRPKKRGRPRTI
PRENIKGFSDAEIRRFIKSYKKFGGPLERLDAIARDAELVDKSETDLRRLGELVHNGCIKALKDSSSGTERTGGRLGKVK
GPTFRISGVQVNAKLVISHEEELIPLHKSIPSDPEERKQYTIPCHTKAAHFDIDWGKEDDSNLLIGIYEYGYGSWEMIKM
DPDLSLTHKILPDDPDKKPQAKQLQTRADYLIKLLSRDLAKKEALSGAG
;
W
#
loop_
_chem_comp.id
_chem_comp.type
_chem_comp.name
_chem_comp.formula
ADP non-polymer ADENOSINE-5'-DIPHOSPHATE 'C10 H15 N5 O10 P2'
BEF non-polymer 'BERYLLIUM TRIFLUORIDE ION' 'Be F3 -1'
DA DNA linking 2'-DEOXYADENOSINE-5'-MONOPHOSPHATE 'C10 H14 N5 O6 P'
DC DNA linking 2'-DEOXYCYTIDINE-5'-MONOPHOSPHATE 'C9 H14 N3 O7 P'
DG DNA linking 2'-DEOXYGUANOSINE-5'-MONOPHOSPHATE 'C10 H14 N5 O7 P'
DT DNA linking THYMIDINE-5'-MONOPHOSPHATE 'C10 H15 N2 O8 P'
#
# COMPACT_ATOMS: atom_id res chain seq x y z
N ALA A 2 53.42 8.02 13.90
CA ALA A 2 53.34 9.25 13.06
C ALA A 2 52.98 8.91 11.62
N ARG A 3 51.68 8.89 11.32
CA ARG A 3 51.20 8.58 9.97
C ARG A 3 51.43 9.79 9.08
N THR A 4 52.46 9.72 8.25
CA THR A 4 52.78 10.81 7.33
C THR A 4 52.85 10.33 5.88
N ML3 A 5 53.12 9.04 5.70
CA ML3 A 5 53.19 8.45 4.38
CB ML3 A 5 51.88 8.64 3.60
SG ML3 A 5 51.57 7.43 2.74
CD ML3 A 5 50.60 7.82 1.64
CE ML3 A 5 49.73 6.61 1.30
NZ ML3 A 5 48.72 6.74 0.19
CM1 ML3 A 5 47.76 7.88 0.43
CM2 ML3 A 5 49.39 6.94 -1.13
CM3 ML3 A 5 47.93 5.47 0.14
C ML3 A 5 54.33 9.01 3.52
O ML3 A 5 54.27 9.06 2.29
N GLN A 6 55.38 9.44 4.20
CA GLN A 6 56.55 10.02 3.53
C GLN A 6 57.13 9.05 2.51
N PRO A 39 36.93 -12.91 8.05
CA PRO A 39 35.77 -12.33 8.74
C PRO A 39 34.72 -13.36 9.11
N HIS A 40 33.85 -13.01 10.05
CA HIS A 40 32.74 -13.88 10.40
C HIS A 40 31.74 -13.96 9.25
N ARG A 41 31.21 -15.16 9.01
CA ARG A 41 30.26 -15.38 7.93
C ARG A 41 29.36 -16.54 8.30
N TYR A 42 28.06 -16.27 8.42
CA TYR A 42 27.11 -17.34 8.69
C TYR A 42 27.06 -18.32 7.51
N ARG A 43 26.73 -19.57 7.84
CA ARG A 43 26.57 -20.64 6.86
C ARG A 43 25.20 -20.56 6.20
N PRO A 44 25.04 -21.20 5.04
CA PRO A 44 23.73 -21.21 4.38
C PRO A 44 22.66 -21.93 5.19
N GLY A 45 21.65 -21.19 5.63
CA GLY A 45 20.54 -21.73 6.40
C GLY A 45 20.39 -21.10 7.77
N THR A 46 21.47 -20.59 8.36
CA THR A 46 21.37 -19.97 9.67
C THR A 46 20.47 -18.73 9.64
N VAL A 47 20.62 -17.89 8.61
CA VAL A 47 19.83 -16.67 8.55
C VAL A 47 18.41 -16.98 8.12
N ALA A 48 18.21 -18.05 7.33
CA ALA A 48 16.86 -18.41 6.90
C ALA A 48 15.99 -18.81 8.10
N LEU A 49 16.54 -19.61 9.02
CA LEU A 49 15.80 -19.97 10.21
C LEU A 49 15.47 -18.73 11.06
N ARG A 50 16.44 -17.83 11.19
CA ARG A 50 16.18 -16.60 11.93
C ARG A 50 15.05 -15.81 11.30
N GLU A 51 15.04 -15.70 9.97
CA GLU A 51 13.97 -15.00 9.29
C GLU A 51 12.63 -15.70 9.49
N ILE A 52 12.63 -17.03 9.41
CA ILE A 52 11.40 -17.79 9.63
C ILE A 52 10.82 -17.46 10.99
N ARG A 53 11.66 -17.54 12.03
CA ARG A 53 11.19 -17.23 13.38
C ARG A 53 10.69 -15.79 13.47
N ARG A 54 11.47 -14.85 12.92
CA ARG A 54 11.12 -13.44 13.05
C ARG A 54 9.78 -13.14 12.41
N TYR A 55 9.56 -13.63 11.18
CA TYR A 55 8.33 -13.32 10.48
C TYR A 55 7.16 -14.19 10.92
N GLN A 56 7.40 -15.31 11.59
CA GLN A 56 6.31 -15.99 12.27
C GLN A 56 5.90 -15.22 13.52
N LYS A 57 6.86 -14.57 14.18
CA LYS A 57 6.56 -13.77 15.36
C LYS A 57 5.84 -12.48 14.97
N SER A 58 6.42 -11.71 14.05
CA SER A 58 5.88 -10.41 13.70
C SER A 58 4.64 -10.55 12.84
N THR A 59 3.63 -9.72 13.13
CA THR A 59 2.39 -9.66 12.34
C THR A 59 2.41 -8.55 11.31
N GLU A 60 3.47 -7.74 11.24
CA GLU A 60 3.48 -6.59 10.37
C GLU A 60 3.31 -7.00 8.91
N LEU A 61 2.64 -6.16 8.14
CA LEU A 61 2.51 -6.38 6.71
C LEU A 61 3.89 -6.46 6.06
N LEU A 62 4.05 -7.38 5.13
CA LEU A 62 5.35 -7.65 4.52
C LEU A 62 5.51 -6.99 3.15
N ILE A 63 4.52 -7.10 2.28
CA ILE A 63 4.58 -6.41 0.99
C ILE A 63 4.51 -4.91 1.23
N ARG A 64 5.33 -4.16 0.49
CA ARG A 64 5.30 -2.70 0.57
C ARG A 64 3.94 -2.19 0.12
N LYS A 65 3.34 -1.32 0.93
CA LYS A 65 1.95 -0.94 0.70
C LYS A 65 1.75 -0.28 -0.65
N LEU A 66 2.62 0.65 -1.02
CA LEU A 66 2.37 1.50 -2.18
C LEU A 66 2.39 0.72 -3.49
N PRO A 67 3.39 -0.13 -3.74
CA PRO A 67 3.32 -0.95 -4.97
C PRO A 67 2.11 -1.86 -5.01
N PHE A 68 1.68 -2.39 -3.87
CA PHE A 68 0.45 -3.18 -3.84
C PHE A 68 -0.74 -2.34 -4.24
N GLN A 69 -0.83 -1.11 -3.73
CA GLN A 69 -1.91 -0.22 -4.14
C GLN A 69 -1.86 0.04 -5.64
N ARG A 70 -0.64 0.23 -6.17
CA ARG A 70 -0.48 0.44 -7.60
C ARG A 70 -1.02 -0.76 -8.39
N LEU A 71 -0.65 -1.97 -7.99
CA LEU A 71 -1.10 -3.16 -8.69
C LEU A 71 -2.61 -3.33 -8.58
N VAL A 72 -3.16 -3.07 -7.40
CA VAL A 72 -4.61 -3.18 -7.21
C VAL A 72 -5.32 -2.24 -8.17
N ARG A 73 -4.88 -0.98 -8.24
CA ARG A 73 -5.51 -0.04 -9.15
C ARG A 73 -5.36 -0.50 -10.60
N GLU A 74 -4.16 -0.95 -10.98
CA GLU A 74 -3.95 -1.40 -12.35
C GLU A 74 -4.91 -2.53 -12.72
N ILE A 75 -5.03 -3.53 -11.85
CA ILE A 75 -5.94 -4.64 -12.12
C ILE A 75 -7.37 -4.14 -12.21
N ALA A 76 -7.79 -3.31 -11.23
CA ALA A 76 -9.16 -2.83 -11.21
C ALA A 76 -9.50 -2.07 -12.49
N GLN A 77 -8.51 -1.40 -13.08
CA GLN A 77 -8.76 -0.64 -14.30
C GLN A 77 -9.37 -1.51 -15.38
N ASP A 78 -8.97 -2.78 -15.46
CA ASP A 78 -9.46 -3.66 -16.51
C ASP A 78 -10.96 -3.91 -16.41
N PHE A 79 -11.57 -3.66 -15.26
CA PHE A 79 -12.99 -3.92 -15.05
C PHE A 79 -13.84 -2.67 -15.16
N LYS A 80 -13.47 -1.60 -14.47
CA LYS A 80 -14.21 -0.34 -14.53
C LYS A 80 -13.24 0.82 -14.42
N THR A 81 -13.19 1.65 -15.45
CA THR A 81 -12.27 2.77 -15.48
C THR A 81 -12.70 3.85 -14.47
N ASP A 82 -11.72 4.63 -14.03
CA ASP A 82 -11.97 5.77 -13.15
C ASP A 82 -12.54 5.32 -11.81
N LEU A 83 -12.11 4.15 -11.35
CA LEU A 83 -12.51 3.66 -10.05
C LEU A 83 -11.72 4.34 -8.94
N ARG A 84 -12.35 4.48 -7.78
CA ARG A 84 -11.71 5.01 -6.59
C ARG A 84 -11.75 3.95 -5.50
N PHE A 85 -10.70 3.93 -4.68
CA PHE A 85 -10.54 2.93 -3.62
C PHE A 85 -10.46 3.62 -2.28
N GLN A 86 -11.30 3.18 -1.34
CA GLN A 86 -11.14 3.63 0.04
C GLN A 86 -9.84 3.07 0.61
N SER A 87 -9.24 3.83 1.52
CA SER A 87 -7.94 3.45 2.05
C SER A 87 -8.00 2.11 2.77
N SER A 88 -9.14 1.74 3.33
CA SER A 88 -9.27 0.46 4.00
C SER A 88 -9.45 -0.69 3.03
N ALA A 89 -9.99 -0.44 1.84
CA ALA A 89 -10.15 -1.51 0.86
C ALA A 89 -8.81 -2.09 0.45
N VAL A 90 -7.84 -1.22 0.17
CA VAL A 90 -6.51 -1.70 -0.21
C VAL A 90 -5.88 -2.48 0.94
N MET A 91 -6.06 -2.00 2.17
CA MET A 91 -5.52 -2.70 3.32
C MET A 91 -6.13 -4.09 3.46
N ALA A 92 -7.44 -4.19 3.30
CA ALA A 92 -8.11 -5.49 3.38
C ALA A 92 -7.61 -6.43 2.30
N LEU A 93 -7.49 -5.93 1.07
CA LEU A 93 -6.97 -6.75 -0.02
C LEU A 93 -5.55 -7.22 0.29
N GLN A 94 -4.72 -6.33 0.82
CA GLN A 94 -3.35 -6.70 1.14
C GLN A 94 -3.31 -7.78 2.22
N GLU A 95 -4.11 -7.63 3.27
CA GLU A 95 -4.16 -8.64 4.31
C GLU A 95 -4.57 -9.99 3.75
N ALA A 96 -5.65 -10.00 2.94
CA ALA A 96 -6.13 -11.25 2.38
C ALA A 96 -5.08 -11.87 1.46
N SER A 97 -4.43 -11.07 0.61
CA SER A 97 -3.45 -11.59 -0.32
C SER A 97 -2.24 -12.16 0.42
N GLU A 98 -1.77 -11.45 1.45
CA GLU A 98 -0.64 -11.95 2.22
C GLU A 98 -0.99 -13.25 2.92
N ALA A 99 -2.19 -13.34 3.50
CA ALA A 99 -2.59 -14.59 4.16
C ALA A 99 -2.67 -15.74 3.16
N TYR A 100 -3.25 -15.47 1.98
CA TYR A 100 -3.35 -16.50 0.96
C TYR A 100 -1.97 -16.96 0.50
N LEU A 101 -1.06 -16.02 0.26
CA LEU A 101 0.29 -16.38 -0.16
C LEU A 101 1.01 -17.17 0.94
N VAL A 102 0.84 -16.78 2.19
CA VAL A 102 1.50 -17.50 3.29
C VAL A 102 0.99 -18.94 3.35
N ALA A 103 -0.32 -19.13 3.26
CA ALA A 103 -0.86 -20.48 3.27
C ALA A 103 -0.36 -21.28 2.08
N LEU A 104 -0.29 -20.65 0.91
CA LEU A 104 0.20 -21.34 -0.28
C LEU A 104 1.66 -21.74 -0.10
N PHE A 105 2.47 -20.87 0.52
CA PHE A 105 3.86 -21.20 0.76
C PHE A 105 4.00 -22.34 1.75
N GLU A 106 3.15 -22.37 2.78
CA GLU A 106 3.17 -23.51 3.70
C GLU A 106 2.87 -24.81 2.97
N ASP A 107 1.82 -24.81 2.14
CA ASP A 107 1.49 -26.00 1.37
C ASP A 107 2.62 -26.39 0.43
N THR A 108 3.23 -25.40 -0.23
CA THR A 108 4.35 -25.67 -1.11
C THR A 108 5.52 -26.28 -0.36
N ASN A 109 5.81 -25.78 0.84
CA ASN A 109 6.88 -26.33 1.65
C ASN A 109 6.60 -27.78 2.00
N LEU A 110 5.34 -28.08 2.36
CA LEU A 110 4.98 -29.47 2.63
C LEU A 110 5.20 -30.33 1.39
N ALA A 111 4.82 -29.81 0.22
CA ALA A 111 5.03 -30.55 -1.02
C ALA A 111 6.51 -30.81 -1.26
N ALA A 112 7.35 -29.81 -1.03
CA ALA A 112 8.80 -29.98 -1.22
C ALA A 112 9.36 -31.02 -0.28
N ILE A 113 8.97 -30.95 1.00
CA ILE A 113 9.42 -31.96 1.97
C ILE A 113 8.96 -33.34 1.55
N HIS A 114 7.77 -33.44 0.95
CA HIS A 114 7.28 -34.72 0.47
C HIS A 114 8.27 -35.35 -0.50
N ALA A 115 8.79 -34.56 -1.43
CA ALA A 115 9.79 -35.03 -2.38
C ALA A 115 11.17 -35.20 -1.76
N LYS A 116 11.28 -35.14 -0.43
CA LYS A 116 12.56 -35.28 0.26
C LYS A 116 13.52 -34.15 -0.11
N ARG A 117 12.96 -32.98 -0.43
CA ARG A 117 13.73 -31.80 -0.78
C ARG A 117 13.61 -30.75 0.32
N VAL A 118 14.38 -29.67 0.16
CA VAL A 118 14.27 -28.50 1.01
C VAL A 118 13.96 -27.23 0.23
N THR A 119 14.12 -27.21 -1.09
CA THR A 119 13.85 -26.03 -1.90
C THR A 119 12.46 -26.11 -2.50
N ILE A 120 11.70 -25.03 -2.35
CA ILE A 120 10.38 -24.93 -2.97
C ILE A 120 10.55 -24.52 -4.43
N MET A 121 9.89 -25.24 -5.32
CA MET A 121 9.99 -25.03 -6.76
C MET A 121 8.60 -24.86 -7.34
N PRO A 122 8.49 -24.29 -8.54
CA PRO A 122 7.15 -23.97 -9.08
C PRO A 122 6.21 -25.16 -9.15
N LYS A 123 6.73 -26.35 -9.46
CA LYS A 123 5.87 -27.53 -9.49
C LYS A 123 5.28 -27.84 -8.12
N ASP A 124 5.96 -27.42 -7.03
CA ASP A 124 5.37 -27.58 -5.70
C ASP A 124 4.14 -26.71 -5.56
N ILE A 125 4.23 -25.44 -5.96
CA ILE A 125 3.07 -24.55 -5.93
C ILE A 125 1.97 -25.12 -6.80
N GLN A 126 2.32 -25.62 -7.98
CA GLN A 126 1.32 -26.17 -8.90
C GLN A 126 0.58 -27.33 -8.25
N LEU A 127 1.33 -28.26 -7.63
CA LEU A 127 0.69 -29.39 -6.95
C LEU A 127 -0.23 -28.90 -5.83
N ALA A 128 0.26 -27.96 -5.02
CA ALA A 128 -0.54 -27.45 -3.92
C ALA A 128 -1.84 -26.86 -4.42
N ARG A 129 -1.78 -26.03 -5.47
CA ARG A 129 -2.98 -25.42 -6.01
C ARG A 129 -3.92 -26.48 -6.57
N ARG A 130 -3.38 -27.44 -7.31
CA ARG A 130 -4.25 -28.46 -7.90
C ARG A 130 -4.98 -29.25 -6.83
N ILE A 131 -4.28 -29.64 -5.78
CA ILE A 131 -4.94 -30.35 -4.68
C ILE A 131 -5.97 -29.45 -4.03
N ARG A 132 -5.61 -28.20 -3.76
CA ARG A 132 -6.56 -27.25 -3.17
C ARG A 132 -7.76 -27.03 -4.06
N GLY A 133 -7.66 -27.30 -5.35
CA GLY A 133 -8.77 -27.16 -6.26
C GLY A 133 -8.81 -25.87 -7.06
N GLU A 134 -7.69 -25.17 -7.17
CA GLU A 134 -7.64 -23.92 -7.91
C GLU A 134 -7.25 -24.19 -9.37
N ARG A 135 -8.07 -23.69 -10.29
CA ARG A 135 -7.82 -23.85 -11.71
C ARG A 135 -7.36 -22.53 -12.33
N ARG B 1 22.65 7.90 -18.80
CA ARG B 1 21.50 8.66 -18.23
C ARG B 1 20.22 7.84 -18.34
N HIS B 2 19.22 8.19 -17.53
CA HIS B 2 17.96 7.45 -17.52
C HIS B 2 17.35 7.41 -18.92
N ARG B 3 16.86 6.23 -19.30
CA ARG B 3 16.29 6.01 -20.62
C ARG B 3 14.76 6.03 -20.59
N LYS B 4 14.16 6.59 -19.54
CA LYS B 4 12.72 6.73 -19.39
C LYS B 4 12.00 5.40 -19.20
N VAL B 5 12.74 4.32 -18.95
CA VAL B 5 12.13 3.01 -18.76
C VAL B 5 11.42 2.95 -17.42
N LEU B 6 10.31 2.20 -17.39
CA LEU B 6 9.52 2.02 -16.17
C LEU B 6 9.26 0.54 -15.97
N ARG B 7 9.41 0.08 -14.74
CA ARG B 7 9.20 -1.33 -14.42
C ARG B 7 7.71 -1.63 -14.27
N ASP B 8 7.32 -2.85 -14.64
CA ASP B 8 5.93 -3.26 -14.57
C ASP B 8 5.42 -3.24 -13.13
N ASN B 9 4.16 -2.86 -12.96
CA ASN B 9 3.57 -2.79 -11.62
C ASN B 9 3.60 -4.16 -10.95
N ILE B 10 3.40 -5.23 -11.72
CA ILE B 10 3.45 -6.58 -11.14
C ILE B 10 4.84 -6.84 -10.55
N GLN B 11 5.87 -6.25 -11.15
CA GLN B 11 7.23 -6.38 -10.64
C GLN B 11 7.45 -5.58 -9.37
N GLY B 12 6.44 -4.84 -8.90
CA GLY B 12 6.56 -4.11 -7.66
C GLY B 12 6.45 -4.97 -6.42
N ILE B 13 5.98 -6.21 -6.56
CA ILE B 13 6.04 -7.19 -5.49
C ILE B 13 7.42 -7.80 -5.56
N THR B 14 8.36 -7.22 -4.82
CA THR B 14 9.77 -7.47 -5.06
C THR B 14 10.19 -8.85 -4.57
N LYS B 15 11.35 -9.27 -5.03
CA LYS B 15 11.91 -10.55 -4.62
C LYS B 15 12.04 -10.67 -3.11
N PRO B 16 12.51 -9.66 -2.37
CA PRO B 16 12.49 -9.76 -0.91
C PRO B 16 11.09 -9.93 -0.33
N ALA B 17 10.05 -9.39 -0.97
CA ALA B 17 8.71 -9.53 -0.40
C ALA B 17 8.24 -10.98 -0.49
N ILE B 18 8.45 -11.62 -1.65
CA ILE B 18 8.13 -13.03 -1.77
C ILE B 18 8.99 -13.85 -0.82
N ARG B 19 10.25 -13.45 -0.65
CA ARG B 19 11.12 -14.16 0.29
C ARG B 19 10.56 -14.09 1.71
N ARG B 20 10.10 -12.90 2.13
CA ARG B 20 9.57 -12.76 3.48
C ARG B 20 8.28 -13.55 3.65
N LEU B 21 7.40 -13.51 2.65
CA LEU B 21 6.18 -14.28 2.74
C LEU B 21 6.48 -15.77 2.82
N ALA B 22 7.49 -16.22 2.08
CA ALA B 22 7.92 -17.61 2.19
C ALA B 22 8.44 -17.91 3.59
N ARG B 23 9.21 -16.99 4.16
CA ARG B 23 9.76 -17.19 5.50
C ARG B 23 8.65 -17.36 6.52
N ARG B 24 7.61 -16.50 6.45
CA ARG B 24 6.49 -16.67 7.36
C ARG B 24 5.83 -18.02 7.19
N GLY B 25 5.90 -18.60 6.00
CA GLY B 25 5.38 -19.93 5.74
C GLY B 25 6.29 -21.05 6.14
N GLY B 26 7.48 -20.75 6.64
CA GLY B 26 8.41 -21.79 7.07
C GLY B 26 9.31 -22.32 5.98
N VAL B 27 9.47 -21.59 4.88
CA VAL B 27 10.31 -22.02 3.77
C VAL B 27 11.75 -21.65 4.07
N LYS B 28 12.65 -22.63 3.99
CA LYS B 28 14.07 -22.40 4.22
C LYS B 28 14.82 -22.04 2.95
N ARG B 29 14.51 -22.70 1.84
CA ARG B 29 15.21 -22.51 0.57
C ARG B 29 14.19 -22.26 -0.53
N ILE B 30 14.49 -21.30 -1.41
CA ILE B 30 13.55 -20.83 -2.42
C ILE B 30 14.22 -20.88 -3.79
N SER B 31 13.63 -21.64 -4.70
CA SER B 31 14.11 -21.67 -6.08
C SER B 31 13.83 -20.33 -6.76
N GLY B 32 14.72 -19.94 -7.66
CA GLY B 32 14.62 -18.64 -8.32
C GLY B 32 13.42 -18.48 -9.23
N LEU B 33 12.80 -19.57 -9.65
CA LEU B 33 11.61 -19.49 -10.51
C LEU B 33 10.33 -19.31 -9.72
N ILE B 34 10.38 -19.37 -8.39
CA ILE B 34 9.18 -19.20 -7.58
C ILE B 34 8.59 -17.82 -7.77
N TYR B 35 9.42 -16.81 -7.97
CA TYR B 35 8.95 -15.43 -7.89
C TYR B 35 7.93 -15.12 -8.98
N GLU B 36 8.22 -15.49 -10.23
CA GLU B 36 7.25 -15.29 -11.30
C GLU B 36 5.96 -16.03 -11.02
N GLU B 37 6.07 -17.28 -10.57
CA GLU B 37 4.88 -18.06 -10.24
C GLU B 37 4.06 -17.39 -9.15
N THR B 38 4.74 -16.88 -8.11
CA THR B 38 4.05 -16.20 -7.02
C THR B 38 3.35 -14.95 -7.54
N ARG B 39 4.03 -14.18 -8.39
CA ARG B 39 3.42 -12.98 -8.97
C ARG B 39 2.16 -13.34 -9.75
N GLY B 40 2.23 -14.38 -10.58
CA GLY B 40 1.06 -14.78 -11.34
C GLY B 40 -0.09 -15.23 -10.46
N VAL B 41 0.21 -16.02 -9.43
CA VAL B 41 -0.83 -16.49 -8.53
C VAL B 41 -1.49 -15.32 -7.82
N LEU B 42 -0.67 -14.38 -7.32
CA LEU B 42 -1.22 -13.20 -6.65
C LEU B 42 -2.08 -12.39 -7.60
N LYS B 43 -1.64 -12.25 -8.86
CA LYS B 43 -2.43 -11.51 -9.84
C LYS B 43 -3.78 -12.18 -10.07
N VAL B 44 -3.79 -13.51 -10.17
CA VAL B 44 -5.05 -14.22 -10.36
C VAL B 44 -5.97 -14.03 -9.17
N PHE B 45 -5.41 -14.13 -7.96
CA PHE B 45 -6.22 -13.93 -6.75
C PHE B 45 -6.81 -12.53 -6.71
N LEU B 46 -5.98 -11.52 -7.01
CA LEU B 46 -6.46 -10.15 -7.01
C LEU B 46 -7.53 -9.94 -8.06
N GLU B 47 -7.35 -10.52 -9.25
CA GLU B 47 -8.38 -10.40 -10.28
C GLU B 47 -9.70 -10.98 -9.80
N ASN B 48 -9.65 -12.18 -9.22
CA ASN B 48 -10.88 -12.83 -8.77
C ASN B 48 -11.58 -11.99 -7.69
N VAL B 49 -10.82 -11.47 -6.73
CA VAL B 49 -11.44 -10.68 -5.67
C VAL B 49 -11.98 -9.36 -6.23
N ILE B 50 -11.17 -8.67 -7.02
CA ILE B 50 -11.52 -7.33 -7.48
C ILE B 50 -12.71 -7.38 -8.43
N ARG B 51 -12.86 -8.47 -9.19
CA ARG B 51 -14.04 -8.58 -10.04
C ARG B 51 -15.32 -8.49 -9.21
N ASP B 52 -15.41 -9.29 -8.15
CA ASP B 52 -16.59 -9.25 -7.29
C ASP B 52 -16.71 -7.91 -6.58
N ALA B 53 -15.58 -7.35 -6.12
CA ALA B 53 -15.64 -6.05 -5.46
C ALA B 53 -16.20 -4.98 -6.39
N VAL B 54 -15.73 -4.94 -7.64
CA VAL B 54 -16.22 -3.97 -8.61
C VAL B 54 -17.69 -4.21 -8.92
N THR B 55 -18.10 -5.47 -9.03
CA THR B 55 -19.51 -5.75 -9.27
C THR B 55 -20.37 -5.21 -8.14
N TYR B 56 -19.97 -5.48 -6.90
CA TYR B 56 -20.71 -4.95 -5.75
C TYR B 56 -20.77 -3.43 -5.81
N THR B 57 -19.64 -2.78 -6.09
CA THR B 57 -19.62 -1.32 -6.16
C THR B 57 -20.58 -0.81 -7.23
N GLU B 58 -20.52 -1.39 -8.42
CA GLU B 58 -21.41 -0.97 -9.50
C GLU B 58 -22.86 -1.12 -9.11
N HIS B 59 -23.19 -2.19 -8.38
CA HIS B 59 -24.57 -2.39 -7.97
C HIS B 59 -25.08 -1.22 -7.14
N ALA B 60 -24.27 -0.75 -6.19
CA ALA B 60 -24.67 0.33 -5.30
C ALA B 60 -24.72 1.69 -5.99
N LYS B 61 -24.45 1.75 -7.30
CA LYS B 61 -24.32 3.02 -8.01
C LYS B 61 -23.13 3.83 -7.51
N ARG B 62 -22.23 3.19 -6.78
CA ARG B 62 -21.05 3.85 -6.26
C ARG B 62 -19.93 3.83 -7.29
N LYS B 63 -19.06 4.83 -7.21
CA LYS B 63 -17.83 4.89 -8.00
C LYS B 63 -16.59 4.75 -7.13
N THR B 64 -16.75 4.31 -5.89
CA THR B 64 -15.64 4.09 -4.97
C THR B 64 -15.78 2.71 -4.36
N VAL B 65 -14.68 1.96 -4.33
CA VAL B 65 -14.67 0.63 -3.75
C VAL B 65 -14.46 0.75 -2.25
N THR B 66 -15.41 0.24 -1.47
CA THR B 66 -15.36 0.31 -0.02
C THR B 66 -14.89 -1.02 0.56
N ALA B 67 -14.38 -0.95 1.78
CA ALA B 67 -13.87 -2.15 2.44
C ALA B 67 -14.93 -3.24 2.50
N MET B 68 -16.19 -2.87 2.68
CA MET B 68 -17.24 -3.87 2.76
C MET B 68 -17.37 -4.63 1.45
N ASP B 69 -17.14 -3.96 0.32
CA ASP B 69 -17.16 -4.66 -0.96
C ASP B 69 -16.10 -5.76 -1.00
N VAL B 70 -14.88 -5.44 -0.53
CA VAL B 70 -13.83 -6.44 -0.49
C VAL B 70 -14.19 -7.57 0.46
N VAL B 71 -14.75 -7.23 1.62
CA VAL B 71 -15.16 -8.25 2.58
C VAL B 71 -16.16 -9.21 1.95
N TYR B 72 -17.18 -8.66 1.28
CA TYR B 72 -18.19 -9.50 0.65
C TYR B 72 -17.57 -10.36 -0.45
N ALA B 73 -16.69 -9.77 -1.27
CA ALA B 73 -16.04 -10.54 -2.33
C ALA B 73 -15.26 -11.71 -1.75
N LEU B 74 -14.50 -11.46 -0.68
CA LEU B 74 -13.73 -12.53 -0.06
C LEU B 74 -14.64 -13.59 0.55
N LYS B 75 -15.75 -13.16 1.15
CA LYS B 75 -16.68 -14.11 1.75
C LYS B 75 -17.29 -15.02 0.68
N ARG B 76 -17.57 -14.47 -0.51
CA ARG B 76 -18.07 -15.30 -1.60
C ARG B 76 -17.10 -16.43 -1.91
N GLN B 77 -15.81 -16.12 -1.98
CA GLN B 77 -14.79 -17.11 -2.29
C GLN B 77 -14.47 -18.02 -1.10
N GLY B 78 -15.19 -17.91 0.00
CA GLY B 78 -14.87 -18.68 1.19
C GLY B 78 -13.58 -18.26 1.83
N ARG B 79 -13.32 -16.96 1.90
CA ARG B 79 -12.09 -16.41 2.47
C ARG B 79 -12.43 -15.24 3.39
N THR B 80 -13.37 -15.46 4.30
CA THR B 80 -13.86 -14.39 5.16
C THR B 80 -12.72 -13.70 5.88
N LEU B 81 -12.77 -12.36 5.88
CA LEU B 81 -11.77 -11.53 6.53
C LEU B 81 -12.42 -10.77 7.69
N TYR B 82 -11.71 -10.72 8.81
CA TYR B 82 -12.16 -10.03 10.01
C TYR B 82 -11.26 -8.84 10.30
N GLY B 83 -11.84 -7.78 10.87
CA GLY B 83 -11.12 -6.59 11.23
C GLY B 83 -11.43 -5.39 10.36
N PHE B 84 -12.28 -5.54 9.34
CA PHE B 84 -12.65 -4.44 8.46
C PHE B 84 -14.15 -4.26 8.32
N GLY B 85 -14.94 -5.03 9.05
CA GLY B 85 -16.38 -4.92 9.02
C GLY B 85 -17.02 -6.28 9.15
N GLY B 86 -18.31 -6.34 8.85
CA GLY B 86 -19.06 -7.58 8.93
C GLY B 86 -20.56 -7.36 9.01
N THR C 3 -50.85 -15.75 -20.59
CA THR C 3 -49.96 -16.30 -19.52
C THR C 3 -48.67 -15.49 -19.45
N ARG C 4 -47.93 -15.65 -18.37
CA ARG C 4 -46.80 -14.78 -18.04
C ARG C 4 -45.47 -15.28 -18.57
N SER C 5 -45.43 -16.47 -19.17
CA SER C 5 -44.23 -16.96 -19.82
C SER C 5 -44.25 -16.70 -21.32
N SER C 6 -45.40 -16.91 -21.98
CA SER C 6 -45.48 -16.60 -23.40
C SER C 6 -45.17 -15.13 -23.67
N ARG C 7 -45.60 -14.25 -22.77
CA ARG C 7 -45.26 -12.83 -22.88
C ARG C 7 -43.75 -12.60 -22.88
N ALA C 8 -42.98 -13.51 -22.28
CA ALA C 8 -41.54 -13.39 -22.22
C ALA C 8 -40.82 -14.29 -23.21
N GLY C 9 -41.54 -15.17 -23.91
CA GLY C 9 -40.90 -16.09 -24.82
C GLY C 9 -40.02 -17.13 -24.16
N LEU C 10 -40.24 -17.41 -22.88
CA LEU C 10 -39.46 -18.39 -22.14
C LEU C 10 -40.28 -19.64 -21.94
N GLN C 11 -39.68 -20.80 -22.18
CA GLN C 11 -40.36 -22.07 -21.95
C GLN C 11 -40.49 -22.35 -20.45
N PHE C 12 -39.59 -21.80 -19.64
CA PHE C 12 -39.64 -22.00 -18.19
C PHE C 12 -40.76 -21.18 -17.57
N PRO C 13 -41.22 -21.58 -16.38
CA PRO C 13 -42.36 -20.89 -15.75
C PRO C 13 -41.95 -19.65 -14.96
N VAL C 14 -42.50 -18.50 -15.33
CA VAL C 14 -42.25 -17.29 -14.56
C VAL C 14 -43.07 -17.25 -13.27
N GLY C 15 -44.28 -17.80 -13.30
CA GLY C 15 -45.12 -17.76 -12.10
C GLY C 15 -44.58 -18.62 -10.98
N ARG C 16 -44.04 -19.80 -11.32
CA ARG C 16 -43.47 -20.66 -10.29
C ARG C 16 -42.23 -20.03 -9.68
N VAL C 17 -41.41 -19.37 -10.50
CA VAL C 17 -40.25 -18.66 -10.00
C VAL C 17 -40.67 -17.52 -9.07
N HIS C 18 -41.72 -16.78 -9.47
CA HIS C 18 -42.22 -15.72 -8.62
C HIS C 18 -42.70 -16.26 -7.28
N ARG C 19 -43.45 -17.37 -7.32
CA ARG C 19 -43.96 -17.98 -6.10
C ARG C 19 -42.82 -18.44 -5.19
N LEU C 20 -41.79 -19.06 -5.77
CA LEU C 20 -40.67 -19.53 -4.95
C LEU C 20 -39.88 -18.36 -4.38
N LEU C 21 -39.72 -17.29 -5.15
CA LEU C 21 -39.03 -16.12 -4.64
C LEU C 21 -39.77 -15.52 -3.46
N ARG C 22 -41.11 -15.46 -3.55
CA ARG C 22 -41.87 -14.90 -2.44
C ARG C 22 -41.88 -15.82 -1.23
N LYS C 23 -42.22 -17.09 -1.43
CA LYS C 23 -42.20 -18.08 -0.35
C LYS C 23 -40.84 -18.75 -0.24
N GLY C 24 -39.80 -17.93 -0.14
CA GLY C 24 -38.45 -18.44 -0.05
C GLY C 24 -37.62 -17.74 1.01
N ASN C 25 -38.20 -16.73 1.65
CA ASN C 25 -37.51 -15.96 2.69
C ASN C 25 -36.24 -15.32 2.13
N TYR C 26 -36.35 -14.74 0.93
CA TYR C 26 -35.23 -14.07 0.28
C TYR C 26 -35.27 -12.56 0.47
N ALA C 27 -36.44 -11.95 0.31
CA ALA C 27 -36.59 -10.52 0.49
C ALA C 27 -38.03 -10.22 0.89
N GLU C 28 -38.23 -9.01 1.44
CA GLU C 28 -39.56 -8.64 1.91
C GLU C 28 -40.55 -8.57 0.75
N ARG C 29 -40.11 -8.08 -0.41
CA ARG C 29 -40.94 -8.04 -1.59
C ARG C 29 -40.08 -8.36 -2.80
N VAL C 30 -40.73 -8.76 -3.90
CA VAL C 30 -40.05 -9.31 -5.07
C VAL C 30 -40.53 -8.57 -6.30
N GLY C 31 -39.58 -8.10 -7.12
CA GLY C 31 -39.94 -7.31 -8.28
C GLY C 31 -40.57 -8.13 -9.39
N ALA C 32 -41.37 -7.44 -10.20
CA ALA C 32 -42.03 -8.08 -11.34
C ALA C 32 -41.02 -8.68 -12.30
N GLY C 33 -39.92 -7.98 -12.56
CA GLY C 33 -38.97 -8.40 -13.58
C GLY C 33 -37.97 -9.45 -13.13
N ALA C 34 -37.76 -9.58 -11.83
CA ALA C 34 -36.82 -10.54 -11.29
C ALA C 34 -37.12 -11.96 -11.75
N PRO C 35 -38.34 -12.46 -11.58
CA PRO C 35 -38.60 -13.85 -11.97
C PRO C 35 -38.37 -14.13 -13.45
N VAL C 36 -38.69 -13.17 -14.33
CA VAL C 36 -38.45 -13.38 -15.75
C VAL C 36 -36.95 -13.52 -16.02
N TYR C 37 -36.14 -12.65 -15.42
CA TYR C 37 -34.70 -12.73 -15.58
C TYR C 37 -34.18 -14.09 -15.10
N LEU C 38 -34.61 -14.50 -13.91
CA LEU C 38 -34.14 -15.78 -13.36
C LEU C 38 -34.55 -16.95 -14.24
N ALA C 39 -35.80 -16.94 -14.72
CA ALA C 39 -36.27 -18.01 -15.60
C ALA C 39 -35.46 -18.06 -16.88
N ALA C 40 -35.17 -16.90 -17.47
CA ALA C 40 -34.35 -16.86 -18.68
C ALA C 40 -32.97 -17.44 -18.42
N VAL C 41 -32.35 -17.06 -17.31
CA VAL C 41 -31.01 -17.56 -17.00
C VAL C 41 -31.03 -19.06 -16.84
N LEU C 42 -32.01 -19.58 -16.08
CA LEU C 42 -32.11 -21.02 -15.87
C LEU C 42 -32.33 -21.75 -17.20
N GLU C 43 -33.22 -21.21 -18.04
CA GLU C 43 -33.46 -21.83 -19.34
C GLU C 43 -32.19 -21.87 -20.18
N TYR C 44 -31.43 -20.78 -20.17
CA TYR C 44 -30.18 -20.77 -20.94
C TYR C 44 -29.21 -21.82 -20.43
N LEU C 45 -29.04 -21.91 -19.12
CA LEU C 45 -28.12 -22.90 -18.57
C LEU C 45 -28.55 -24.31 -18.92
N THR C 46 -29.85 -24.60 -18.78
CA THR C 46 -30.37 -25.91 -19.11
C THR C 46 -30.16 -26.21 -20.59
N ALA C 47 -30.40 -25.23 -21.46
CA ALA C 47 -30.22 -25.43 -22.89
C ALA C 47 -28.77 -25.76 -23.21
N GLU C 48 -27.82 -25.03 -22.61
CA GLU C 48 -26.42 -25.30 -22.85
C GLU C 48 -26.05 -26.71 -22.41
N ILE C 49 -26.44 -27.08 -21.19
CA ILE C 49 -26.09 -28.40 -20.68
C ILE C 49 -26.70 -29.48 -21.56
N LEU C 50 -27.96 -29.32 -21.94
CA LEU C 50 -28.63 -30.34 -22.74
C LEU C 50 -28.03 -30.45 -24.12
N GLU C 51 -27.62 -29.33 -24.71
CA GLU C 51 -26.97 -29.38 -26.02
C GLU C 51 -25.67 -30.16 -25.95
N LEU C 52 -24.85 -29.87 -24.92
CA LEU C 52 -23.60 -30.61 -24.78
C LEU C 52 -23.86 -32.08 -24.49
N ALA C 53 -24.86 -32.39 -23.68
CA ALA C 53 -25.19 -33.78 -23.37
C ALA C 53 -25.65 -34.53 -24.61
N GLY C 54 -26.49 -33.90 -25.43
CA GLY C 54 -26.92 -34.53 -26.66
C GLY C 54 -25.77 -34.75 -27.63
N ASN C 55 -24.86 -33.79 -27.71
CA ASN C 55 -23.66 -34.00 -28.52
C ASN C 55 -22.89 -35.21 -28.03
N ALA C 56 -22.70 -35.31 -26.71
CA ALA C 56 -21.99 -36.47 -26.16
C ALA C 56 -22.72 -37.77 -26.49
N ALA C 57 -24.04 -37.77 -26.36
CA ALA C 57 -24.81 -38.98 -26.64
C ALA C 57 -24.66 -39.39 -28.10
N ARG C 58 -24.75 -38.42 -29.02
CA ARG C 58 -24.45 -38.71 -30.42
C ARG C 58 -23.07 -39.34 -30.56
N ASP C 59 -22.08 -38.80 -29.84
CA ASP C 59 -20.74 -39.36 -29.88
C ASP C 59 -20.68 -40.78 -29.34
N ASN C 60 -21.70 -41.22 -28.61
CA ASN C 60 -21.76 -42.58 -28.07
C ASN C 60 -22.76 -43.46 -28.81
N LYS C 61 -23.43 -42.93 -29.82
CA LYS C 61 -24.41 -43.64 -30.64
C LYS C 61 -25.69 -44.00 -29.88
N LYS C 62 -25.82 -43.55 -28.64
CA LYS C 62 -27.10 -43.65 -27.95
C LYS C 62 -28.03 -42.54 -28.42
N THR C 63 -29.28 -42.58 -27.95
CA THR C 63 -30.24 -41.53 -28.25
C THR C 63 -31.07 -41.16 -27.03
N ARG C 64 -30.52 -41.38 -25.83
CA ARG C 64 -31.22 -41.09 -24.58
C ARG C 64 -30.19 -40.60 -23.58
N ILE C 65 -30.35 -39.37 -23.10
CA ILE C 65 -29.37 -38.79 -22.20
C ILE C 65 -29.40 -39.54 -20.88
N ILE C 66 -28.21 -39.94 -20.40
CA ILE C 66 -28.08 -40.58 -19.10
C ILE C 66 -26.95 -39.88 -18.34
N PRO C 67 -26.89 -40.07 -17.02
CA PRO C 67 -25.95 -39.26 -16.21
C PRO C 67 -24.52 -39.25 -16.74
N ARG C 68 -24.04 -40.34 -17.34
CA ARG C 68 -22.71 -40.33 -17.95
C ARG C 68 -22.56 -39.16 -18.90
N HIS C 69 -23.56 -38.96 -19.77
CA HIS C 69 -23.48 -37.89 -20.77
C HIS C 69 -23.40 -36.53 -20.09
N LEU C 70 -24.25 -36.29 -19.08
CA LEU C 70 -24.21 -35.02 -18.38
C LEU C 70 -22.86 -34.79 -17.73
N GLN C 71 -22.30 -35.82 -17.09
CA GLN C 71 -21.00 -35.69 -16.47
C GLN C 71 -19.94 -35.33 -17.51
N LEU C 72 -19.93 -36.04 -18.63
CA LEU C 72 -18.96 -35.76 -19.68
C LEU C 72 -19.09 -34.32 -20.17
N ALA C 73 -20.32 -33.89 -20.45
CA ALA C 73 -20.54 -32.52 -20.92
C ALA C 73 -20.02 -31.51 -19.91
N VAL C 74 -20.37 -31.69 -18.64
CA VAL C 74 -20.00 -30.72 -17.62
C VAL C 74 -18.48 -30.66 -17.47
N ARG C 75 -17.83 -31.82 -17.38
CA ARG C 75 -16.41 -31.84 -17.09
C ARG C 75 -15.55 -31.51 -18.31
N ASN C 76 -16.11 -31.60 -19.52
CA ASN C 76 -15.38 -31.21 -20.72
C ASN C 76 -15.56 -29.74 -21.08
N ASP C 77 -16.39 -29.01 -20.34
CA ASP C 77 -16.56 -27.57 -20.53
C ASP C 77 -15.99 -26.87 -19.29
N GLU C 78 -15.04 -25.96 -19.51
CA GLU C 78 -14.36 -25.32 -18.39
C GLU C 78 -15.34 -24.47 -17.57
N GLU C 79 -16.19 -23.70 -18.24
CA GLU C 79 -17.12 -22.84 -17.51
C GLU C 79 -18.11 -23.65 -16.70
N LEU C 80 -18.72 -24.66 -17.32
CA LEU C 80 -19.67 -25.50 -16.59
C LEU C 80 -18.98 -26.27 -15.47
N ASN C 81 -17.77 -26.77 -15.73
CA ASN C 81 -17.02 -27.46 -14.69
C ASN C 81 -16.73 -26.53 -13.51
N LYS C 82 -16.45 -25.25 -13.79
CA LYS C 82 -16.18 -24.31 -12.72
C LYS C 82 -17.45 -23.98 -11.95
N LEU C 83 -18.59 -23.89 -12.64
CA LEU C 83 -19.85 -23.64 -11.95
C LEU C 83 -20.20 -24.78 -11.01
N LEU C 84 -19.94 -26.02 -11.43
CA LEU C 84 -20.33 -27.21 -10.68
C LEU C 84 -19.11 -27.94 -10.13
N GLY C 85 -18.13 -27.17 -9.63
CA GLY C 85 -16.91 -27.79 -9.15
C GLY C 85 -17.13 -28.69 -7.94
N ARG C 86 -17.98 -28.25 -7.01
CA ARG C 86 -18.24 -28.99 -5.78
C ARG C 86 -19.37 -29.99 -5.93
N VAL C 87 -19.90 -30.17 -7.15
CA VAL C 87 -21.07 -31.02 -7.38
C VAL C 87 -20.60 -32.37 -7.89
N THR C 88 -21.16 -33.44 -7.33
CA THR C 88 -20.93 -34.80 -7.77
C THR C 88 -22.22 -35.35 -8.37
N ILE C 89 -22.13 -35.91 -9.57
CA ILE C 89 -23.29 -36.40 -10.31
C ILE C 89 -23.35 -37.92 -10.17
N ALA C 90 -24.50 -38.41 -9.70
CA ALA C 90 -24.69 -39.85 -9.56
C ALA C 90 -24.57 -40.53 -10.92
N GLN C 91 -23.86 -41.66 -10.95
CA GLN C 91 -23.65 -42.44 -12.16
C GLN C 91 -22.87 -41.67 -13.22
N GLY C 92 -22.18 -40.60 -12.82
CA GLY C 92 -21.44 -39.80 -13.77
C GLY C 92 -20.09 -40.36 -14.14
N GLY C 93 -19.50 -41.18 -13.27
CA GLY C 93 -18.17 -41.71 -13.55
C GLY C 93 -17.12 -40.62 -13.50
N VAL C 94 -16.05 -40.83 -14.26
CA VAL C 94 -14.93 -39.91 -14.30
C VAL C 94 -14.50 -39.70 -15.74
N LEU C 95 -13.86 -38.57 -16.01
CA LEU C 95 -13.29 -38.31 -17.32
C LEU C 95 -12.08 -39.23 -17.54
N PRO C 96 -12.05 -40.02 -18.61
CA PRO C 96 -10.84 -40.82 -18.89
C PRO C 96 -9.57 -39.97 -18.87
N ASN C 97 -8.67 -40.27 -17.94
CA ASN C 97 -7.44 -39.50 -17.79
C ASN C 97 -6.39 -40.42 -17.18
N ILE C 98 -5.40 -40.80 -17.97
CA ILE C 98 -4.28 -41.62 -17.50
C ILE C 98 -3.01 -40.77 -17.60
N GLN C 99 -2.34 -40.58 -16.47
CA GLN C 99 -1.12 -39.77 -16.45
C GLN C 99 -0.04 -40.40 -17.32
N SER C 100 0.73 -39.54 -17.99
CA SER C 100 1.74 -40.01 -18.93
C SER C 100 2.80 -40.85 -18.24
N VAL C 101 3.27 -40.40 -17.08
CA VAL C 101 4.36 -41.10 -16.40
C VAL C 101 4.02 -42.55 -16.13
N LEU C 102 2.74 -42.87 -16.02
CA LEU C 102 2.34 -44.26 -15.79
C LEU C 102 2.33 -45.08 -17.07
N LEU C 103 2.27 -44.44 -18.23
CA LEU C 103 2.25 -45.17 -19.49
C LEU C 103 3.63 -45.74 -19.80
N PRO C 104 3.68 -46.82 -20.58
CA PRO C 104 4.98 -47.43 -20.91
C PRO C 104 5.79 -46.58 -21.87
N LYS C 105 7.08 -46.88 -21.94
CA LYS C 105 7.98 -46.23 -22.88
C LYS C 105 7.68 -46.69 -24.30
N LYS D 1 -52.42 -39.04 -3.49
CA LYS D 1 -50.99 -38.58 -3.36
C LYS D 1 -50.89 -37.08 -3.56
N THR D 2 -50.16 -36.41 -2.66
CA THR D 2 -49.89 -34.98 -2.83
C THR D 2 -48.95 -34.78 -4.00
N ARG D 3 -48.77 -33.52 -4.39
CA ARG D 3 -48.11 -33.16 -5.64
C ARG D 3 -46.69 -32.70 -5.37
N LYS D 4 -45.74 -33.29 -6.09
CA LYS D 4 -44.35 -32.83 -6.09
C LYS D 4 -44.07 -32.10 -7.40
N GLU D 5 -43.80 -30.80 -7.29
CA GLU D 5 -43.51 -30.01 -8.47
C GLU D 5 -42.11 -30.33 -8.99
N SER D 6 -41.93 -30.14 -10.29
CA SER D 6 -40.64 -30.39 -10.92
C SER D 6 -40.57 -29.60 -12.21
N TYR D 7 -39.36 -29.52 -12.76
CA TYR D 7 -39.10 -28.85 -14.02
C TYR D 7 -39.05 -29.84 -15.18
N ALA D 8 -39.54 -31.06 -14.98
CA ALA D 8 -39.43 -32.09 -16.01
C ALA D 8 -40.06 -31.62 -17.33
N ILE D 9 -41.28 -31.09 -17.26
CA ILE D 9 -41.97 -30.70 -18.48
C ILE D 9 -41.28 -29.54 -19.17
N TYR D 10 -40.44 -28.78 -18.45
CA TYR D 10 -39.74 -27.64 -19.02
C TYR D 10 -38.38 -28.06 -19.58
N VAL D 11 -37.62 -28.85 -18.81
CA VAL D 11 -36.38 -29.41 -19.32
C VAL D 11 -36.64 -30.20 -20.59
N TYR D 12 -37.77 -30.89 -20.65
CA TYR D 12 -38.08 -31.70 -21.82
C TYR D 12 -38.35 -30.82 -23.03
N LYS D 13 -39.09 -29.72 -22.84
CA LYS D 13 -39.30 -28.79 -23.95
C LYS D 13 -37.99 -28.19 -24.42
N VAL D 14 -37.09 -27.86 -23.49
CA VAL D 14 -35.79 -27.32 -23.88
C VAL D 14 -35.01 -28.35 -24.69
N LEU D 15 -35.03 -29.61 -24.23
CA LEU D 15 -34.35 -30.68 -24.96
C LEU D 15 -34.93 -30.85 -26.35
N LYS D 16 -36.25 -30.85 -26.48
CA LYS D 16 -36.91 -31.00 -27.76
C LYS D 16 -36.78 -29.76 -28.63
N GLN D 17 -36.25 -28.66 -28.07
CA GLN D 17 -35.92 -27.49 -28.86
C GLN D 17 -34.46 -27.44 -29.28
N VAL D 18 -33.57 -28.08 -28.52
CA VAL D 18 -32.17 -28.16 -28.92
C VAL D 18 -31.86 -29.47 -29.64
N HIS D 19 -32.62 -30.53 -29.38
CA HIS D 19 -32.39 -31.84 -29.99
C HIS D 19 -33.72 -32.56 -30.13
N PRO D 20 -34.45 -32.29 -31.21
CA PRO D 20 -35.79 -32.89 -31.35
C PRO D 20 -35.81 -34.40 -31.29
N ASP D 21 -34.81 -35.07 -31.86
CA ASP D 21 -34.80 -36.53 -31.96
C ASP D 21 -34.09 -37.19 -30.78
N THR D 22 -34.08 -36.55 -29.62
CA THR D 22 -33.36 -37.04 -28.45
C THR D 22 -34.32 -37.16 -27.27
N GLY D 23 -33.94 -38.02 -26.33
CA GLY D 23 -34.72 -38.22 -25.12
C GLY D 23 -33.82 -38.21 -23.90
N ILE D 24 -34.46 -38.21 -22.74
CA ILE D 24 -33.75 -38.10 -21.46
C ILE D 24 -34.36 -39.09 -20.49
N SER D 25 -33.51 -39.84 -19.79
CA SER D 25 -33.96 -40.88 -18.89
C SER D 25 -34.39 -40.28 -17.55
N SER D 26 -34.95 -41.14 -16.70
CA SER D 26 -35.54 -40.69 -15.45
C SER D 26 -34.51 -40.14 -14.47
N LYS D 27 -33.25 -40.58 -14.56
CA LYS D 27 -32.22 -40.10 -13.65
C LYS D 27 -31.54 -38.83 -14.15
N ALA D 28 -31.28 -38.75 -15.45
CA ALA D 28 -30.78 -37.50 -16.02
C ALA D 28 -31.74 -36.36 -15.76
N MET D 29 -33.04 -36.64 -15.83
CA MET D 29 -34.04 -35.62 -15.52
C MET D 29 -33.93 -35.17 -14.07
N SER D 30 -33.76 -36.12 -13.15
CA SER D 30 -33.58 -35.76 -11.74
C SER D 30 -32.34 -34.90 -11.55
N ILE D 31 -31.26 -35.25 -12.24
CA ILE D 31 -30.03 -34.46 -12.16
C ILE D 31 -30.29 -33.03 -12.65
N MET D 32 -30.99 -32.90 -13.78
CA MET D 32 -31.29 -31.58 -14.31
C MET D 32 -32.15 -30.78 -13.35
N ASN D 33 -33.16 -31.42 -12.75
CA ASN D 33 -34.01 -30.74 -11.79
C ASN D 33 -33.21 -30.25 -10.60
N SER D 34 -32.31 -31.09 -10.09
CA SER D 34 -31.44 -30.68 -8.98
C SER D 34 -30.56 -29.50 -9.38
N PHE D 35 -30.02 -29.53 -10.60
CA PHE D 35 -29.19 -28.43 -11.07
C PHE D 35 -29.98 -27.13 -11.12
N VAL D 36 -31.20 -27.19 -11.66
CA VAL D 36 -32.04 -26.00 -11.71
C VAL D 36 -32.30 -25.48 -10.31
N ASN D 37 -32.65 -26.37 -9.38
CA ASN D 37 -32.91 -25.96 -8.01
C ASN D 37 -31.69 -25.28 -7.40
N ASP D 38 -30.51 -25.86 -7.62
CA ASP D 38 -29.30 -25.30 -7.02
C ASP D 38 -28.99 -23.93 -7.58
N VAL D 39 -29.09 -23.77 -8.91
CA VAL D 39 -28.84 -22.46 -9.50
C VAL D 39 -29.85 -21.45 -8.99
N PHE D 40 -31.12 -21.83 -8.92
CA PHE D 40 -32.15 -20.96 -8.36
C PHE D 40 -31.77 -20.50 -6.96
N GLU D 41 -31.43 -21.46 -6.10
CA GLU D 41 -31.15 -21.12 -4.71
C GLU D 41 -29.94 -20.20 -4.59
N ARG D 42 -28.88 -20.47 -5.36
CA ARG D 42 -27.68 -19.64 -5.26
C ARG D 42 -27.94 -18.23 -5.78
N ILE D 43 -28.63 -18.11 -6.92
CA ILE D 43 -28.96 -16.78 -7.45
C ILE D 43 -29.85 -16.02 -6.47
N ALA D 44 -30.84 -16.70 -5.90
CA ALA D 44 -31.74 -16.06 -4.96
C ALA D 44 -30.99 -15.59 -3.72
N GLY D 45 -30.08 -16.41 -3.21
CA GLY D 45 -29.30 -16.00 -2.05
C GLY D 45 -28.40 -14.82 -2.36
N GLU D 46 -27.79 -14.81 -3.54
CA GLU D 46 -26.99 -13.66 -3.96
C GLU D 46 -27.86 -12.39 -4.00
N ALA D 47 -29.05 -12.50 -4.59
CA ALA D 47 -29.94 -11.36 -4.67
C ALA D 47 -30.33 -10.87 -3.29
N SER D 48 -30.68 -11.80 -2.39
CA SER D 48 -31.07 -11.41 -1.05
C SER D 48 -29.92 -10.70 -0.32
N ARG D 49 -28.72 -11.26 -0.38
CA ARG D 49 -27.59 -10.65 0.31
C ARG D 49 -27.27 -9.29 -0.29
N LEU D 50 -27.33 -9.17 -1.61
CA LEU D 50 -27.14 -7.87 -2.24
C LEU D 50 -28.16 -6.86 -1.71
N ALA D 51 -29.42 -7.26 -1.62
CA ALA D 51 -30.46 -6.37 -1.10
C ALA D 51 -30.16 -5.96 0.34
N HIS D 52 -29.88 -6.93 1.20
CA HIS D 52 -29.63 -6.62 2.61
C HIS D 52 -28.41 -5.71 2.76
N TYR D 53 -27.34 -6.01 2.02
CA TYR D 53 -26.13 -5.18 2.11
C TYR D 53 -26.44 -3.74 1.72
N ASN D 54 -27.19 -3.55 0.64
CA ASN D 54 -27.55 -2.22 0.17
C ASN D 54 -28.77 -1.65 0.87
N LYS D 55 -29.22 -2.26 1.96
CA LYS D 55 -30.33 -1.78 2.76
C LYS D 55 -31.55 -1.51 1.89
N ARG D 56 -32.02 -2.55 1.22
CA ARG D 56 -33.18 -2.46 0.35
C ARG D 56 -34.07 -3.69 0.54
N SER D 57 -35.38 -3.50 0.38
CA SER D 57 -36.37 -4.53 0.68
C SER D 57 -36.84 -5.31 -0.54
N THR D 58 -36.36 -5.00 -1.74
CA THR D 58 -36.88 -5.62 -2.95
C THR D 58 -35.77 -6.37 -3.69
N ILE D 59 -36.14 -7.48 -4.32
CA ILE D 59 -35.24 -8.21 -5.21
C ILE D 59 -35.66 -7.83 -6.63
N THR D 60 -34.97 -6.83 -7.18
CA THR D 60 -35.26 -6.35 -8.52
C THR D 60 -34.53 -7.19 -9.57
N SER D 61 -34.87 -6.97 -10.83
CA SER D 61 -34.19 -7.66 -11.91
C SER D 61 -32.70 -7.35 -11.89
N ARG D 62 -32.34 -6.12 -11.50
CA ARG D 62 -30.94 -5.73 -11.42
C ARG D 62 -30.20 -6.55 -10.36
N GLU D 63 -30.89 -6.89 -9.28
CA GLU D 63 -30.31 -7.79 -8.28
C GLU D 63 -29.96 -9.13 -8.90
N ILE D 64 -30.88 -9.69 -9.68
CA ILE D 64 -30.60 -10.97 -10.35
C ILE D 64 -29.44 -10.81 -11.32
N GLN D 65 -29.38 -9.67 -12.00
CA GLN D 65 -28.29 -9.44 -12.95
C GLN D 65 -26.94 -9.46 -12.25
N THR D 66 -26.81 -8.69 -11.16
CA THR D 66 -25.55 -8.70 -10.42
C THR D 66 -25.24 -10.08 -9.85
N ALA D 67 -26.28 -10.79 -9.38
CA ALA D 67 -26.06 -12.14 -8.86
C ALA D 67 -25.50 -13.06 -9.95
N VAL D 68 -26.09 -13.01 -11.14
CA VAL D 68 -25.63 -13.85 -12.24
C VAL D 68 -24.20 -13.50 -12.60
N ARG D 69 -23.88 -12.21 -12.63
CA ARG D 69 -22.51 -11.80 -12.94
C ARG D 69 -21.53 -12.30 -11.88
N LEU D 70 -21.93 -12.25 -10.61
CA LEU D 70 -21.05 -12.70 -9.54
C LEU D 70 -20.85 -14.21 -9.58
N LEU D 71 -21.89 -14.97 -9.90
CA LEU D 71 -21.85 -16.41 -9.75
C LEU D 71 -21.27 -17.12 -10.99
N LEU D 72 -21.83 -16.86 -12.16
CA LEU D 72 -21.42 -17.60 -13.34
C LEU D 72 -20.07 -17.12 -13.86
N PRO D 73 -19.32 -17.98 -14.54
CA PRO D 73 -18.09 -17.54 -15.22
C PRO D 73 -18.38 -16.47 -16.26
N GLY D 74 -17.31 -15.95 -16.84
CA GLY D 74 -17.44 -14.76 -17.68
C GLY D 74 -18.35 -14.96 -18.87
N GLU D 75 -18.09 -15.99 -19.66
CA GLU D 75 -18.86 -16.16 -20.90
C GLU D 75 -20.29 -16.58 -20.59
N LEU D 76 -20.46 -17.53 -19.65
CA LEU D 76 -21.80 -17.90 -19.22
C LEU D 76 -22.53 -16.71 -18.62
N ALA D 77 -21.82 -15.91 -17.83
CA ALA D 77 -22.45 -14.73 -17.23
C ALA D 77 -22.93 -13.77 -18.32
N LYS D 78 -22.11 -13.52 -19.32
CA LYS D 78 -22.49 -12.61 -20.39
C LYS D 78 -23.71 -13.12 -21.14
N HIS D 79 -23.70 -14.39 -21.52
CA HIS D 79 -24.84 -14.93 -22.27
C HIS D 79 -26.10 -14.93 -21.42
N ALA D 80 -26.00 -15.29 -20.15
CA ALA D 80 -27.16 -15.28 -19.27
C ALA D 80 -27.71 -13.87 -19.10
N VAL D 81 -26.83 -12.89 -18.95
CA VAL D 81 -27.27 -11.50 -18.83
C VAL D 81 -27.98 -11.07 -20.09
N SER D 82 -27.44 -11.42 -21.25
CA SER D 82 -28.09 -11.03 -22.50
C SER D 82 -29.48 -11.65 -22.61
N GLU D 83 -29.60 -12.94 -22.29
CA GLU D 83 -30.90 -13.59 -22.38
C GLU D 83 -31.89 -13.00 -21.37
N GLY D 84 -31.44 -12.72 -20.15
CA GLY D 84 -32.31 -12.10 -19.18
C GLY D 84 -32.78 -10.73 -19.60
N THR D 85 -31.88 -9.93 -20.17
CA THR D 85 -32.26 -8.61 -20.67
C THR D 85 -33.30 -8.73 -21.77
N LYS D 86 -33.08 -9.67 -22.71
CA LYS D 86 -34.06 -9.87 -23.77
C LYS D 86 -35.42 -10.26 -23.21
N ALA D 87 -35.43 -11.20 -22.26
CA ALA D 87 -36.69 -11.65 -21.68
C ALA D 87 -37.42 -10.51 -20.98
N VAL D 88 -36.69 -9.70 -20.21
CA VAL D 88 -37.29 -8.57 -19.51
C VAL D 88 -37.84 -7.57 -20.52
N THR D 89 -37.08 -7.29 -21.58
CA THR D 89 -37.55 -6.36 -22.60
C THR D 89 -38.84 -6.84 -23.23
N LYS D 90 -38.90 -8.12 -23.61
CA LYS D 90 -40.12 -8.65 -24.20
C LYS D 90 -41.28 -8.60 -23.23
N TYR D 91 -41.03 -8.95 -21.96
CA TYR D 91 -42.09 -8.91 -20.96
C TYR D 91 -42.65 -7.49 -20.81
N THR D 92 -41.77 -6.50 -20.76
CA THR D 92 -42.21 -5.12 -20.64
C THR D 92 -42.87 -4.61 -21.92
N SER D 93 -42.56 -5.21 -23.07
CA SER D 93 -43.17 -4.77 -24.32
C SER D 93 -44.69 -4.95 -24.28
N ALA D 94 -45.15 -6.07 -23.77
CA ALA D 94 -46.59 -6.35 -23.67
C ALA D 94 -47.16 -5.72 -22.39
N LYS D 95 -47.04 -4.39 -22.33
CA LYS D 95 -47.53 -3.63 -21.19
C LYS D 95 -48.56 -2.60 -21.63
N HIS E 40 0.49 -64.38 -22.81
CA HIS E 40 0.58 -65.56 -21.88
C HIS E 40 0.50 -65.04 -20.44
N ARG E 41 1.62 -64.55 -19.91
CA ARG E 41 1.66 -63.84 -18.64
C ARG E 41 2.08 -62.41 -18.92
N TYR E 42 1.16 -61.47 -18.75
CA TYR E 42 1.45 -60.08 -19.06
C TYR E 42 2.46 -59.49 -18.10
N ARG E 43 3.29 -58.58 -18.61
CA ARG E 43 4.24 -57.90 -17.77
C ARG E 43 3.50 -57.01 -16.77
N PRO E 44 3.98 -56.93 -15.52
CA PRO E 44 3.32 -56.04 -14.55
C PRO E 44 3.04 -54.67 -15.10
N GLY E 45 1.77 -54.26 -15.10
CA GLY E 45 1.38 -52.95 -15.54
C GLY E 45 0.30 -52.97 -16.61
N THR E 46 0.38 -53.95 -17.52
CA THR E 46 -0.59 -54.02 -18.60
C THR E 46 -2.00 -54.20 -18.07
N VAL E 47 -2.19 -55.15 -17.15
CA VAL E 47 -3.52 -55.39 -16.62
C VAL E 47 -3.97 -54.23 -15.76
N ALA E 48 -3.03 -53.52 -15.12
CA ALA E 48 -3.40 -52.35 -14.34
C ALA E 48 -4.01 -51.28 -15.24
N LEU E 49 -3.37 -50.99 -16.36
CA LEU E 49 -3.94 -50.04 -17.31
C LEU E 49 -5.25 -50.55 -17.89
N ARG E 50 -5.34 -51.86 -18.12
CA ARG E 50 -6.61 -52.42 -18.60
C ARG E 50 -7.74 -52.14 -17.62
N GLU E 51 -7.48 -52.37 -16.33
CA GLU E 51 -8.49 -52.07 -15.31
C GLU E 51 -8.80 -50.59 -15.25
N ILE E 52 -7.77 -49.74 -15.38
CA ILE E 52 -7.98 -48.30 -15.36
C ILE E 52 -8.95 -47.92 -16.47
N ARG E 53 -8.70 -48.42 -17.68
CA ARG E 53 -9.58 -48.10 -18.79
C ARG E 53 -10.98 -48.67 -18.59
N ARG E 54 -11.08 -49.90 -18.07
CA ARG E 54 -12.38 -50.50 -17.84
C ARG E 54 -13.21 -49.66 -16.89
N TYR E 55 -12.62 -49.22 -15.77
CA TYR E 55 -13.38 -48.58 -14.72
C TYR E 55 -13.60 -47.09 -14.95
N GLN E 56 -12.63 -46.39 -15.55
CA GLN E 56 -12.87 -44.99 -15.88
C GLN E 56 -13.97 -44.86 -16.91
N LYS E 57 -14.01 -45.77 -17.89
CA LYS E 57 -15.06 -45.74 -18.89
C LYS E 57 -16.44 -46.00 -18.29
N SER E 58 -16.53 -46.94 -17.37
CA SER E 58 -17.82 -47.37 -16.83
C SER E 58 -18.31 -46.42 -15.75
N THR E 59 -19.53 -46.67 -15.29
CA THR E 59 -20.19 -45.82 -14.29
C THR E 59 -20.72 -46.58 -13.08
N GLU E 60 -20.67 -47.91 -13.08
CA GLU E 60 -21.32 -48.67 -12.02
C GLU E 60 -20.63 -48.46 -10.68
N LEU E 61 -21.35 -48.81 -9.62
CA LEU E 61 -20.80 -48.73 -8.27
C LEU E 61 -19.75 -49.82 -8.07
N LEU E 62 -18.61 -49.43 -7.49
CA LEU E 62 -17.49 -50.35 -7.35
C LEU E 62 -17.53 -51.14 -6.05
N ILE E 63 -18.09 -50.58 -4.98
CA ILE E 63 -18.15 -51.25 -3.69
C ILE E 63 -19.39 -52.13 -3.63
N ARG E 64 -19.28 -53.28 -2.97
CA ARG E 64 -20.42 -54.15 -2.78
C ARG E 64 -21.46 -53.47 -1.90
N LYS E 65 -22.72 -53.54 -2.33
CA LYS E 65 -23.76 -52.72 -1.70
C LYS E 65 -24.02 -53.13 -0.26
N LEU E 66 -24.04 -54.44 0.01
CA LEU E 66 -24.49 -54.91 1.31
C LEU E 66 -23.47 -54.60 2.41
N PRO E 67 -22.18 -54.82 2.18
CA PRO E 67 -21.19 -54.36 3.17
C PRO E 67 -21.29 -52.87 3.45
N PHE E 68 -21.53 -52.04 2.42
CA PHE E 68 -21.68 -50.60 2.64
C PHE E 68 -22.91 -50.31 3.49
N GLN E 69 -24.02 -51.00 3.22
CA GLN E 69 -25.20 -50.83 4.05
C GLN E 69 -24.89 -51.18 5.50
N ARG E 70 -24.15 -52.26 5.71
CA ARG E 70 -23.81 -52.65 7.08
C ARG E 70 -22.92 -51.61 7.75
N LEU E 71 -21.93 -51.09 7.03
CA LEU E 71 -21.06 -50.07 7.58
C LEU E 71 -21.86 -48.81 7.95
N VAL E 72 -22.75 -48.38 7.07
CA VAL E 72 -23.55 -47.18 7.35
C VAL E 72 -24.39 -47.39 8.58
N ARG E 73 -25.05 -48.56 8.67
CA ARG E 73 -25.89 -48.83 9.83
C ARG E 73 -25.07 -48.88 11.11
N GLU E 74 -23.89 -49.48 11.07
CA GLU E 74 -23.05 -49.53 12.26
C GLU E 74 -22.62 -48.13 12.69
N ILE E 75 -22.22 -47.29 11.73
CA ILE E 75 -21.82 -45.93 12.07
C ILE E 75 -22.98 -45.17 12.69
N ALA E 76 -24.17 -45.30 12.09
CA ALA E 76 -25.33 -44.60 12.61
C ALA E 76 -25.74 -45.13 13.99
N GLN E 77 -25.43 -46.39 14.28
CA GLN E 77 -25.88 -46.98 15.55
C GLN E 77 -25.37 -46.17 16.75
N ASP E 78 -24.16 -45.62 16.65
CA ASP E 78 -23.59 -44.89 17.78
C ASP E 78 -24.38 -43.62 18.10
N PHE E 79 -25.20 -43.13 17.17
CA PHE E 79 -25.92 -41.87 17.34
C PHE E 79 -27.35 -42.08 17.82
N LYS E 80 -28.08 -43.02 17.24
CA LYS E 80 -29.45 -43.27 17.64
C LYS E 80 -29.82 -44.70 17.29
N THR E 81 -30.30 -45.45 18.26
CA THR E 81 -30.73 -46.82 18.02
C THR E 81 -32.04 -46.85 17.25
N ASP E 82 -32.30 -48.00 16.62
CA ASP E 82 -33.54 -48.29 15.90
C ASP E 82 -33.68 -47.48 14.62
N LEU E 83 -32.63 -46.82 14.18
CA LEU E 83 -32.71 -46.00 12.97
C LEU E 83 -33.04 -46.86 11.76
N ARG E 84 -33.83 -46.29 10.86
CA ARG E 84 -34.16 -46.90 9.59
C ARG E 84 -33.58 -46.06 8.46
N PHE E 85 -33.20 -46.73 7.37
CA PHE E 85 -32.62 -46.05 6.22
C PHE E 85 -33.44 -46.37 4.97
N GLN E 86 -33.80 -45.33 4.23
CA GLN E 86 -34.34 -45.54 2.89
C GLN E 86 -33.24 -46.07 1.99
N SER E 87 -33.63 -46.90 1.01
CA SER E 87 -32.66 -47.43 0.08
C SER E 87 -31.95 -46.30 -0.67
N SER E 88 -32.72 -45.27 -1.05
CA SER E 88 -32.11 -44.11 -1.71
C SER E 88 -31.06 -43.46 -0.83
N ALA E 89 -31.28 -43.45 0.48
CA ALA E 89 -30.28 -42.87 1.39
C ALA E 89 -28.96 -43.64 1.31
N VAL E 90 -29.03 -44.96 1.39
CA VAL E 90 -27.83 -45.78 1.31
C VAL E 90 -27.14 -45.58 -0.03
N MET E 91 -27.91 -45.57 -1.12
CA MET E 91 -27.32 -45.38 -2.44
C MET E 91 -26.65 -44.03 -2.55
N ALA E 92 -27.28 -42.98 -2.01
CA ALA E 92 -26.68 -41.65 -2.04
C ALA E 92 -25.37 -41.63 -1.27
N LEU E 93 -25.35 -42.23 -0.07
CA LEU E 93 -24.12 -42.29 0.70
C LEU E 93 -23.04 -43.03 -0.09
N GLN E 94 -23.40 -44.13 -0.74
CA GLN E 94 -22.43 -44.89 -1.50
C GLN E 94 -21.86 -44.06 -2.65
N GLU E 95 -22.73 -43.37 -3.39
CA GLU E 95 -22.27 -42.52 -4.48
C GLU E 95 -21.31 -41.45 -3.97
N ALA E 96 -21.69 -40.77 -2.89
CA ALA E 96 -20.85 -39.70 -2.35
C ALA E 96 -19.51 -40.26 -1.88
N SER E 97 -19.52 -41.40 -1.20
CA SER E 97 -18.27 -41.98 -0.72
C SER E 97 -17.38 -42.39 -1.87
N GLU E 98 -17.94 -43.01 -2.91
CA GLU E 98 -17.13 -43.40 -4.06
C GLU E 98 -16.52 -42.19 -4.74
N ALA E 99 -17.32 -41.13 -4.94
CA ALA E 99 -16.78 -39.93 -5.56
C ALA E 99 -15.66 -39.33 -4.73
N TYR E 100 -15.86 -39.24 -3.41
CA TYR E 100 -14.83 -38.69 -2.55
C TYR E 100 -13.55 -39.51 -2.61
N LEU E 101 -13.68 -40.84 -2.55
CA LEU E 101 -12.51 -41.70 -2.58
C LEU E 101 -11.78 -41.58 -3.91
N VAL E 102 -12.53 -41.51 -5.02
CA VAL E 102 -11.89 -41.38 -6.33
C VAL E 102 -11.12 -40.06 -6.42
N ALA E 103 -11.72 -38.97 -5.94
CA ALA E 103 -11.01 -37.70 -5.97
C ALA E 103 -9.75 -37.75 -5.10
N LEU E 104 -9.87 -38.35 -3.91
CA LEU E 104 -8.71 -38.48 -3.03
C LEU E 104 -7.62 -39.31 -3.68
N PHE E 105 -8.02 -40.36 -4.42
CA PHE E 105 -7.04 -41.19 -5.10
C PHE E 105 -6.35 -40.44 -6.23
N GLU E 106 -7.10 -39.61 -6.96
CA GLU E 106 -6.47 -38.76 -7.97
C GLU E 106 -5.42 -37.85 -7.34
N ASP E 107 -5.78 -37.21 -6.23
CA ASP E 107 -4.82 -36.35 -5.56
C ASP E 107 -3.62 -37.14 -5.05
N THR E 108 -3.86 -38.34 -4.52
CA THR E 108 -2.78 -39.20 -4.06
C THR E 108 -1.84 -39.55 -5.22
N ASN E 109 -2.41 -39.87 -6.37
CA ASN E 109 -1.60 -40.20 -7.54
C ASN E 109 -0.74 -39.01 -7.95
N LEU E 110 -1.33 -37.81 -7.94
CA LEU E 110 -0.54 -36.62 -8.25
C LEU E 110 0.60 -36.45 -7.25
N ALA E 111 0.31 -36.65 -5.96
CA ALA E 111 1.35 -36.52 -4.95
C ALA E 111 2.48 -37.53 -5.18
N ALA E 112 2.12 -38.77 -5.49
CA ALA E 112 3.13 -39.80 -5.73
C ALA E 112 4.05 -39.42 -6.89
N ILE E 113 3.46 -38.97 -7.99
CA ILE E 113 4.26 -38.57 -9.15
C ILE E 113 5.20 -37.44 -8.76
N HIS E 114 4.78 -36.59 -7.82
CA HIS E 114 5.62 -35.47 -7.41
C HIS E 114 6.96 -35.96 -6.87
N ALA E 115 6.93 -37.00 -6.04
CA ALA E 115 8.14 -37.60 -5.50
C ALA E 115 8.86 -38.48 -6.51
N LYS E 116 8.46 -38.43 -7.78
CA LYS E 116 9.04 -39.25 -8.84
C LYS E 116 8.84 -40.74 -8.59
N ARG E 117 7.83 -41.07 -7.78
CA ARG E 117 7.40 -42.45 -7.61
C ARG E 117 6.21 -42.74 -8.52
N VAL E 118 5.77 -44.00 -8.52
CA VAL E 118 4.64 -44.43 -9.31
C VAL E 118 3.66 -45.21 -8.43
N THR E 119 4.10 -45.58 -7.23
CA THR E 119 3.28 -46.33 -6.29
C THR E 119 2.77 -45.42 -5.19
N ILE E 120 1.46 -45.45 -4.95
CA ILE E 120 0.88 -44.64 -3.88
C ILE E 120 1.14 -45.29 -2.53
N MET E 121 1.33 -44.46 -1.50
CA MET E 121 1.55 -44.93 -0.15
C MET E 121 0.95 -43.91 0.82
N PRO E 122 0.71 -44.30 2.07
CA PRO E 122 -0.06 -43.46 3.00
C PRO E 122 0.33 -41.99 3.05
N LYS E 123 1.63 -41.69 3.08
CA LYS E 123 2.04 -40.30 3.18
C LYS E 123 1.49 -39.47 2.04
N ASP E 124 1.23 -40.08 0.88
CA ASP E 124 0.59 -39.34 -0.21
C ASP E 124 -0.82 -38.93 0.17
N ILE E 125 -1.60 -39.86 0.73
CA ILE E 125 -2.96 -39.53 1.17
C ILE E 125 -2.91 -38.46 2.25
N GLN E 126 -1.98 -38.58 3.19
CA GLN E 126 -1.87 -37.60 4.27
C GLN E 126 -1.57 -36.22 3.71
N LEU E 127 -0.63 -36.13 2.78
CA LEU E 127 -0.32 -34.84 2.17
C LEU E 127 -1.53 -34.28 1.44
N ALA E 128 -2.21 -35.11 0.66
CA ALA E 128 -3.39 -34.65 -0.07
C ALA E 128 -4.43 -34.08 0.89
N ARG E 129 -4.72 -34.82 1.96
CA ARG E 129 -5.70 -34.35 2.93
C ARG E 129 -5.26 -33.04 3.58
N ARG E 130 -4.00 -32.95 3.99
CA ARG E 130 -3.53 -31.74 4.66
C ARG E 130 -3.65 -30.54 3.73
N ILE E 131 -3.22 -30.69 2.48
CA ILE E 131 -3.31 -29.58 1.53
C ILE E 131 -4.77 -29.20 1.31
N ARG E 132 -5.64 -30.20 1.19
CA ARG E 132 -7.06 -29.92 1.05
C ARG E 132 -7.64 -29.19 2.26
N GLY E 133 -7.00 -29.31 3.42
CA GLY E 133 -7.52 -28.74 4.65
C GLY E 133 -8.37 -29.69 5.46
N GLU E 134 -8.64 -30.89 4.98
CA GLU E 134 -9.45 -31.83 5.73
C GLU E 134 -8.77 -32.23 7.04
N ARG E 135 -7.46 -32.41 7.01
CA ARG E 135 -6.68 -32.79 8.20
C ARG E 135 -5.57 -31.76 8.36
N ALA E 136 -5.87 -30.67 9.08
CA ALA E 136 -4.91 -29.61 9.32
C ALA E 136 -5.00 -29.12 10.76
N ASN F 9 -17.09 -54.58 10.50
CA ASN F 9 -17.87 -54.28 9.26
C ASN F 9 -17.07 -53.45 8.28
N ILE F 10 -16.19 -52.60 8.80
CA ILE F 10 -15.35 -51.78 7.91
C ILE F 10 -14.54 -52.67 6.99
N GLN F 11 -14.18 -53.87 7.46
CA GLN F 11 -13.46 -54.81 6.60
C GLN F 11 -14.30 -55.23 5.40
N GLY F 12 -15.61 -54.99 5.44
CA GLY F 12 -16.44 -55.25 4.27
C GLY F 12 -16.00 -54.49 3.04
N ILE F 13 -15.29 -53.37 3.24
CA ILE F 13 -14.68 -52.64 2.13
C ILE F 13 -13.35 -53.33 1.83
N THR F 14 -13.37 -54.30 0.93
CA THR F 14 -12.27 -55.22 0.77
C THR F 14 -11.16 -54.63 -0.10
N LYS F 15 -10.07 -55.38 -0.18
CA LYS F 15 -8.92 -54.97 -1.00
C LYS F 15 -9.29 -54.78 -2.47
N PRO F 16 -10.03 -55.70 -3.11
CA PRO F 16 -10.46 -55.44 -4.50
C PRO F 16 -11.24 -54.14 -4.68
N ALA F 17 -12.13 -53.80 -3.75
CA ALA F 17 -12.92 -52.58 -3.92
C ALA F 17 -12.03 -51.35 -3.92
N ILE F 18 -11.10 -51.27 -2.96
CA ILE F 18 -10.17 -50.14 -2.94
C ILE F 18 -9.29 -50.18 -4.17
N ARG F 19 -8.91 -51.38 -4.63
CA ARG F 19 -8.17 -51.50 -5.88
C ARG F 19 -8.94 -50.83 -7.03
N ARG F 20 -10.20 -51.20 -7.19
CA ARG F 20 -11.01 -50.64 -8.28
C ARG F 20 -11.16 -49.13 -8.15
N LEU F 21 -11.40 -48.65 -6.94
CA LEU F 21 -11.54 -47.21 -6.74
C LEU F 21 -10.26 -46.49 -7.12
N ALA F 22 -9.11 -47.05 -6.74
CA ALA F 22 -7.83 -46.48 -7.15
C ALA F 22 -7.69 -46.48 -8.68
N ARG F 23 -8.06 -47.59 -9.32
CA ARG F 23 -7.99 -47.66 -10.77
C ARG F 23 -8.78 -46.52 -11.40
N ARG F 24 -10.04 -46.35 -10.96
CA ARG F 24 -10.85 -45.25 -11.48
C ARG F 24 -10.15 -43.91 -11.27
N GLY F 25 -9.38 -43.80 -10.20
CA GLY F 25 -8.60 -42.60 -9.94
C GLY F 25 -7.34 -42.48 -10.77
N GLY F 26 -7.02 -43.48 -11.58
CA GLY F 26 -5.83 -43.43 -12.40
C GLY F 26 -4.59 -43.96 -11.73
N VAL F 27 -4.72 -44.72 -10.66
CA VAL F 27 -3.58 -45.30 -9.96
C VAL F 27 -3.18 -46.60 -10.66
N LYS F 28 -1.88 -46.76 -10.88
CA LYS F 28 -1.35 -47.95 -11.54
C LYS F 28 -0.78 -48.97 -10.58
N ARG F 29 -0.13 -48.53 -9.50
CA ARG F 29 0.48 -49.42 -8.52
C ARG F 29 0.08 -48.95 -7.13
N ILE F 30 -0.33 -49.90 -6.28
CA ILE F 30 -0.90 -49.59 -4.98
C ILE F 30 -0.08 -50.31 -3.91
N SER F 31 0.37 -49.56 -2.91
CA SER F 31 1.08 -50.11 -1.76
C SER F 31 0.11 -50.82 -0.84
N GLY F 32 0.65 -51.77 -0.07
CA GLY F 32 -0.19 -52.61 0.80
C GLY F 32 -0.77 -51.89 1.99
N LEU F 33 -0.29 -50.69 2.31
CA LEU F 33 -0.78 -49.95 3.46
C LEU F 33 -1.88 -48.96 3.12
N ILE F 34 -2.14 -48.72 1.84
CA ILE F 34 -3.16 -47.76 1.45
C ILE F 34 -4.53 -48.21 1.93
N TYR F 35 -4.74 -49.51 2.11
CA TYR F 35 -6.07 -50.03 2.37
C TYR F 35 -6.60 -49.60 3.73
N GLU F 36 -5.78 -49.73 4.77
CA GLU F 36 -6.21 -49.31 6.10
C GLU F 36 -6.48 -47.80 6.12
N GLU F 37 -5.63 -47.03 5.48
CA GLU F 37 -5.83 -45.57 5.43
C GLU F 37 -7.13 -45.25 4.70
N THR F 38 -7.40 -45.93 3.60
CA THR F 38 -8.64 -45.71 2.86
C THR F 38 -9.85 -46.06 3.72
N ARG F 39 -9.77 -47.17 4.44
CA ARG F 39 -10.86 -47.55 5.35
C ARG F 39 -11.09 -46.46 6.39
N GLY F 40 -10.01 -45.95 6.99
CA GLY F 40 -10.15 -44.93 8.00
C GLY F 40 -10.74 -43.64 7.46
N VAL F 41 -10.26 -43.19 6.30
CA VAL F 41 -10.76 -41.95 5.72
C VAL F 41 -12.23 -42.11 5.34
N LEU F 42 -12.59 -43.28 4.80
CA LEU F 42 -13.99 -43.57 4.49
C LEU F 42 -14.84 -43.52 5.75
N LYS F 43 -14.34 -44.11 6.84
CA LYS F 43 -15.08 -44.08 8.09
C LYS F 43 -15.29 -42.65 8.57
N VAL F 44 -14.25 -41.83 8.47
CA VAL F 44 -14.37 -40.44 8.92
C VAL F 44 -15.38 -39.70 8.08
N PHE F 45 -15.33 -39.86 6.75
CA PHE F 45 -16.29 -39.21 5.87
C PHE F 45 -17.71 -39.66 6.18
N LEU F 46 -17.90 -40.97 6.39
CA LEU F 46 -19.23 -41.48 6.71
C LEU F 46 -19.73 -40.93 8.03
N GLU F 47 -18.85 -40.86 9.03
CA GLU F 47 -19.27 -40.31 10.32
C GLU F 47 -19.71 -38.86 10.17
N ASN F 48 -18.91 -38.06 9.46
CA ASN F 48 -19.25 -36.66 9.29
C ASN F 48 -20.59 -36.50 8.58
N VAL F 49 -20.84 -37.27 7.52
CA VAL F 49 -22.10 -37.16 6.80
C VAL F 49 -23.26 -37.65 7.66
N ILE F 50 -23.08 -38.81 8.31
CA ILE F 50 -24.18 -39.48 9.00
C ILE F 50 -24.60 -38.70 10.24
N ARG F 51 -23.65 -38.07 10.93
CA ARG F 51 -24.04 -37.29 12.09
C ARG F 51 -25.03 -36.19 11.70
N ASP F 52 -24.71 -35.45 10.64
CA ASP F 52 -25.62 -34.42 10.16
C ASP F 52 -26.92 -35.03 9.65
N ALA F 53 -26.84 -36.17 8.97
CA ALA F 53 -28.06 -36.82 8.50
C ALA F 53 -29.00 -37.14 9.66
N VAL F 54 -28.46 -37.74 10.73
CA VAL F 54 -29.27 -38.07 11.89
C VAL F 54 -29.80 -36.80 12.56
N THR F 55 -28.96 -35.78 12.65
CA THR F 55 -29.41 -34.52 13.23
C THR F 55 -30.61 -33.97 12.48
N TYR F 56 -30.55 -33.98 11.15
CA TYR F 56 -31.70 -33.57 10.35
C TYR F 56 -32.90 -34.47 10.63
N THR F 57 -32.68 -35.78 10.68
CA THR F 57 -33.77 -36.71 10.96
C THR F 57 -34.37 -36.45 12.33
N GLU F 58 -33.53 -36.25 13.34
CA GLU F 58 -34.03 -36.02 14.69
C GLU F 58 -34.91 -34.78 14.75
N HIS F 59 -34.48 -33.71 14.09
CA HIS F 59 -35.27 -32.48 14.11
C HIS F 59 -36.68 -32.73 13.59
N ALA F 60 -36.80 -33.49 12.51
CA ALA F 60 -38.10 -33.83 11.96
C ALA F 60 -38.89 -34.78 12.87
N LYS F 61 -38.31 -35.22 13.97
CA LYS F 61 -38.97 -36.16 14.88
C LYS F 61 -39.26 -37.48 14.17
N ARG F 62 -38.37 -37.89 13.29
CA ARG F 62 -38.52 -39.09 12.49
C ARG F 62 -37.59 -40.18 13.00
N LYS F 63 -37.75 -41.36 12.41
CA LYS F 63 -36.91 -42.51 12.70
C LYS F 63 -36.27 -43.11 11.46
N THR F 64 -36.70 -42.74 10.26
CA THR F 64 -36.09 -43.20 9.02
C THR F 64 -35.26 -42.06 8.43
N VAL F 65 -33.99 -42.35 8.14
CA VAL F 65 -33.11 -41.37 7.51
C VAL F 65 -33.40 -41.37 6.02
N THR F 66 -33.95 -40.26 5.53
CA THR F 66 -34.33 -40.13 4.12
C THR F 66 -33.14 -39.67 3.28
N ALA F 67 -33.29 -39.84 1.97
CA ALA F 67 -32.23 -39.39 1.06
C ALA F 67 -32.01 -37.89 1.17
N MET F 68 -33.09 -37.13 1.38
CA MET F 68 -32.96 -35.68 1.50
C MET F 68 -32.08 -35.31 2.68
N ASP F 69 -32.13 -36.09 3.76
CA ASP F 69 -31.26 -35.83 4.90
C ASP F 69 -29.79 -35.95 4.50
N VAL F 70 -29.46 -37.02 3.77
CA VAL F 70 -28.10 -37.20 3.29
C VAL F 70 -27.70 -36.06 2.36
N VAL F 71 -28.62 -35.65 1.49
CA VAL F 71 -28.31 -34.56 0.55
C VAL F 71 -28.01 -33.28 1.31
N TYR F 72 -28.83 -32.96 2.31
CA TYR F 72 -28.58 -31.77 3.12
C TYR F 72 -27.23 -31.85 3.83
N ALA F 73 -26.95 -33.02 4.43
CA ALA F 73 -25.68 -33.18 5.14
C ALA F 73 -24.51 -32.99 4.20
N LEU F 74 -24.57 -33.57 3.00
CA LEU F 74 -23.49 -33.41 2.03
C LEU F 74 -23.37 -31.96 1.60
N LYS F 75 -24.50 -31.27 1.41
CA LYS F 75 -24.45 -29.87 1.00
C LYS F 75 -23.80 -29.02 2.08
N ARG F 76 -24.01 -29.35 3.35
CA ARG F 76 -23.28 -28.66 4.41
C ARG F 76 -21.79 -28.91 4.30
N GLN F 77 -21.40 -30.16 4.09
CA GLN F 77 -20.00 -30.55 4.01
C GLN F 77 -19.35 -30.17 2.68
N GLY F 78 -20.01 -29.40 1.82
CA GLY F 78 -19.44 -29.07 0.53
C GLY F 78 -19.30 -30.25 -0.40
N ARG F 79 -20.28 -31.14 -0.42
CA ARG F 79 -20.28 -32.34 -1.24
C ARG F 79 -21.61 -32.49 -1.97
N THR F 80 -22.09 -31.39 -2.54
CA THR F 80 -23.40 -31.36 -3.20
C THR F 80 -23.60 -32.55 -4.11
N LEU F 81 -24.69 -33.29 -3.88
CA LEU F 81 -25.01 -34.50 -4.61
C LEU F 81 -26.28 -34.28 -5.43
N TYR F 82 -26.20 -34.53 -6.73
CA TYR F 82 -27.34 -34.44 -7.63
C TYR F 82 -27.80 -35.83 -8.03
N GLY F 83 -29.11 -36.06 -8.02
CA GLY F 83 -29.65 -37.31 -8.49
C GLY F 83 -30.81 -37.82 -7.65
N PHE F 84 -30.93 -37.33 -6.42
CA PHE F 84 -31.99 -37.76 -5.52
C PHE F 84 -32.93 -36.64 -5.10
N GLY F 85 -32.54 -35.38 -5.29
CA GLY F 85 -33.37 -34.25 -4.89
C GLY F 85 -32.57 -33.20 -4.14
N GLY F 86 -33.13 -32.00 -4.03
CA GLY F 86 -32.45 -30.91 -3.36
C GLY F 86 -33.32 -29.67 -3.22
N ALA G 1 -36.88 -7.38 35.78
CA ALA G 1 -36.63 -6.00 35.25
C ALA G 1 -37.24 -5.80 33.87
N LYS G 2 -37.10 -4.58 33.35
CA LYS G 2 -37.74 -4.21 32.09
C LYS G 2 -36.91 -4.64 30.88
N THR G 3 -35.93 -5.52 31.07
CA THR G 3 -35.02 -5.88 29.98
C THR G 3 -34.96 -7.40 29.87
N ARG G 4 -35.19 -7.91 28.65
CA ARG G 4 -35.27 -9.34 28.42
C ARG G 4 -33.96 -10.06 28.67
N SER G 5 -32.82 -9.37 28.64
CA SER G 5 -31.57 -10.04 28.94
C SER G 5 -31.41 -10.31 30.43
N SER G 6 -31.97 -9.44 31.28
CA SER G 6 -31.90 -9.68 32.72
C SER G 6 -32.62 -10.96 33.10
N ARG G 7 -33.80 -11.19 32.51
CA ARG G 7 -34.56 -12.39 32.83
C ARG G 7 -33.75 -13.65 32.51
N ALA G 8 -33.23 -13.73 31.28
CA ALA G 8 -32.40 -14.87 30.91
C ALA G 8 -31.04 -14.85 31.60
N GLY G 9 -30.67 -13.72 32.22
CA GLY G 9 -29.37 -13.61 32.86
C GLY G 9 -28.21 -13.53 31.89
N LEU G 10 -28.47 -13.13 30.65
CA LEU G 10 -27.41 -12.97 29.66
C LEU G 10 -27.00 -11.51 29.56
N GLN G 11 -25.82 -11.29 28.96
CA GLN G 11 -25.36 -9.93 28.69
C GLN G 11 -25.68 -9.49 27.26
N PHE G 12 -25.68 -10.42 26.31
CA PHE G 12 -25.96 -10.06 24.94
C PHE G 12 -27.41 -9.58 24.80
N PRO G 13 -27.68 -8.71 23.83
CA PRO G 13 -29.03 -8.15 23.69
C PRO G 13 -30.03 -9.12 23.07
N VAL G 14 -30.95 -9.65 23.88
CA VAL G 14 -31.95 -10.57 23.34
C VAL G 14 -32.89 -9.85 22.40
N GLY G 15 -33.26 -8.60 22.71
CA GLY G 15 -34.14 -7.86 21.83
C GLY G 15 -33.50 -7.51 20.51
N ARG G 16 -32.20 -7.22 20.51
CA ARG G 16 -31.51 -6.95 19.27
C ARG G 16 -31.43 -8.20 18.39
N VAL G 17 -31.18 -9.36 18.99
CA VAL G 17 -31.20 -10.61 18.23
C VAL G 17 -32.59 -10.85 17.68
N HIS G 18 -33.62 -10.60 18.48
CA HIS G 18 -34.99 -10.75 18.00
C HIS G 18 -35.26 -9.83 16.81
N ARG G 19 -34.80 -8.59 16.89
CA ARG G 19 -34.93 -7.66 15.78
C ARG G 19 -34.23 -8.20 14.53
N LEU G 20 -32.98 -8.65 14.69
CA LEU G 20 -32.21 -9.11 13.54
C LEU G 20 -32.88 -10.32 12.88
N LEU G 21 -33.30 -11.30 13.68
CA LEU G 21 -34.00 -12.45 13.12
C LEU G 21 -35.30 -12.02 12.44
N ARG G 22 -36.05 -11.13 13.10
CA ARG G 22 -37.34 -10.69 12.58
C ARG G 22 -37.18 -9.91 11.29
N LYS G 23 -36.06 -9.21 11.11
CA LYS G 23 -35.83 -8.38 9.95
C LYS G 23 -34.92 -9.01 8.92
N GLY G 24 -34.19 -10.08 9.28
CA GLY G 24 -33.24 -10.70 8.38
C GLY G 24 -33.84 -11.56 7.30
N ASN G 25 -35.17 -11.71 7.26
CA ASN G 25 -35.83 -12.50 6.24
C ASN G 25 -35.38 -13.96 6.29
N TYR G 26 -35.12 -14.45 7.50
CA TYR G 26 -34.81 -15.86 7.67
C TYR G 26 -36.06 -16.72 7.73
N ALA G 27 -37.12 -16.19 8.35
CA ALA G 27 -38.38 -16.93 8.45
C ALA G 27 -39.52 -15.93 8.61
N GLU G 28 -40.73 -16.42 8.37
CA GLU G 28 -41.92 -15.57 8.50
C GLU G 28 -42.33 -15.35 9.94
N ARG G 29 -41.84 -16.14 10.88
CA ARG G 29 -42.16 -15.99 12.28
C ARG G 29 -40.93 -16.34 13.11
N VAL G 30 -40.86 -15.76 14.30
CA VAL G 30 -39.74 -15.99 15.22
C VAL G 30 -40.32 -16.24 16.61
N GLY G 31 -39.93 -17.35 17.23
CA GLY G 31 -40.39 -17.67 18.56
C GLY G 31 -39.74 -16.79 19.60
N ALA G 32 -40.31 -16.86 20.82
CA ALA G 32 -39.78 -16.06 21.91
C ALA G 32 -38.46 -16.60 22.43
N GLY G 33 -38.27 -17.92 22.38
CA GLY G 33 -37.09 -18.53 22.94
C GLY G 33 -35.88 -18.54 22.00
N ALA G 34 -36.13 -18.42 20.70
CA ALA G 34 -35.02 -18.44 19.75
C ALA G 34 -34.04 -17.30 19.99
N PRO G 35 -34.49 -16.05 20.19
CA PRO G 35 -33.52 -14.99 20.52
C PRO G 35 -32.71 -15.29 21.77
N VAL G 36 -33.35 -15.81 22.82
CA VAL G 36 -32.62 -16.12 24.04
C VAL G 36 -31.56 -17.18 23.78
N TYR G 37 -31.94 -18.24 23.05
CA TYR G 37 -31.00 -19.31 22.76
C TYR G 37 -29.81 -18.80 21.96
N LEU G 38 -30.08 -18.04 20.90
CA LEU G 38 -29.00 -17.53 20.06
C LEU G 38 -28.10 -16.58 20.83
N ALA G 39 -28.69 -15.72 21.66
CA ALA G 39 -27.89 -14.82 22.48
C ALA G 39 -26.99 -15.59 23.43
N ALA G 40 -27.53 -16.63 24.07
CA ALA G 40 -26.71 -17.44 24.96
C ALA G 40 -25.57 -18.10 24.22
N VAL G 41 -25.85 -18.64 23.02
CA VAL G 41 -24.80 -19.28 22.22
C VAL G 41 -23.70 -18.28 21.89
N LEU G 42 -24.10 -17.10 21.42
CA LEU G 42 -23.11 -16.08 21.06
C LEU G 42 -22.30 -15.66 22.27
N GLU G 43 -22.95 -15.48 23.42
CA GLU G 43 -22.24 -15.09 24.63
C GLU G 43 -21.23 -16.16 25.03
N TYR G 44 -21.62 -17.44 24.96
CA TYR G 44 -20.69 -18.50 25.32
C TYR G 44 -19.51 -18.53 24.37
N LEU G 45 -19.74 -18.39 23.07
CA LEU G 45 -18.62 -18.40 22.13
C LEU G 45 -17.69 -17.23 22.38
N THR G 46 -18.25 -16.04 22.64
CA THR G 46 -17.42 -14.88 22.94
C THR G 46 -16.60 -15.11 24.20
N ALA G 47 -17.23 -15.66 25.25
CA ALA G 47 -16.50 -15.93 26.49
C ALA G 47 -15.38 -16.93 26.25
N GLU G 48 -15.65 -17.99 25.47
CA GLU G 48 -14.64 -19.00 25.22
C GLU G 48 -13.45 -18.41 24.48
N ILE G 49 -13.71 -17.57 23.47
CA ILE G 49 -12.61 -16.95 22.75
C ILE G 49 -11.84 -16.00 23.65
N LEU G 50 -12.57 -15.18 24.43
CA LEU G 50 -11.92 -14.15 25.23
C LEU G 50 -11.07 -14.74 26.35
N GLU G 51 -11.50 -15.87 26.93
CA GLU G 51 -10.68 -16.51 27.94
C GLU G 51 -9.30 -16.84 27.38
N LEU G 52 -9.27 -17.51 26.24
CA LEU G 52 -8.00 -17.89 25.62
C LEU G 52 -7.21 -16.66 25.17
N ALA G 53 -7.91 -15.65 24.64
CA ALA G 53 -7.23 -14.43 24.22
C ALA G 53 -6.54 -13.76 25.39
N GLY G 54 -7.23 -13.63 26.51
CA GLY G 54 -6.63 -13.03 27.69
C GLY G 54 -5.49 -13.85 28.24
N ASN G 55 -5.62 -15.17 28.22
CA ASN G 55 -4.51 -16.02 28.64
C ASN G 55 -3.29 -15.79 27.78
N ALA G 56 -3.48 -15.75 26.45
CA ALA G 56 -2.36 -15.49 25.56
C ALA G 56 -1.75 -14.11 25.81
N ALA G 57 -2.59 -13.11 26.04
CA ALA G 57 -2.09 -11.77 26.35
C ALA G 57 -1.23 -11.78 27.60
N ARG G 58 -1.75 -12.38 28.67
CA ARG G 58 -0.98 -12.46 29.91
C ARG G 58 0.32 -13.24 29.72
N ASP G 59 0.33 -14.21 28.81
CA ASP G 59 1.56 -14.92 28.53
C ASP G 59 2.63 -13.97 27.98
N ASN G 60 2.23 -13.10 27.05
CA ASN G 60 3.15 -12.10 26.51
C ASN G 60 3.35 -10.92 27.44
N LYS G 61 2.81 -10.97 28.67
CA LYS G 61 2.94 -9.90 29.65
C LYS G 61 2.15 -8.64 29.26
N LYS G 62 1.24 -8.77 28.30
CA LYS G 62 0.38 -7.66 27.90
C LYS G 62 -0.82 -7.55 28.84
N THR G 63 -1.63 -6.52 28.60
CA THR G 63 -2.89 -6.34 29.31
C THR G 63 -4.07 -6.08 28.39
N ARG G 64 -3.85 -5.68 27.15
CA ARG G 64 -4.92 -5.50 26.17
C ARG G 64 -4.87 -6.63 25.15
N ILE G 65 -6.05 -7.13 24.78
CA ILE G 65 -6.17 -8.18 23.77
C ILE G 65 -6.02 -7.53 22.40
N ILE G 66 -5.01 -7.97 21.66
CA ILE G 66 -4.77 -7.49 20.29
C ILE G 66 -5.07 -8.63 19.32
N PRO G 67 -5.14 -8.37 18.02
CA PRO G 67 -5.48 -9.45 17.08
C PRO G 67 -4.53 -10.64 17.15
N ARG G 68 -3.26 -10.42 17.46
CA ARG G 68 -2.32 -11.55 17.60
C ARG G 68 -2.82 -12.53 18.66
N HIS G 69 -3.27 -12.01 19.80
CA HIS G 69 -3.75 -12.89 20.87
C HIS G 69 -4.97 -13.68 20.40
N LEU G 70 -5.89 -13.02 19.70
CA LEU G 70 -7.07 -13.71 19.20
C LEU G 70 -6.68 -14.82 18.23
N GLN G 71 -5.75 -14.52 17.32
CA GLN G 71 -5.31 -15.54 16.35
C GLN G 71 -4.67 -16.72 17.07
N LEU G 72 -3.80 -16.43 18.05
CA LEU G 72 -3.18 -17.52 18.80
C LEU G 72 -4.22 -18.38 19.48
N ALA G 73 -5.19 -17.75 20.15
CA ALA G 73 -6.24 -18.49 20.84
C ALA G 73 -7.03 -19.36 19.86
N VAL G 74 -7.42 -18.78 18.73
CA VAL G 74 -8.24 -19.52 17.77
C VAL G 74 -7.46 -20.69 17.19
N ARG G 75 -6.21 -20.47 16.81
CA ARG G 75 -5.43 -21.51 16.13
C ARG G 75 -4.91 -22.58 17.08
N ASN G 76 -4.77 -22.27 18.37
CA ASN G 76 -4.30 -23.26 19.34
C ASN G 76 -5.43 -24.11 19.91
N ASP G 77 -6.68 -23.86 19.54
CA ASP G 77 -7.82 -24.65 19.98
C ASP G 77 -8.36 -25.44 18.80
N GLU G 78 -8.48 -26.75 18.97
CA GLU G 78 -8.93 -27.60 17.86
C GLU G 78 -10.35 -27.24 17.44
N GLU G 79 -11.24 -27.00 18.41
CA GLU G 79 -12.64 -26.72 18.07
C GLU G 79 -12.78 -25.37 17.40
N LEU G 80 -12.18 -24.32 17.98
CA LEU G 80 -12.29 -23.00 17.38
C LEU G 80 -11.62 -22.93 16.02
N ASN G 81 -10.56 -23.73 15.81
CA ASN G 81 -9.89 -23.73 14.52
C ASN G 81 -10.79 -24.32 13.44
N LYS G 82 -11.60 -25.32 13.77
CA LYS G 82 -12.55 -25.85 12.81
C LYS G 82 -13.65 -24.84 12.51
N LEU G 83 -14.18 -24.19 13.54
CA LEU G 83 -15.23 -23.20 13.32
C LEU G 83 -14.73 -22.01 12.51
N LEU G 84 -13.51 -21.55 12.81
CA LEU G 84 -12.90 -20.42 12.11
C LEU G 84 -11.79 -20.90 11.17
N GLY G 85 -12.00 -22.05 10.54
CA GLY G 85 -10.98 -22.61 9.67
C GLY G 85 -10.70 -21.78 8.45
N ARG G 86 -11.72 -21.15 7.88
CA ARG G 86 -11.59 -20.32 6.68
C ARG G 86 -11.68 -18.83 6.99
N VAL G 87 -11.35 -18.44 8.22
CA VAL G 87 -11.39 -17.05 8.66
C VAL G 87 -9.96 -16.54 8.76
N THR G 88 -9.69 -15.41 8.12
CA THR G 88 -8.42 -14.72 8.22
C THR G 88 -8.58 -13.52 9.13
N ILE G 89 -7.88 -13.52 10.25
CA ILE G 89 -7.92 -12.42 11.21
C ILE G 89 -6.81 -11.44 10.84
N ALA G 90 -7.19 -10.23 10.46
CA ALA G 90 -6.21 -9.23 10.06
C ALA G 90 -5.24 -8.94 11.19
N GLN G 91 -3.96 -8.82 10.83
CA GLN G 91 -2.90 -8.47 11.77
C GLN G 91 -2.72 -9.52 12.86
N GLY G 92 -3.09 -10.77 12.58
CA GLY G 92 -2.95 -11.84 13.55
C GLY G 92 -1.74 -12.71 13.32
N GLY G 93 -1.15 -12.63 12.14
CA GLY G 93 0.01 -13.45 11.83
C GLY G 93 -0.35 -14.92 11.77
N VAL G 94 0.64 -15.77 12.02
CA VAL G 94 0.49 -17.21 11.95
C VAL G 94 1.18 -17.85 13.15
N LEU G 95 0.76 -19.06 13.47
CA LEU G 95 1.37 -19.79 14.58
C LEU G 95 2.83 -20.09 14.26
N PRO G 96 3.74 -19.94 15.23
CA PRO G 96 5.14 -20.36 14.99
C PRO G 96 5.22 -21.87 14.79
N ASN G 97 5.79 -22.26 13.66
CA ASN G 97 5.90 -23.68 13.32
C ASN G 97 7.01 -23.84 12.29
N ILE G 98 8.06 -24.57 12.66
CA ILE G 98 9.16 -24.89 11.75
C ILE G 98 9.24 -26.40 11.62
N GLN G 99 9.19 -26.89 10.39
CA GLN G 99 9.25 -28.32 10.14
C GLN G 99 10.57 -28.90 10.65
N SER G 100 10.49 -30.10 11.22
CA SER G 100 11.68 -30.72 11.80
C SER G 100 12.76 -30.93 10.75
N VAL G 101 12.38 -31.32 9.55
CA VAL G 101 13.36 -31.66 8.51
C VAL G 101 14.28 -30.50 8.19
N LEU G 102 13.91 -29.28 8.55
CA LEU G 102 14.71 -28.11 8.23
C LEU G 102 15.80 -27.84 9.27
N LEU G 103 15.47 -27.96 10.54
CA LEU G 103 16.46 -27.73 11.58
C LEU G 103 17.48 -28.86 11.60
N PRO G 104 18.74 -28.57 11.94
CA PRO G 104 19.73 -29.65 12.06
C PRO G 104 19.54 -30.44 13.35
N LYS G 105 20.10 -31.65 13.36
CA LYS G 105 20.02 -32.51 14.53
C LYS G 105 20.65 -31.84 15.74
N THR H 2 -24.33 8.43 10.50
CA THR H 2 -25.20 8.39 11.70
C THR H 2 -24.95 7.11 12.48
N ARG H 3 -25.87 6.78 13.38
CA ARG H 3 -25.71 5.64 14.28
C ARG H 3 -25.35 4.36 13.54
N LYS H 4 -24.29 3.71 14.00
CA LYS H 4 -23.99 2.33 13.65
C LYS H 4 -23.98 1.52 14.94
N GLU H 5 -24.71 0.41 14.95
CA GLU H 5 -24.90 -0.40 16.14
C GLU H 5 -24.04 -1.65 16.07
N SER H 6 -23.43 -2.02 17.19
CA SER H 6 -22.49 -3.12 17.23
C SER H 6 -22.53 -3.75 18.62
N TYR H 7 -21.77 -4.84 18.76
CA TYR H 7 -21.74 -5.62 20.00
C TYR H 7 -20.61 -5.21 20.93
N ALA H 8 -20.11 -3.99 20.82
CA ALA H 8 -18.92 -3.60 21.56
C ALA H 8 -19.13 -3.73 23.06
N ILE H 9 -20.19 -3.11 23.59
CA ILE H 9 -20.38 -3.05 25.04
C ILE H 9 -20.64 -4.42 25.63
N TYR H 10 -21.34 -5.29 24.90
CA TYR H 10 -21.66 -6.60 25.45
C TYR H 10 -20.42 -7.49 25.49
N VAL H 11 -19.62 -7.45 24.42
CA VAL H 11 -18.34 -8.15 24.43
C VAL H 11 -17.45 -7.62 25.54
N TYR H 12 -17.50 -6.30 25.77
CA TYR H 12 -16.71 -5.72 26.86
C TYR H 12 -17.17 -6.23 28.21
N LYS H 13 -18.49 -6.34 28.41
CA LYS H 13 -19.00 -6.90 29.66
C LYS H 13 -18.53 -8.35 29.82
N VAL H 14 -18.58 -9.13 28.75
CA VAL H 14 -18.11 -10.51 28.82
C VAL H 14 -16.64 -10.55 29.19
N LEU H 15 -15.84 -9.64 28.61
CA LEU H 15 -14.43 -9.59 28.92
C LEU H 15 -14.20 -9.23 30.38
N LYS H 16 -14.95 -8.27 30.91
CA LYS H 16 -14.79 -7.86 32.28
C LYS H 16 -15.40 -8.84 33.26
N GLN H 17 -16.09 -9.87 32.75
CA GLN H 17 -16.47 -11.01 33.58
C GLN H 17 -15.37 -12.08 33.57
N VAL H 18 -14.94 -12.49 32.38
CA VAL H 18 -13.93 -13.54 32.27
C VAL H 18 -12.60 -13.07 32.83
N HIS H 19 -12.12 -11.92 32.35
CA HIS H 19 -10.81 -11.37 32.72
C HIS H 19 -11.00 -9.92 33.15
N PRO H 20 -11.31 -9.69 34.43
CA PRO H 20 -11.59 -8.31 34.88
C PRO H 20 -10.48 -7.32 34.55
N ASP H 21 -9.22 -7.72 34.71
CA ASP H 21 -8.12 -6.77 34.51
C ASP H 21 -7.92 -6.48 33.02
N THR H 22 -8.10 -7.48 32.17
CA THR H 22 -7.73 -7.36 30.77
C THR H 22 -8.57 -6.31 30.04
N GLY H 23 -7.95 -5.66 29.07
CA GLY H 23 -8.65 -4.78 28.16
C GLY H 23 -8.67 -5.33 26.75
N ILE H 24 -9.19 -4.56 25.79
CA ILE H 24 -9.32 -5.03 24.42
C ILE H 24 -9.12 -3.90 23.44
N SER H 25 -8.17 -4.05 22.53
CA SER H 25 -7.90 -3.02 21.53
C SER H 25 -9.08 -2.87 20.58
N SER H 26 -9.12 -1.73 19.88
CA SER H 26 -10.22 -1.45 18.98
C SER H 26 -10.30 -2.44 17.83
N LYS H 27 -9.16 -2.84 17.26
CA LYS H 27 -9.18 -3.80 16.17
C LYS H 27 -9.60 -5.18 16.65
N ALA H 28 -9.15 -5.57 17.85
CA ALA H 28 -9.65 -6.80 18.46
C ALA H 28 -11.16 -6.74 18.66
N MET H 29 -11.67 -5.60 19.10
CA MET H 29 -13.11 -5.44 19.27
C MET H 29 -13.83 -5.59 17.94
N SER H 30 -13.28 -4.99 16.88
CA SER H 30 -13.87 -5.14 15.55
C SER H 30 -13.87 -6.60 15.12
N ILE H 31 -12.77 -7.31 15.38
CA ILE H 31 -12.69 -8.73 15.04
C ILE H 31 -13.77 -9.51 15.77
N MET H 32 -13.93 -9.25 17.07
CA MET H 32 -14.96 -9.95 17.84
C MET H 32 -16.36 -9.63 17.31
N ASN H 33 -16.61 -8.38 16.97
CA ASN H 33 -17.89 -8.01 16.38
C ASN H 33 -18.15 -8.76 15.09
N SER H 34 -17.13 -8.82 14.22
CA SER H 34 -17.27 -9.55 12.96
C SER H 34 -17.54 -11.03 13.22
N PHE H 35 -16.84 -11.61 14.20
CA PHE H 35 -17.06 -13.03 14.52
C PHE H 35 -18.49 -13.26 15.00
N VAL H 36 -18.99 -12.39 15.87
CA VAL H 36 -20.36 -12.51 16.36
C VAL H 36 -21.33 -12.43 15.19
N ASN H 37 -21.13 -11.45 14.30
CA ASN H 37 -22.03 -11.31 13.15
C ASN H 37 -21.99 -12.55 12.27
N ASP H 38 -20.79 -13.08 12.03
CA ASP H 38 -20.66 -14.25 11.16
C ASP H 38 -21.37 -15.46 11.75
N VAL H 39 -21.12 -15.75 13.04
CA VAL H 39 -21.79 -16.88 13.67
C VAL H 39 -23.30 -16.67 13.69
N PHE H 40 -23.73 -15.43 13.93
CA PHE H 40 -25.16 -15.11 13.93
C PHE H 40 -25.78 -15.44 12.59
N GLU H 41 -25.18 -14.94 11.51
CA GLU H 41 -25.75 -15.17 10.18
C GLU H 41 -25.71 -16.65 9.83
N ARG H 42 -24.64 -17.35 10.21
CA ARG H 42 -24.54 -18.77 9.90
C ARG H 42 -25.64 -19.57 10.60
N ILE H 43 -25.82 -19.34 11.89
CA ILE H 43 -26.86 -20.06 12.63
C ILE H 43 -28.23 -19.70 12.10
N ALA H 44 -28.46 -18.41 11.79
CA ALA H 44 -29.75 -17.99 11.27
C ALA H 44 -30.05 -18.66 9.94
N GLY H 45 -29.05 -18.75 9.06
CA GLY H 45 -29.25 -19.40 7.78
C GLY H 45 -29.54 -20.88 7.93
N GLU H 46 -28.81 -21.56 8.81
CA GLU H 46 -29.09 -22.97 9.03
C GLU H 46 -30.49 -23.17 9.59
N ALA H 47 -30.91 -22.32 10.53
CA ALA H 47 -32.25 -22.41 11.07
C ALA H 47 -33.29 -22.18 9.99
N SER H 48 -33.06 -21.20 9.12
CA SER H 48 -33.99 -20.92 8.04
C SER H 48 -34.12 -22.13 7.11
N ARG H 49 -32.98 -22.73 6.75
CA ARG H 49 -33.03 -23.92 5.90
C ARG H 49 -33.81 -25.03 6.58
N LEU H 50 -33.59 -25.22 7.88
CA LEU H 50 -34.34 -26.24 8.62
C LEU H 50 -35.83 -25.96 8.56
N ALA H 51 -36.22 -24.71 8.76
CA ALA H 51 -37.64 -24.36 8.72
C ALA H 51 -38.24 -24.64 7.36
N HIS H 52 -37.57 -24.18 6.30
CA HIS H 52 -38.09 -24.39 4.94
C HIS H 52 -38.20 -25.88 4.63
N TYR H 53 -37.17 -26.65 4.99
CA TYR H 53 -37.19 -28.09 4.72
C TYR H 53 -38.37 -28.77 5.40
N ASN H 54 -38.51 -28.56 6.71
CA ASN H 54 -39.62 -29.16 7.45
C ASN H 54 -40.96 -28.48 7.15
N LYS H 55 -40.98 -27.52 6.23
CA LYS H 55 -42.21 -26.82 5.86
C LYS H 55 -42.83 -26.09 7.04
N ARG H 56 -41.99 -25.66 7.97
CA ARG H 56 -42.41 -24.79 9.05
C ARG H 56 -42.39 -23.34 8.59
N SER H 57 -43.06 -22.48 9.37
CA SER H 57 -43.07 -21.05 9.13
C SER H 57 -42.38 -20.25 10.22
N THR H 58 -41.90 -20.89 11.28
CA THR H 58 -41.36 -20.20 12.45
C THR H 58 -40.02 -20.78 12.85
N ILE H 59 -39.14 -19.92 13.37
CA ILE H 59 -37.89 -20.36 13.96
C ILE H 59 -38.06 -20.39 15.47
N THR H 60 -37.89 -21.57 16.07
CA THR H 60 -38.00 -21.78 17.50
C THR H 60 -36.63 -22.11 18.08
N SER H 61 -36.57 -22.17 19.41
CA SER H 61 -35.33 -22.54 20.08
C SER H 61 -34.81 -23.88 19.60
N ARG H 62 -35.71 -24.79 19.22
CA ARG H 62 -35.29 -26.11 18.75
C ARG H 62 -34.51 -26.01 17.45
N GLU H 63 -34.96 -25.16 16.53
CA GLU H 63 -34.23 -24.96 15.28
C GLU H 63 -32.83 -24.42 15.54
N ILE H 64 -32.70 -23.46 16.44
CA ILE H 64 -31.40 -22.92 16.79
C ILE H 64 -30.53 -24.00 17.42
N GLN H 65 -31.12 -24.83 18.28
CA GLN H 65 -30.36 -25.92 18.89
C GLN H 65 -29.80 -26.85 17.83
N THR H 66 -30.64 -27.25 16.87
CA THR H 66 -30.19 -28.12 15.79
C THR H 66 -29.10 -27.45 14.96
N ALA H 67 -29.27 -26.16 14.68
CA ALA H 67 -28.26 -25.43 13.92
C ALA H 67 -26.92 -25.42 14.65
N VAL H 68 -26.95 -25.20 15.97
CA VAL H 68 -25.73 -25.23 16.76
C VAL H 68 -25.09 -26.61 16.71
N ARG H 69 -25.90 -27.65 16.85
CA ARG H 69 -25.36 -29.00 16.79
C ARG H 69 -24.74 -29.29 15.44
N LEU H 70 -25.29 -28.73 14.37
CA LEU H 70 -24.76 -28.97 13.02
C LEU H 70 -23.48 -28.17 12.79
N LEU H 71 -23.39 -26.95 13.32
CA LEU H 71 -22.27 -26.08 13.00
C LEU H 71 -21.09 -26.28 13.98
N LEU H 72 -21.32 -26.04 15.26
CA LEU H 72 -20.23 -26.15 16.22
C LEU H 72 -19.87 -27.63 16.42
N PRO H 73 -18.58 -27.97 16.53
CA PRO H 73 -18.20 -29.36 16.75
C PRO H 73 -18.03 -29.74 18.22
N GLY H 74 -18.59 -30.88 18.57
CA GLY H 74 -18.26 -31.54 19.83
C GLY H 74 -18.56 -30.69 21.05
N GLU H 75 -17.55 -30.57 21.92
CA GLU H 75 -17.76 -29.97 23.23
C GLU H 75 -18.29 -28.55 23.12
N LEU H 76 -17.85 -27.82 22.09
CA LEU H 76 -18.36 -26.48 21.88
C LEU H 76 -19.87 -26.52 21.67
N ALA H 77 -20.35 -27.42 20.81
CA ALA H 77 -21.78 -27.55 20.57
C ALA H 77 -22.52 -27.96 21.84
N LYS H 78 -21.95 -28.91 22.58
CA LYS H 78 -22.63 -29.38 23.79
C LYS H 78 -22.79 -28.25 24.80
N HIS H 79 -21.73 -27.49 25.03
CA HIS H 79 -21.81 -26.39 25.98
C HIS H 79 -22.73 -25.30 25.50
N ALA H 80 -22.72 -25.01 24.19
CA ALA H 80 -23.65 -24.02 23.66
C ALA H 80 -25.10 -24.44 23.87
N VAL H 81 -25.39 -25.73 23.64
CA VAL H 81 -26.74 -26.22 23.85
C VAL H 81 -27.12 -26.11 25.32
N SER H 82 -26.21 -26.47 26.21
CA SER H 82 -26.50 -26.36 27.64
C SER H 82 -26.81 -24.92 28.03
N GLU H 83 -26.00 -23.97 27.55
CA GLU H 83 -26.22 -22.57 27.88
C GLU H 83 -27.55 -22.09 27.33
N GLY H 84 -27.88 -22.47 26.10
CA GLY H 84 -29.15 -22.06 25.53
C GLY H 84 -30.33 -22.61 26.31
N THR H 85 -30.28 -23.89 26.69
CA THR H 85 -31.36 -24.47 27.46
C THR H 85 -31.51 -23.78 28.81
N LYS H 86 -30.38 -23.50 29.48
CA LYS H 86 -30.44 -22.78 30.75
C LYS H 86 -31.06 -21.41 30.58
N ALA H 87 -30.65 -20.68 29.54
CA ALA H 87 -31.17 -19.35 29.31
C ALA H 87 -32.68 -19.38 29.07
N VAL H 88 -33.13 -20.31 28.22
CA VAL H 88 -34.56 -20.40 27.92
C VAL H 88 -35.34 -20.76 29.19
N THR H 89 -34.83 -21.71 29.97
CA THR H 89 -35.50 -22.10 31.21
C THR H 89 -35.63 -20.90 32.14
N LYS H 90 -34.54 -20.16 32.33
CA LYS H 90 -34.59 -19.01 33.23
C LYS H 90 -35.56 -17.95 32.70
N TYR H 91 -35.58 -17.75 31.38
CA TYR H 91 -36.51 -16.81 30.78
C TYR H 91 -37.94 -17.20 31.10
N THR H 92 -38.28 -18.48 30.92
CA THR H 92 -39.63 -18.93 31.22
C THR H 92 -39.94 -18.80 32.70
N SER H 93 -38.96 -19.03 33.56
CA SER H 93 -39.20 -19.04 35.00
C SER H 93 -39.76 -17.71 35.50
N ALA H 94 -39.55 -16.63 34.76
CA ALA H 94 -40.06 -15.31 35.15
C ALA H 94 -41.54 -15.38 35.48
N ARG K 232 -14.00 -28.52 30.91
CA ARG K 232 -13.80 -29.23 29.66
C ARG K 232 -12.32 -29.40 29.36
N GLU K 272 46.39 -5.32 6.47
CA GLU K 272 45.84 -5.77 5.20
C GLU K 272 46.09 -4.70 4.14
N PHE K 273 46.03 -5.13 2.88
CA PHE K 273 46.27 -4.22 1.76
C PHE K 273 45.11 -3.24 1.62
N GLU K 274 45.43 -2.06 1.08
CA GLU K 274 44.45 -1.01 0.86
C GLU K 274 43.45 -1.41 -0.21
N THR K 275 42.47 -0.53 -0.47
CA THR K 275 41.45 -0.79 -1.48
C THR K 275 41.12 0.52 -2.18
N ILE K 276 40.66 0.41 -3.42
CA ILE K 276 40.31 1.58 -4.22
C ILE K 276 38.97 2.13 -3.78
N GLU K 277 38.87 3.45 -3.64
CA GLU K 277 37.59 4.09 -3.33
C GLU K 277 36.73 4.21 -4.58
N ARG K 278 37.20 4.97 -5.57
CA ARG K 278 36.43 5.22 -6.78
C ARG K 278 37.37 5.50 -7.94
N PHE K 279 36.80 5.60 -9.14
CA PHE K 279 37.54 5.84 -10.38
C PHE K 279 37.06 7.14 -11.00
N MET K 280 37.96 8.09 -11.16
CA MET K 280 37.61 9.39 -11.73
C MET K 280 38.08 9.49 -13.18
N ARG K 286 54.04 13.70 -16.51
CA ARG K 286 54.28 12.61 -17.45
C ARG K 286 54.60 11.32 -16.70
N LYS K 287 55.05 10.32 -17.43
CA LYS K 287 55.40 9.04 -16.81
C LYS K 287 56.47 9.25 -15.74
N GLY K 288 56.26 8.62 -14.59
CA GLY K 288 57.20 8.73 -13.49
C GLY K 288 56.59 9.37 -12.26
N ALA K 289 55.74 10.38 -12.45
CA ALA K 289 55.11 11.06 -11.33
C ALA K 289 54.11 10.13 -10.66
N THR K 290 54.49 9.56 -9.53
CA THR K 290 53.65 8.61 -8.82
C THR K 290 54.09 8.54 -7.36
N GLY K 291 53.26 7.90 -6.55
CA GLY K 291 53.63 7.61 -5.18
C GLY K 291 53.68 8.84 -4.28
N ALA K 292 54.49 8.71 -3.22
CA ALA K 292 54.55 9.75 -2.21
C ALA K 292 55.03 11.07 -2.79
N THR K 293 56.02 11.03 -3.69
CA THR K 293 56.58 12.26 -4.23
C THR K 293 55.52 13.14 -4.86
N THR K 294 54.44 12.54 -5.37
CA THR K 294 53.34 13.30 -5.93
C THR K 294 52.36 13.81 -4.88
N THR K 295 52.45 13.34 -3.65
CA THR K 295 51.55 13.76 -2.59
C THR K 295 51.91 15.17 -2.11
N ILE K 296 51.01 15.75 -1.31
CA ILE K 296 51.21 17.12 -0.86
C ILE K 296 52.41 17.28 0.04
N TYR K 297 53.00 16.17 0.51
CA TYR K 297 54.24 16.26 1.27
C TYR K 297 55.43 16.65 0.41
N ALA K 298 55.37 16.41 -0.90
CA ALA K 298 56.50 16.61 -1.78
C ALA K 298 56.20 17.40 -3.04
N VAL K 299 54.95 17.46 -3.51
CA VAL K 299 54.65 18.24 -4.70
C VAL K 299 54.95 19.71 -4.47
N GLU K 300 54.85 20.17 -3.22
CA GLU K 300 55.20 21.55 -2.93
C GLU K 300 56.68 21.80 -3.20
N ALA K 301 57.53 20.84 -2.84
CA ALA K 301 58.97 21.01 -3.02
C ALA K 301 59.41 20.71 -4.45
N ASP K 302 58.66 19.89 -5.18
CA ASP K 302 59.06 19.47 -6.52
C ASP K 302 57.99 19.66 -7.58
N GLY K 303 56.81 20.16 -7.22
CA GLY K 303 55.77 20.36 -8.21
C GLY K 303 55.44 19.08 -8.96
N ASP K 304 55.28 19.20 -10.28
CA ASP K 304 54.99 18.05 -11.11
C ASP K 304 56.31 17.38 -11.51
N PRO K 305 56.51 16.09 -11.18
CA PRO K 305 57.78 15.46 -11.58
C PRO K 305 58.02 15.50 -13.07
N ASN K 306 56.98 15.37 -13.89
CA ASN K 306 57.12 15.44 -15.33
C ASN K 306 55.86 16.06 -15.92
N ALA K 307 56.04 16.90 -16.94
CA ALA K 307 54.94 17.54 -17.65
C ALA K 307 55.20 17.50 -19.15
N GLY K 308 55.80 16.42 -19.63
CA GLY K 308 56.13 16.28 -21.03
C GLY K 308 54.93 15.91 -21.88
N PHE K 309 55.18 15.86 -23.19
CA PHE K 309 54.14 15.54 -24.15
C PHE K 309 53.49 14.18 -23.85
N GLU K 317 50.31 7.81 -20.97
CA GLU K 317 49.85 8.99 -21.69
C GLU K 317 49.04 9.90 -20.76
N ILE K 318 47.81 9.50 -20.45
CA ILE K 318 46.92 10.26 -19.60
C ILE K 318 46.31 9.33 -18.56
N GLN K 319 46.13 9.84 -17.35
CA GLN K 319 45.52 9.09 -16.27
C GLN K 319 44.66 10.04 -15.44
N TYR K 320 44.05 9.50 -14.39
CA TYR K 320 43.05 10.20 -13.61
C TYR K 320 43.42 10.20 -12.13
N LEU K 321 42.69 11.01 -11.37
CA LEU K 321 43.08 11.34 -10.00
C LEU K 321 43.07 10.13 -9.08
N ILE K 322 44.04 10.10 -8.17
CA ILE K 322 44.15 9.01 -7.20
C ILE K 322 42.89 8.92 -6.35
N LYS K 323 42.50 7.69 -6.02
CA LYS K 323 41.34 7.45 -5.16
C LYS K 323 41.53 6.11 -4.45
N TRP K 324 41.61 6.15 -3.12
CA TRP K 324 41.81 4.95 -2.30
C TRP K 324 40.72 4.87 -1.24
N LYS K 325 40.20 3.67 -1.03
CA LYS K 325 39.17 3.42 -0.02
C LYS K 325 39.85 3.35 1.35
N GLY K 326 39.61 4.37 2.17
CA GLY K 326 40.07 4.36 3.55
C GLY K 326 40.94 5.54 3.91
N TRP K 327 41.38 6.28 2.90
CA TRP K 327 42.28 7.41 3.09
C TRP K 327 41.64 8.70 2.58
N SER K 328 42.00 9.81 3.21
CA SER K 328 41.39 11.09 2.90
C SER K 328 41.74 11.54 1.48
N HIS K 329 40.84 12.35 0.91
CA HIS K 329 41.04 12.85 -0.45
C HIS K 329 42.25 13.76 -0.56
N ILE K 330 42.69 14.35 0.55
CA ILE K 330 43.76 15.35 0.52
C ILE K 330 45.05 14.75 -0.03
N HIS K 331 45.05 13.43 -0.23
CA HIS K 331 46.18 12.72 -0.81
C HIS K 331 46.18 12.78 -2.34
N ASN K 332 45.53 13.79 -2.93
CA ASN K 332 45.37 13.85 -4.38
C ASN K 332 46.72 13.81 -5.09
N THR K 333 46.80 12.97 -6.12
CA THR K 333 48.02 12.79 -6.89
C THR K 333 47.64 12.32 -8.30
N TRP K 334 48.65 12.15 -9.14
CA TRP K 334 48.50 11.61 -10.48
C TRP K 334 49.18 10.25 -10.51
N GLU K 335 48.42 9.21 -10.86
CA GLU K 335 48.90 7.84 -10.76
C GLU K 335 48.65 7.09 -12.06
N THR K 336 49.35 5.96 -12.21
CA THR K 336 49.30 5.14 -13.41
C THR K 336 48.71 3.78 -13.08
N GLU K 337 48.41 3.02 -14.14
CA GLU K 337 47.80 1.71 -13.99
C GLU K 337 48.71 0.72 -13.26
N GLU K 338 50.03 0.93 -13.31
CA GLU K 338 50.97 -0.03 -12.75
C GLU K 338 51.17 0.14 -11.24
N THR K 339 50.99 1.35 -10.72
CA THR K 339 51.25 1.58 -9.31
C THR K 339 50.36 0.72 -8.43
N LEU K 340 49.07 0.62 -8.78
CA LEU K 340 48.15 -0.22 -8.02
C LEU K 340 48.62 -1.67 -8.03
N LYS K 341 49.04 -2.16 -9.20
CA LYS K 341 49.49 -3.54 -9.31
C LYS K 341 50.73 -3.78 -8.45
N GLN K 342 51.66 -2.82 -8.44
CA GLN K 342 52.93 -3.03 -7.74
C GLN K 342 52.72 -3.29 -6.25
N GLN K 343 51.84 -2.52 -5.62
CA GLN K 343 51.58 -2.68 -4.20
C GLN K 343 50.63 -3.83 -3.89
N ASN K 344 50.07 -4.49 -4.91
CA ASN K 344 49.13 -5.59 -4.72
C ASN K 344 47.87 -5.10 -4.03
N VAL K 345 47.41 -3.91 -4.41
CA VAL K 345 46.21 -3.34 -3.82
C VAL K 345 45.01 -4.22 -4.17
N ARG K 346 44.32 -4.71 -3.15
CA ARG K 346 43.13 -5.53 -3.36
C ARG K 346 42.01 -4.67 -3.94
N GLY K 347 41.44 -5.11 -5.06
CA GLY K 347 40.35 -4.40 -5.69
C GLY K 347 40.61 -4.10 -7.16
N MET K 348 41.65 -4.71 -7.73
CA MET K 348 41.93 -4.52 -9.15
C MET K 348 40.77 -4.96 -10.02
N LYS K 349 40.02 -5.98 -9.58
CA LYS K 349 38.90 -6.47 -10.38
C LYS K 349 37.87 -5.37 -10.60
N LYS K 350 37.83 -4.36 -9.74
CA LYS K 350 36.90 -3.25 -9.90
C LYS K 350 37.20 -2.43 -11.15
N LEU K 351 38.35 -2.63 -11.78
CA LEU K 351 38.73 -1.82 -12.94
C LEU K 351 37.83 -2.06 -14.15
N ASP K 352 37.14 -3.21 -14.20
CA ASP K 352 36.34 -3.54 -15.38
C ASP K 352 35.23 -2.52 -15.61
N ASN K 353 34.54 -2.11 -14.53
CA ASN K 353 33.48 -1.12 -14.68
C ASN K 353 34.06 0.20 -15.18
N TYR K 354 35.25 0.57 -14.71
CA TYR K 354 35.90 1.77 -15.19
C TYR K 354 36.24 1.65 -16.68
N LYS K 355 36.70 0.47 -17.11
CA LYS K 355 36.95 0.24 -18.52
C LYS K 355 35.66 0.42 -19.33
N LYS K 356 34.56 -0.12 -18.84
CA LYS K 356 33.27 0.06 -19.50
C LYS K 356 32.93 1.53 -19.63
N LYS K 357 33.07 2.28 -18.54
CA LYS K 357 32.81 3.71 -18.56
C LYS K 357 33.69 4.42 -19.58
N ASP K 358 34.99 4.09 -19.59
CA ASP K 358 35.92 4.73 -20.50
C ASP K 358 35.54 4.48 -21.96
N GLN K 359 35.26 3.22 -22.31
CA GLN K 359 34.86 2.91 -23.68
C GLN K 359 33.59 3.65 -24.06
N GLU K 360 32.59 3.63 -23.16
CA GLU K 360 31.32 4.31 -23.46
C GLU K 360 31.53 5.81 -23.66
N THR K 361 32.33 6.43 -22.79
CA THR K 361 32.60 7.86 -22.92
C THR K 361 33.32 8.15 -24.22
N LYS K 362 34.32 7.35 -24.57
CA LYS K 362 35.07 7.57 -25.80
C LYS K 362 34.16 7.48 -27.02
N ARG K 363 33.37 6.40 -27.11
CA ARG K 363 32.49 6.23 -28.27
C ARG K 363 31.41 7.31 -28.31
N TRP K 364 30.79 7.58 -27.16
CA TRP K 364 29.68 8.53 -27.11
C TRP K 364 30.13 9.95 -27.42
N LEU K 365 31.29 10.36 -26.88
CA LEU K 365 31.73 11.74 -27.04
C LEU K 365 31.96 12.07 -28.51
N LYS K 366 32.55 11.14 -29.27
CA LYS K 366 32.83 11.41 -30.68
C LYS K 366 31.55 11.68 -31.46
N ASN K 367 30.50 10.90 -31.21
CA ASN K 367 29.23 11.08 -31.90
C ASN K 367 28.45 12.29 -31.39
N ALA K 368 28.76 12.78 -30.19
CA ALA K 368 28.04 13.91 -29.63
C ALA K 368 28.22 15.15 -30.50
N SER K 369 27.14 15.90 -30.68
CA SER K 369 27.21 17.12 -31.46
C SER K 369 28.09 18.15 -30.74
N PRO K 370 28.71 19.07 -31.48
CA PRO K 370 29.61 20.04 -30.83
C PRO K 370 28.96 20.79 -29.68
N GLU K 371 27.68 21.13 -29.78
CA GLU K 371 27.00 21.81 -28.68
C GLU K 371 26.89 20.90 -27.47
N ASP K 372 26.51 19.64 -27.67
CA ASP K 372 26.47 18.69 -26.57
C ASP K 372 27.86 18.46 -26.00
N VAL K 373 28.87 18.45 -26.87
CA VAL K 373 30.26 18.31 -26.40
C VAL K 373 30.62 19.47 -25.49
N GLU K 374 30.26 20.70 -25.89
CA GLU K 374 30.52 21.85 -25.05
C GLU K 374 29.80 21.75 -23.70
N TYR K 375 28.54 21.32 -23.73
CA TYR K 375 27.78 21.13 -22.50
C TYR K 375 28.49 20.15 -21.58
N TYR K 376 28.92 19.01 -22.14
CA TYR K 376 29.61 17.99 -21.35
C TYR K 376 30.92 18.52 -20.79
N ASN K 377 31.67 19.28 -21.59
CA ASN K 377 32.94 19.82 -21.13
C ASN K 377 32.74 20.77 -19.96
N CYS K 378 31.73 21.65 -20.07
CA CYS K 378 31.44 22.56 -18.96
C CYS K 378 31.02 21.78 -17.71
N GLN K 379 30.20 20.73 -17.90
CA GLN K 379 29.81 19.89 -16.77
C GLN K 379 31.04 19.29 -16.09
N GLN K 380 31.97 18.75 -16.87
CA GLN K 380 33.18 18.19 -16.30
C GLN K 380 34.00 19.24 -15.57
N GLU K 381 34.10 20.43 -16.16
CA GLU K 381 34.87 21.49 -15.53
C GLU K 381 34.30 21.82 -14.16
N LEU K 382 32.98 21.96 -14.06
CA LEU K 382 32.35 22.23 -12.77
C LEU K 382 32.55 21.05 -11.81
N THR K 383 32.45 19.82 -12.32
CA THR K 383 32.52 18.65 -11.44
C THR K 383 33.88 18.51 -10.81
N ASP K 384 34.96 18.75 -11.57
CA ASP K 384 36.29 18.63 -10.99
C ASP K 384 36.49 19.67 -9.90
N ASP K 385 35.97 20.88 -10.10
CA ASP K 385 36.03 21.90 -9.06
C ASP K 385 35.25 21.46 -7.83
N LEU K 386 34.07 20.86 -8.02
CA LEU K 386 33.34 20.33 -6.88
C LEU K 386 34.20 19.34 -6.11
N HIS K 387 34.81 18.40 -6.84
CA HIS K 387 35.62 17.38 -6.19
C HIS K 387 36.75 18.00 -5.39
N LYS K 388 37.47 18.96 -6.00
CA LYS K 388 38.61 19.56 -5.32
C LYS K 388 38.20 20.27 -4.04
N GLN K 389 37.01 20.88 -4.03
CA GLN K 389 36.59 21.67 -2.88
C GLN K 389 36.63 20.86 -1.58
N TYR K 390 36.43 19.55 -1.67
CA TYR K 390 36.47 18.71 -0.48
C TYR K 390 37.81 18.82 0.24
N GLN K 391 38.89 19.01 -0.52
CA GLN K 391 40.22 19.04 0.07
C GLN K 391 40.40 20.18 1.07
N ILE K 392 39.60 21.24 0.96
CA ILE K 392 39.75 22.39 1.85
C ILE K 392 39.10 22.06 3.18
N VAL K 393 39.90 22.10 4.25
CA VAL K 393 39.40 21.82 5.59
C VAL K 393 38.66 23.05 6.10
N GLU K 394 37.52 22.81 6.75
CA GLU K 394 36.68 23.90 7.27
C GLU K 394 36.85 24.10 8.77
N ARG K 395 36.80 23.02 9.55
CA ARG K 395 36.76 23.14 11.00
C ARG K 395 37.40 21.92 11.65
N ILE K 396 38.39 22.15 12.50
CA ILE K 396 38.94 21.08 13.31
C ILE K 396 37.95 20.73 14.42
N ILE K 397 37.66 19.45 14.56
CA ILE K 397 36.62 18.98 15.48
C ILE K 397 37.21 18.49 16.79
N ALA K 398 38.31 17.75 16.73
CA ALA K 398 38.90 17.16 17.92
C ALA K 398 40.40 17.04 17.73
N HIS K 399 41.10 16.90 18.85
CA HIS K 399 42.55 16.73 18.86
C HIS K 399 42.92 15.57 19.78
N SER K 400 43.92 14.81 19.37
CA SER K 400 44.36 13.65 20.14
C SER K 400 45.38 14.04 21.18
N ASN K 401 45.36 13.32 22.30
CA ASN K 401 46.31 13.60 23.39
C ASN K 401 47.73 13.24 23.01
N GLN K 402 47.93 12.42 21.98
CA GLN K 402 49.26 12.03 21.54
C GLN K 402 49.90 13.21 20.81
N LYS K 403 50.81 13.91 21.49
CA LYS K 403 51.49 15.06 20.92
C LYS K 403 52.62 14.56 20.03
N SER K 404 52.28 14.29 18.77
CA SER K 404 53.30 13.83 17.82
C SER K 404 54.41 14.86 17.71
N ALA K 405 55.65 14.39 17.69
CA ALA K 405 56.83 15.26 17.74
C ALA K 405 56.81 16.15 18.97
N ALA K 406 56.05 15.75 19.99
CA ALA K 406 55.91 16.47 21.26
C ALA K 406 55.24 17.83 21.09
N GLY K 407 54.85 18.21 19.87
CA GLY K 407 54.24 19.50 19.66
C GLY K 407 53.14 19.51 18.62
N TYR K 408 52.83 18.35 18.04
CA TYR K 408 51.85 18.24 16.95
C TYR K 408 50.82 17.18 17.31
N PRO K 409 49.79 17.51 18.07
CA PRO K 409 48.70 16.56 18.31
C PRO K 409 47.95 16.26 17.02
N ASP K 410 47.44 15.04 16.92
CA ASP K 410 46.61 14.66 15.79
C ASP K 410 45.26 15.35 15.89
N TYR K 411 44.80 15.91 14.77
CA TYR K 411 43.58 16.69 14.73
C TYR K 411 42.53 16.01 13.87
N TYR K 412 41.27 16.10 14.30
CA TYR K 412 40.15 15.56 13.56
C TYR K 412 39.59 16.64 12.65
N CYS K 413 39.68 16.42 11.34
CA CYS K 413 39.47 17.47 10.35
C CYS K 413 38.11 17.32 9.68
N LYS K 414 37.39 18.44 9.58
CA LYS K 414 36.13 18.50 8.85
C LYS K 414 36.40 18.66 7.35
N TRP K 415 35.41 18.27 6.56
CA TRP K 415 35.48 18.29 5.10
C TRP K 415 34.56 19.37 4.56
N GLN K 416 35.05 20.17 3.61
CA GLN K 416 34.20 21.17 3.00
C GLN K 416 33.24 20.51 2.01
N GLY K 417 31.95 20.78 2.17
CA GLY K 417 30.93 20.24 1.31
C GLY K 417 30.56 18.79 1.56
N LEU K 418 31.17 18.14 2.55
CA LEU K 418 30.85 16.76 2.89
C LEU K 418 30.35 16.68 4.33
N PRO K 419 29.51 15.70 4.65
CA PRO K 419 28.95 15.61 6.00
C PRO K 419 29.99 15.17 7.02
N TYR K 420 29.58 15.24 8.29
CA TYR K 420 30.47 14.82 9.38
C TYR K 420 30.86 13.36 9.29
N SER K 421 30.09 12.55 8.56
CA SER K 421 30.40 11.12 8.47
C SER K 421 31.76 10.87 7.86
N GLU K 422 32.29 11.81 7.07
CA GLU K 422 33.57 11.65 6.41
C GLU K 422 34.74 12.16 7.24
N CYS K 423 34.49 12.66 8.45
CA CYS K 423 35.57 13.22 9.25
C CYS K 423 36.64 12.18 9.54
N SER K 424 37.90 12.58 9.38
CA SER K 424 39.04 11.71 9.62
C SER K 424 40.16 12.52 10.24
N TRP K 425 41.01 11.83 11.00
CA TRP K 425 42.15 12.48 11.64
C TRP K 425 43.27 12.67 10.61
N GLU K 426 43.99 13.79 10.75
CA GLU K 426 45.09 14.12 9.85
C GLU K 426 46.27 14.61 10.66
N ASP K 427 47.45 14.52 10.06
CA ASP K 427 48.67 14.96 10.72
C ASP K 427 48.57 16.43 11.10
N GLY K 428 48.93 16.72 12.35
CA GLY K 428 48.88 18.12 12.79
C GLY K 428 49.78 19.02 11.99
N ALA K 429 51.00 18.57 11.72
CA ALA K 429 51.92 19.37 10.89
C ALA K 429 51.37 19.54 9.49
N LEU K 430 50.85 18.46 8.91
CA LEU K 430 50.32 18.53 7.54
C LEU K 430 49.20 19.55 7.43
N ILE K 431 48.26 19.52 8.38
CA ILE K 431 47.16 20.47 8.36
C ILE K 431 47.69 21.89 8.58
N SER K 432 48.70 22.03 9.44
CA SER K 432 49.23 23.36 9.72
C SER K 432 49.85 23.98 8.48
N LYS K 433 50.52 23.17 7.66
CA LYS K 433 51.22 23.72 6.51
C LYS K 433 50.26 24.43 5.55
N LYS K 434 49.12 23.81 5.26
CA LYS K 434 48.18 24.36 4.30
C LYS K 434 46.98 25.02 4.96
N PHE K 435 46.62 24.64 6.18
CA PHE K 435 45.44 25.14 6.86
C PHE K 435 45.78 25.58 8.28
N GLN K 436 46.88 26.34 8.42
CA GLN K 436 47.31 26.77 9.75
C GLN K 436 46.18 27.43 10.52
N ALA K 437 45.47 28.36 9.88
CA ALA K 437 44.54 29.22 10.61
C ALA K 437 43.45 28.43 11.32
N CYS K 438 43.04 27.28 10.76
CA CYS K 438 41.88 26.59 11.32
C CYS K 438 42.17 26.04 12.71
N ILE K 439 43.39 25.54 12.93
CA ILE K 439 43.73 25.03 14.25
C ILE K 439 43.68 26.16 15.28
N ASP K 440 44.18 27.33 14.90
CA ASP K 440 44.08 28.49 15.78
C ASP K 440 42.63 28.80 16.09
N GLU K 441 41.76 28.69 15.09
CA GLU K 441 40.33 28.93 15.34
C GLU K 441 39.80 27.95 16.37
N TYR K 442 40.05 26.67 16.19
CA TYR K 442 39.49 25.66 17.09
C TYR K 442 40.04 25.82 18.51
N PHE K 443 41.34 26.08 18.64
CA PHE K 443 41.90 26.29 19.98
C PHE K 443 41.34 27.53 20.64
N SER K 444 41.24 28.63 19.89
CA SER K 444 40.72 29.87 20.46
C SER K 444 39.27 29.69 20.92
N ARG K 445 38.45 29.06 20.08
CA ARG K 445 37.08 28.76 20.48
C ARG K 445 37.05 27.81 21.67
N ASN K 446 37.91 26.79 21.67
CA ASN K 446 37.95 25.86 22.79
C ASN K 446 38.34 26.56 24.08
N GLN K 447 39.32 27.47 24.02
CA GLN K 447 39.73 28.21 25.20
C GLN K 447 38.75 29.31 25.57
N SER K 448 37.85 29.69 24.66
CA SER K 448 36.90 30.76 24.94
C SER K 448 35.94 30.33 26.04
N LYS K 449 35.29 31.33 26.65
CA LYS K 449 34.30 31.10 27.70
C LYS K 449 32.97 31.78 27.39
N THR K 450 32.76 32.23 26.15
CA THR K 450 31.52 32.90 25.78
C THR K 450 30.36 31.93 25.61
N THR K 451 30.60 30.63 25.71
CA THR K 451 29.55 29.67 25.42
C THR K 451 28.40 29.81 26.42
N PRO K 452 27.17 29.50 26.01
CA PRO K 452 26.01 29.67 26.90
C PRO K 452 26.17 28.90 28.20
N PHE K 453 25.29 29.21 29.14
CA PHE K 453 25.25 28.57 30.45
C PHE K 453 23.79 28.26 30.80
N LYS K 454 23.62 27.23 31.64
CA LYS K 454 22.28 26.75 31.95
C LYS K 454 21.44 27.82 32.64
N ASP K 455 22.02 28.54 33.59
CA ASP K 455 21.29 29.51 34.39
C ASP K 455 21.61 30.93 33.92
N CYS K 456 20.57 31.75 33.79
CA CYS K 456 20.72 33.13 33.37
C CYS K 456 19.77 34.00 34.17
N LYS K 457 20.29 35.11 34.71
CA LYS K 457 19.46 36.02 35.49
C LYS K 457 18.53 36.84 34.60
N VAL K 458 18.90 37.05 33.33
CA VAL K 458 18.09 37.87 32.44
C VAL K 458 16.70 37.28 32.28
N LEU K 459 16.60 35.95 32.25
CA LEU K 459 15.30 35.30 32.05
C LEU K 459 14.31 35.74 33.13
N LYS K 460 14.79 35.91 34.36
CA LYS K 460 13.89 36.28 35.46
C LYS K 460 13.30 37.66 35.24
N GLN K 461 14.14 38.64 34.90
CA GLN K 461 13.69 40.02 34.72
C GLN K 461 14.42 40.64 33.54
N ARG K 462 13.65 41.18 32.60
CA ARG K 462 14.26 41.82 31.44
C ARG K 462 14.88 43.15 31.84
N PRO K 463 16.01 43.52 31.26
CA PRO K 463 16.63 44.81 31.59
C PRO K 463 15.96 45.97 30.86
N ARG K 464 16.32 47.17 31.28
CA ARG K 464 15.72 48.37 30.72
C ARG K 464 16.19 48.60 29.28
N PHE K 465 15.28 49.07 28.44
CA PHE K 465 15.59 49.31 27.04
C PHE K 465 16.62 50.42 26.90
N VAL K 466 17.52 50.28 25.92
CA VAL K 466 18.49 51.31 25.58
C VAL K 466 18.36 51.59 24.09
N ALA K 467 18.29 52.86 23.73
CA ALA K 467 18.11 53.25 22.34
C ALA K 467 19.42 53.15 21.58
N LEU K 468 19.38 52.54 20.40
CA LEU K 468 20.53 52.42 19.52
C LEU K 468 20.45 53.54 18.48
N LYS K 469 21.17 54.63 18.73
CA LYS K 469 21.12 55.77 17.82
C LYS K 469 21.92 55.54 16.56
N LYS K 470 22.99 54.75 16.63
CA LYS K 470 23.84 54.51 15.48
C LYS K 470 24.35 53.08 15.52
N GLN K 471 24.87 52.62 14.37
CA GLN K 471 25.38 51.27 14.26
C GLN K 471 26.58 51.09 15.19
N PRO K 472 26.58 50.09 16.07
CA PRO K 472 27.76 49.83 16.89
C PRO K 472 28.97 49.51 16.03
N SER K 473 30.14 49.93 16.51
CA SER K 473 31.36 49.78 15.72
C SER K 473 31.70 48.31 15.49
N TYR K 474 31.34 47.43 16.42
CA TYR K 474 31.71 46.03 16.28
C TYR K 474 30.94 45.32 15.17
N ILE K 475 29.80 45.86 14.76
CA ILE K 475 29.02 45.24 13.68
C ILE K 475 29.70 45.55 12.36
N GLY K 476 29.87 44.53 11.52
CA GLY K 476 30.52 44.66 10.25
C GLY K 476 32.02 44.42 10.27
N GLY K 477 32.64 44.38 11.44
CA GLY K 477 34.05 44.11 11.54
C GLY K 477 34.91 45.24 10.98
N HIS K 478 36.18 44.91 10.76
CA HIS K 478 37.11 45.88 10.20
C HIS K 478 36.76 46.26 8.77
N GLU K 479 35.97 45.42 8.09
CA GLU K 479 35.56 45.72 6.72
C GLU K 479 34.65 46.92 6.63
N GLY K 480 34.05 47.35 7.73
CA GLY K 480 33.23 48.55 7.72
C GLY K 480 31.90 48.40 7.02
N LEU K 481 31.38 47.17 6.90
CA LEU K 481 30.06 46.99 6.31
C LEU K 481 29.01 47.73 7.13
N GLU K 482 28.17 48.50 6.45
CA GLU K 482 27.15 49.31 7.10
C GLU K 482 25.77 48.76 6.76
N LEU K 483 24.95 48.56 7.78
CA LEU K 483 23.57 48.17 7.58
C LEU K 483 22.79 49.32 6.94
N ARG K 484 21.87 48.98 6.05
CA ARG K 484 21.01 50.00 5.48
C ARG K 484 20.08 50.55 6.57
N ASP K 485 19.67 51.81 6.40
CA ASP K 485 19.00 52.52 7.48
C ASP K 485 17.76 51.76 7.96
N TYR K 486 16.92 51.29 7.04
CA TYR K 486 15.73 50.56 7.46
C TYR K 486 16.09 49.33 8.27
N GLN K 487 17.22 48.70 7.97
CA GLN K 487 17.67 47.58 8.79
C GLN K 487 17.96 48.03 10.21
N LEU K 488 18.60 49.19 10.37
CA LEU K 488 18.87 49.70 11.70
C LEU K 488 17.58 50.02 12.45
N ASN K 489 16.60 50.61 11.75
CA ASN K 489 15.32 50.91 12.37
C ASN K 489 14.61 49.63 12.80
N GLY K 490 14.65 48.60 11.96
CA GLY K 490 14.06 47.32 12.32
C GLY K 490 14.76 46.66 13.49
N LEU K 491 16.09 46.77 13.54
CA LEU K 491 16.84 46.24 14.67
C LEU K 491 16.43 46.95 15.95
N ASN K 492 16.27 48.28 15.89
CA ASN K 492 15.79 49.02 17.05
C ASN K 492 14.41 48.53 17.47
N TRP K 493 13.52 48.33 16.51
CA TRP K 493 12.17 47.86 16.83
C TRP K 493 12.21 46.49 17.49
N LEU K 494 13.00 45.57 16.94
CA LEU K 494 13.09 44.23 17.51
C LEU K 494 13.67 44.28 18.92
N ALA K 495 14.69 45.11 19.14
CA ALA K 495 15.24 45.26 20.48
C ALA K 495 14.19 45.77 21.45
N HIS K 496 13.43 46.79 21.03
CA HIS K 496 12.39 47.32 21.91
C HIS K 496 11.38 46.24 22.27
N SER K 497 10.97 45.44 21.28
CA SER K 497 10.02 44.38 21.55
C SER K 497 10.61 43.35 22.50
N TRP K 498 11.89 43.02 22.33
CA TRP K 498 12.53 42.05 23.22
C TRP K 498 12.54 42.56 24.65
N CYS K 499 12.87 43.84 24.84
CA CYS K 499 12.92 44.38 26.20
C CYS K 499 11.56 44.28 26.89
N LYS K 500 10.47 44.36 26.13
CA LYS K 500 9.15 44.16 26.70
C LYS K 500 8.80 42.69 26.90
N GLY K 501 9.65 41.78 26.43
CA GLY K 501 9.36 40.36 26.54
C GLY K 501 8.36 39.84 25.54
N ASN K 502 7.94 40.66 24.59
CA ASN K 502 6.97 40.24 23.58
C ASN K 502 7.68 39.75 22.34
N SER K 503 7.34 38.55 21.89
CA SER K 503 7.84 38.04 20.63
C SER K 503 7.18 38.76 19.46
N CYS K 504 7.75 38.58 18.27
CA CYS K 504 7.31 39.35 17.12
C CYS K 504 7.37 38.51 15.86
N ILE K 505 6.62 38.95 14.85
CA ILE K 505 6.70 38.42 13.50
C ILE K 505 7.32 39.50 12.61
N LEU K 506 8.31 39.10 11.81
CA LEU K 506 8.98 40.00 10.88
C LEU K 506 8.54 39.64 9.47
N ALA K 507 7.91 40.60 8.79
CA ALA K 507 7.33 40.38 7.48
C ALA K 507 7.82 41.41 6.47
N ASP K 508 9.10 41.76 6.55
CA ASP K 508 9.67 42.70 5.60
C ASP K 508 9.48 42.18 4.18
N GLU K 509 9.17 43.09 3.25
CA GLU K 509 8.92 42.69 1.88
C GLU K 509 10.15 41.98 1.31
N MET K 510 9.90 40.92 0.53
CA MET K 510 10.97 40.09 0.02
C MET K 510 11.99 40.92 -0.75
N GLY K 511 13.27 40.71 -0.43
CA GLY K 511 14.37 41.40 -1.07
C GLY K 511 15.09 42.41 -0.20
N LEU K 512 14.62 42.64 1.03
CA LEU K 512 15.20 43.65 1.90
C LEU K 512 16.23 43.08 2.87
N GLY K 513 16.48 41.78 2.84
CA GLY K 513 17.47 41.18 3.72
C GLY K 513 16.99 40.95 5.14
N LYS K 514 15.98 40.12 5.29
CA LYS K 514 15.45 39.78 6.61
C LYS K 514 16.50 39.10 7.47
N THR K 515 17.27 38.17 6.87
CA THR K 515 18.23 37.40 7.62
C THR K 515 19.30 38.30 8.25
N ILE K 516 19.70 39.35 7.54
CA ILE K 516 20.68 40.27 8.09
C ILE K 516 20.16 40.87 9.39
N GLN K 517 18.90 41.29 9.39
CA GLN K 517 18.32 41.85 10.61
C GLN K 517 18.24 40.79 11.71
N THR K 518 17.89 39.55 11.36
CA THR K 518 17.85 38.49 12.36
C THR K 518 19.22 38.31 13.01
N ILE K 519 20.26 38.17 12.20
CA ILE K 519 21.60 37.97 12.75
C ILE K 519 22.04 39.20 13.52
N SER K 520 21.58 40.39 13.10
CA SER K 520 21.90 41.60 13.83
C SER K 520 21.30 41.57 15.23
N PHE K 521 20.04 41.12 15.34
CA PHE K 521 19.43 40.98 16.65
C PHE K 521 20.21 39.99 17.51
N LEU K 522 20.62 38.87 16.92
CA LEU K 522 21.42 37.89 17.66
C LEU K 522 22.72 38.51 18.17
N ASN K 523 23.43 39.22 17.29
CA ASN K 523 24.69 39.84 17.69
C ASN K 523 24.46 40.89 18.78
N TYR K 524 23.38 41.66 18.67
CA TYR K 524 23.02 42.62 19.71
C TYR K 524 22.84 41.92 21.05
N LEU K 525 22.09 40.82 21.06
CA LEU K 525 21.95 40.04 22.30
C LEU K 525 23.32 39.61 22.81
N PHE K 526 24.21 39.23 21.89
CA PHE K 526 25.55 38.82 22.30
C PHE K 526 26.28 39.95 23.02
N HIS K 527 26.53 41.06 22.31
CA HIS K 527 27.43 42.07 22.82
C HIS K 527 26.76 42.96 23.87
N GLU K 528 25.76 43.73 23.45
CA GLU K 528 25.23 44.81 24.27
C GLU K 528 24.39 44.31 25.45
N HIS K 529 24.31 43.00 25.65
CA HIS K 529 23.67 42.46 26.84
C HIS K 529 24.44 41.32 27.48
N GLN K 530 25.61 40.96 26.95
CA GLN K 530 26.39 39.84 27.46
C GLN K 530 25.58 38.56 27.53
N LEU K 531 24.54 38.46 26.71
CA LEU K 531 23.69 37.27 26.66
C LEU K 531 24.22 36.35 25.56
N TYR K 532 24.77 35.22 25.96
CA TYR K 532 25.33 34.23 25.04
C TYR K 532 24.49 32.96 25.03
N GLY K 533 23.18 33.11 25.19
CA GLY K 533 22.30 31.97 25.36
C GLY K 533 22.13 31.17 24.09
N PRO K 534 21.60 29.96 24.20
CA PRO K 534 21.39 29.13 23.01
C PRO K 534 20.45 29.80 22.03
N PHE K 535 20.74 29.63 20.74
CA PHE K 535 19.88 30.12 19.66
C PHE K 535 19.65 28.99 18.67
N LEU K 536 18.44 28.94 18.11
CA LEU K 536 18.05 27.84 17.22
C LEU K 536 17.28 28.43 16.04
N LEU K 537 17.95 28.56 14.90
CA LEU K 537 17.35 29.07 13.67
C LEU K 537 17.02 27.89 12.77
N VAL K 538 15.73 27.69 12.51
CA VAL K 538 15.28 26.60 11.64
C VAL K 538 15.23 27.10 10.20
N VAL K 539 16.36 27.02 9.52
CA VAL K 539 16.49 27.56 8.16
C VAL K 539 16.09 26.48 7.16
N PRO K 540 15.33 26.83 6.10
CA PRO K 540 15.05 25.84 5.04
C PRO K 540 16.32 25.23 4.46
N LEU K 541 16.18 24.15 3.70
CA LEU K 541 17.34 23.48 3.14
C LEU K 541 17.99 24.33 2.06
N SER K 542 17.19 24.91 1.16
CA SER K 542 17.75 25.66 0.05
C SER K 542 18.52 26.88 0.53
N THR K 543 18.10 27.49 1.64
CA THR K 543 18.68 28.72 2.13
C THR K 543 19.72 28.49 3.21
N LEU K 544 20.05 27.23 3.51
CA LEU K 544 20.97 26.93 4.59
C LEU K 544 22.34 27.57 4.35
N THR K 545 22.86 27.43 3.13
CA THR K 545 24.20 27.92 2.84
C THR K 545 24.26 29.45 2.92
N SER K 546 23.21 30.12 2.45
CA SER K 546 23.19 31.59 2.56
C SER K 546 23.27 32.02 4.02
N TRP K 547 22.46 31.42 4.88
CA TRP K 547 22.52 31.73 6.31
C TRP K 547 23.91 31.44 6.86
N GLN K 548 24.49 30.30 6.49
CA GLN K 548 25.81 29.94 7.01
C GLN K 548 26.86 30.98 6.60
N ARG K 549 26.89 31.34 5.32
CA ARG K 549 27.85 32.34 4.85
C ARG K 549 27.65 33.66 5.58
N GLU K 550 26.40 34.07 5.75
CA GLU K 550 26.15 35.37 6.36
C GLU K 550 26.45 35.37 7.86
N ILE K 551 26.26 34.24 8.55
CA ILE K 551 26.66 34.16 9.94
C ILE K 551 28.16 34.03 10.10
N GLN K 552 28.88 33.63 9.04
CA GLN K 552 30.33 33.67 9.14
C GLN K 552 30.87 35.07 8.87
N THR K 553 30.38 35.72 7.82
CA THR K 553 30.81 37.09 7.54
C THR K 553 30.37 38.03 8.65
N TRP K 554 29.06 38.20 8.83
CA TRP K 554 28.54 38.88 9.99
C TRP K 554 28.59 37.95 11.20
N ALA K 555 28.48 38.54 12.38
CA ALA K 555 28.39 37.78 13.63
C ALA K 555 29.51 36.73 13.73
N SER K 556 30.70 37.13 13.30
CA SER K 556 31.84 36.21 13.35
C SER K 556 32.17 35.81 14.78
N GLN K 557 31.73 36.58 15.77
CA GLN K 557 32.02 36.28 17.16
C GLN K 557 31.24 35.08 17.70
N MET K 558 30.45 34.41 16.87
CA MET K 558 29.61 33.31 17.30
C MET K 558 29.97 32.05 16.53
N ASN K 559 29.83 30.90 17.19
CA ASN K 559 30.12 29.61 16.58
C ASN K 559 28.84 29.00 16.02
N ALA K 560 28.90 28.55 14.78
CA ALA K 560 27.74 28.01 14.08
C ALA K 560 27.92 26.52 13.84
N VAL K 561 26.81 25.78 13.93
CA VAL K 561 26.79 24.33 13.74
C VAL K 561 25.64 24.01 12.79
N VAL K 562 25.97 23.61 11.57
CA VAL K 562 24.96 23.19 10.60
C VAL K 562 24.53 21.77 10.93
N TYR K 563 23.41 21.63 11.63
CA TYR K 563 22.94 20.33 12.09
C TYR K 563 22.23 19.57 10.98
N LEU K 564 22.94 19.31 9.89
CA LEU K 564 22.40 18.61 8.73
C LEU K 564 23.22 17.35 8.46
N GLY K 565 22.54 16.35 7.89
CA GLY K 565 23.18 15.13 7.44
C GLY K 565 22.54 13.89 8.04
N ASP K 566 23.15 12.74 7.73
CA ASP K 566 22.63 11.45 8.14
C ASP K 566 22.74 11.27 9.65
N ILE K 567 22.21 10.14 10.13
CA ILE K 567 22.14 9.89 11.57
C ILE K 567 23.54 9.89 12.17
N ASN K 568 24.49 9.23 11.50
CA ASN K 568 25.85 9.16 12.03
C ASN K 568 26.47 10.54 12.15
N SER K 569 26.28 11.38 11.14
CA SER K 569 26.84 12.73 11.21
C SER K 569 26.23 13.52 12.36
N ARG K 570 24.92 13.40 12.57
CA ARG K 570 24.30 14.07 13.71
C ARG K 570 24.83 13.54 15.02
N ASN K 571 25.09 12.23 15.11
CA ASN K 571 25.73 11.69 16.31
C ASN K 571 27.10 12.31 16.52
N MET K 572 27.88 12.44 15.44
CA MET K 572 29.21 13.03 15.53
C MET K 572 29.13 14.45 16.08
N ILE K 573 28.19 15.24 15.54
CA ILE K 573 28.00 16.60 16.05
C ILE K 573 27.61 16.56 17.52
N ARG K 574 26.60 15.74 17.86
CA ARG K 574 26.10 15.68 19.22
C ARG K 574 27.16 15.21 20.20
N THR K 575 28.22 14.57 19.70
CA THR K 575 29.33 14.14 20.57
C THR K 575 30.31 15.28 20.73
N HIS K 576 30.81 15.81 19.63
CA HIS K 576 31.97 16.70 19.70
C HIS K 576 31.58 18.16 19.86
N GLU K 577 30.63 18.65 19.07
CA GLU K 577 30.33 20.08 19.01
C GLU K 577 29.17 20.48 19.91
N TRP K 578 28.65 19.57 20.73
CA TRP K 578 27.44 19.83 21.51
C TRP K 578 27.76 20.28 22.93
N THR K 579 28.54 19.49 23.67
CA THR K 579 28.74 19.70 25.10
C THR K 579 30.21 19.95 25.41
N HIS K 580 30.44 20.82 26.40
CA HIS K 580 31.78 21.12 26.89
C HIS K 580 32.07 20.18 28.05
N HIS K 581 32.68 19.03 27.74
CA HIS K 581 32.78 17.96 28.72
C HIS K 581 33.50 18.40 29.98
N GLN K 582 34.44 19.34 29.88
CA GLN K 582 35.13 19.82 31.07
C GLN K 582 34.20 20.54 32.03
N THR K 583 33.05 21.03 31.55
CA THR K 583 32.09 21.71 32.38
C THR K 583 30.65 21.25 32.16
N LYS K 584 30.40 20.38 31.18
CA LYS K 584 29.05 19.95 30.83
C LYS K 584 28.20 21.14 30.38
N ARG K 585 28.83 22.13 29.77
CA ARG K 585 28.16 23.30 29.24
C ARG K 585 28.00 23.18 27.72
N LEU K 586 27.01 23.88 27.20
CA LEU K 586 26.78 23.90 25.76
C LEU K 586 27.85 24.75 25.07
N LYS K 587 28.43 24.21 23.99
CA LYS K 587 29.51 24.90 23.30
C LYS K 587 29.01 25.79 22.16
N PHE K 588 27.97 25.38 21.46
CA PHE K 588 27.52 26.10 20.27
C PHE K 588 26.84 27.42 20.65
N ASN K 589 26.65 28.26 19.64
CA ASN K 589 25.87 29.48 19.77
C ASN K 589 24.62 29.47 18.91
N ILE K 590 24.75 29.19 17.61
CA ILE K 590 23.64 29.21 16.67
C ILE K 590 23.65 27.90 15.89
N LEU K 591 22.51 27.20 15.90
CA LEU K 591 22.33 26.03 15.06
C LEU K 591 21.60 26.40 13.77
N LEU K 592 21.75 25.53 12.76
CA LEU K 592 21.09 25.70 11.46
C LEU K 592 20.47 24.36 11.06
N THR K 593 19.23 24.16 11.46
CA THR K 593 18.49 22.93 11.16
C THR K 593 17.38 23.22 10.16
N THR K 594 16.92 22.15 9.51
CA THR K 594 15.77 22.19 8.63
C THR K 594 14.56 21.59 9.33
N TYR K 595 13.38 21.84 8.77
CA TYR K 595 12.16 21.28 9.37
C TYR K 595 12.21 19.77 9.38
N GLU K 596 12.59 19.17 8.25
CA GLU K 596 12.54 17.73 8.12
C GLU K 596 13.49 17.04 9.09
N ILE K 597 14.63 17.66 9.38
CA ILE K 597 15.56 17.08 10.35
C ILE K 597 15.10 17.38 11.77
N LEU K 598 14.68 18.61 12.04
CA LEU K 598 14.20 18.97 13.37
C LEU K 598 13.08 18.02 13.81
N LEU K 599 12.17 17.70 12.89
CA LEU K 599 11.07 16.79 13.24
C LEU K 599 11.61 15.43 13.66
N LYS K 600 12.59 14.91 12.94
CA LYS K 600 13.08 13.56 13.16
C LYS K 600 14.08 13.46 14.31
N ASP K 601 14.38 14.57 14.99
CA ASP K 601 15.22 14.54 16.18
C ASP K 601 14.64 15.46 17.24
N LYS K 602 13.31 15.56 17.28
CA LYS K 602 12.64 16.50 18.18
C LYS K 602 12.91 16.17 19.64
N ALA K 603 13.35 14.96 19.94
CA ALA K 603 13.52 14.54 21.33
C ALA K 603 14.71 15.23 21.99
N PHE K 604 15.88 15.19 21.35
CA PHE K 604 17.10 15.66 22.01
C PHE K 604 16.97 17.12 22.43
N LEU K 605 16.47 17.96 21.53
CA LEU K 605 16.38 19.39 21.83
C LEU K 605 15.30 19.70 22.86
N GLY K 606 14.35 18.79 23.07
CA GLY K 606 13.22 19.07 23.95
C GLY K 606 13.60 19.45 25.36
N GLY K 607 14.77 19.01 25.84
CA GLY K 607 15.18 19.31 27.19
C GLY K 607 16.15 20.47 27.27
N LEU K 608 16.94 20.67 26.21
CA LEU K 608 17.91 21.75 26.17
C LEU K 608 17.26 23.05 25.72
N ASN K 609 16.24 23.49 26.47
CA ASN K 609 15.43 24.64 26.08
C ASN K 609 16.28 25.79 25.57
N TRP K 610 15.85 26.34 24.42
CA TRP K 610 16.52 27.45 23.77
C TRP K 610 15.71 28.73 23.99
N ALA K 611 16.41 29.84 24.23
CA ALA K 611 15.73 31.11 24.41
C ALA K 611 15.21 31.65 23.08
N PHE K 612 16.11 31.79 22.10
CA PHE K 612 15.79 32.43 20.82
C PHE K 612 15.59 31.35 19.77
N ILE K 613 14.36 30.82 19.72
CA ILE K 613 13.97 29.85 18.70
C ILE K 613 13.41 30.58 17.49
N GLY K 614 14.25 30.85 16.50
CA GLY K 614 13.82 31.53 15.30
C GLY K 614 13.43 30.58 14.20
N VAL K 615 12.50 31.03 13.35
CA VAL K 615 11.98 30.23 12.25
C VAL K 615 11.98 31.09 10.99
N ASP K 616 12.51 30.55 9.90
CA ASP K 616 12.54 31.23 8.61
C ASP K 616 11.63 30.51 7.64
N GLU K 617 11.02 31.28 6.72
CA GLU K 617 9.98 30.74 5.85
C GLU K 617 8.85 30.17 6.71
N ALA K 618 8.35 31.02 7.61
CA ALA K 618 7.48 30.59 8.70
C ALA K 618 6.07 30.26 8.26
N HIS K 619 5.70 30.53 7.00
CA HIS K 619 4.34 30.24 6.57
C HIS K 619 4.03 28.75 6.63
N ARG K 620 5.04 27.88 6.76
CA ARG K 620 4.77 26.47 6.99
C ARG K 620 3.95 26.26 8.25
N LEU K 621 3.99 27.22 9.17
CA LEU K 621 3.24 27.15 10.41
C LEU K 621 1.80 27.65 10.25
N LYS K 622 1.38 27.95 9.02
CA LYS K 622 0.05 28.50 8.81
C LYS K 622 -1.03 27.47 9.15
N ASN K 623 -0.71 26.18 9.07
CA ASN K 623 -1.63 25.11 9.42
C ASN K 623 -1.20 24.54 10.76
N ASP K 624 -1.85 25.00 11.84
CA ASP K 624 -1.44 24.61 13.19
C ASP K 624 -1.40 23.10 13.37
N ASP K 625 -2.23 22.36 12.63
CA ASP K 625 -2.24 20.92 12.78
C ASP K 625 -0.95 20.30 12.28
N SER K 626 -0.22 21.00 11.42
CA SER K 626 1.03 20.48 10.90
C SER K 626 1.98 20.16 12.05
N LEU K 627 2.70 19.04 11.91
CA LEU K 627 3.47 18.51 13.03
C LEU K 627 4.56 19.48 13.48
N LEU K 628 5.05 20.33 12.57
CA LEU K 628 6.05 21.32 12.98
C LEU K 628 5.49 22.25 14.03
N TYR K 629 4.23 22.68 13.86
CA TYR K 629 3.62 23.57 14.84
C TYR K 629 3.53 22.90 16.20
N LYS K 630 3.01 21.67 16.24
CA LYS K 630 2.88 20.97 17.51
C LYS K 630 4.24 20.68 18.14
N THR K 631 5.27 20.46 17.32
CA THR K 631 6.60 20.22 17.85
C THR K 631 7.16 21.49 18.50
N LEU K 632 7.18 22.60 17.76
CA LEU K 632 7.81 23.81 18.26
C LEU K 632 7.01 24.45 19.39
N ILE K 633 5.68 24.28 19.38
CA ILE K 633 4.86 24.88 20.43
C ILE K 633 5.19 24.26 21.79
N ASP K 634 5.73 23.05 21.79
CA ASP K 634 6.17 22.39 23.03
C ASP K 634 7.62 22.71 23.37
N PHE K 635 8.30 23.49 22.54
CA PHE K 635 9.68 23.89 22.80
C PHE K 635 9.67 25.16 23.65
N LYS K 636 10.22 25.07 24.86
CA LYS K 636 10.26 26.21 25.78
C LYS K 636 11.16 27.29 25.21
N SER K 637 10.58 28.41 24.79
CA SER K 637 11.33 29.50 24.18
C SER K 637 10.95 30.82 24.83
N ASN K 638 11.93 31.74 24.87
CA ASN K 638 11.72 33.07 25.44
C ASN K 638 11.43 34.12 24.39
N HIS K 639 11.90 33.93 23.15
CA HIS K 639 11.65 34.89 22.08
C HIS K 639 11.65 34.14 20.76
N ARG K 640 10.51 34.14 20.07
CA ARG K 640 10.36 33.51 18.76
C ARG K 640 10.11 34.61 17.73
N LEU K 641 10.89 34.59 16.65
CA LEU K 641 10.72 35.55 15.55
C LEU K 641 10.46 34.78 14.26
N LEU K 642 9.26 34.91 13.73
CA LEU K 642 8.93 34.31 12.44
C LEU K 642 9.37 35.24 11.32
N ILE K 643 9.90 34.66 10.25
CA ILE K 643 10.36 35.40 9.08
C ILE K 643 9.61 34.86 7.88
N THR K 644 8.62 35.60 7.40
CA THR K 644 7.82 35.20 6.24
C THR K 644 7.52 36.44 5.40
N GLY K 645 7.77 36.34 4.10
CA GLY K 645 7.58 37.50 3.23
C GLY K 645 6.12 37.93 3.15
N THR K 646 5.21 36.98 3.03
CA THR K 646 3.78 37.26 2.83
C THR K 646 2.97 36.48 3.85
N PRO K 647 2.88 36.98 5.09
CA PRO K 647 2.14 36.24 6.13
C PRO K 647 0.63 36.28 5.95
N LEU K 648 0.09 37.22 5.17
CA LEU K 648 -1.36 37.36 5.08
C LEU K 648 -2.03 36.05 4.68
N GLN K 649 -1.53 35.41 3.61
CA GLN K 649 -2.04 34.12 3.18
C GLN K 649 -3.52 34.19 2.82
N ASN K 650 -4.20 33.05 2.76
CA ASN K 650 -5.55 32.96 2.21
C ASN K 650 -6.66 33.15 3.23
N SER K 651 -6.36 33.20 4.52
CA SER K 651 -7.42 33.27 5.51
C SER K 651 -6.89 33.86 6.80
N LEU K 652 -7.80 34.46 7.57
CA LEU K 652 -7.41 35.03 8.85
C LEU K 652 -6.95 33.96 9.82
N LYS K 653 -7.42 32.72 9.65
CA LYS K 653 -7.02 31.65 10.55
C LYS K 653 -5.50 31.45 10.52
N GLU K 654 -4.88 31.52 9.35
CA GLU K 654 -3.43 31.36 9.26
C GLU K 654 -2.70 32.46 10.02
N LEU K 655 -3.11 33.70 9.81
CA LEU K 655 -2.50 34.82 10.53
C LEU K 655 -2.69 34.64 12.04
N TRP K 656 -3.87 34.18 12.44
CA TRP K 656 -4.10 33.87 13.85
C TRP K 656 -3.15 32.78 14.33
N SER K 657 -2.89 31.78 13.49
CA SER K 657 -1.98 30.71 13.89
C SER K 657 -0.59 31.26 14.15
N LEU K 658 -0.10 32.10 13.25
CA LEU K 658 1.20 32.73 13.48
C LEU K 658 1.19 33.57 14.75
N LEU K 659 0.16 34.40 14.93
CA LEU K 659 0.05 35.21 16.13
C LEU K 659 0.07 34.35 17.38
N HIS K 660 -0.65 33.22 17.34
CA HIS K 660 -0.62 32.26 18.43
C HIS K 660 0.81 31.78 18.66
N PHE K 661 1.54 31.50 17.58
CA PHE K 661 2.94 31.10 17.76
C PHE K 661 3.75 32.19 18.44
N ILE K 662 3.34 33.46 18.28
CA ILE K 662 4.06 34.54 18.97
C ILE K 662 3.86 34.40 20.47
N MET K 663 2.61 34.56 20.92
CA MET K 663 2.27 34.53 22.35
C MET K 663 1.03 33.66 22.54
N PRO K 664 1.22 32.37 22.86
CA PRO K 664 0.05 31.49 22.97
C PRO K 664 -0.94 31.94 24.04
N GLU K 665 -0.48 32.66 25.07
CA GLU K 665 -1.38 33.07 26.13
C GLU K 665 -2.37 34.12 25.64
N LYS K 666 -1.91 35.08 24.85
CA LYS K 666 -2.75 36.19 24.43
C LYS K 666 -3.71 35.82 23.30
N PHE K 667 -3.44 34.73 22.59
CA PHE K 667 -4.30 34.29 21.49
C PHE K 667 -4.70 32.83 21.68
N SER K 668 -4.91 32.42 22.92
CA SER K 668 -5.18 31.01 23.23
C SER K 668 -6.54 30.54 22.71
N SER K 669 -7.41 31.44 22.25
CA SER K 669 -8.76 31.09 21.85
C SER K 669 -9.01 31.56 20.43
N TRP K 670 -9.55 30.66 19.61
CA TRP K 670 -9.86 31.01 18.23
C TRP K 670 -11.22 31.68 18.11
N GLU K 671 -12.24 31.12 18.76
CA GLU K 671 -13.59 31.67 18.63
C GLU K 671 -13.64 33.13 19.08
N ASP K 672 -12.98 33.45 20.19
CA ASP K 672 -12.94 34.82 20.66
C ASP K 672 -12.35 35.73 19.60
N PHE K 673 -11.25 35.32 18.99
CA PHE K 673 -10.62 36.14 17.95
C PHE K 673 -11.55 36.30 16.75
N GLU K 674 -12.23 35.22 16.37
CA GLU K 674 -13.11 35.28 15.20
C GLU K 674 -14.25 36.27 15.43
N GLU K 675 -14.90 36.19 16.59
CA GLU K 675 -15.97 37.14 16.87
C GLU K 675 -15.43 38.55 17.01
N GLU K 676 -14.27 38.71 17.64
CA GLU K 676 -13.70 40.03 17.84
C GLU K 676 -13.30 40.69 16.52
N HIS K 677 -13.01 39.89 15.50
CA HIS K 677 -12.58 40.40 14.20
C HIS K 677 -13.51 39.89 13.11
N GLY K 678 -14.81 40.04 13.32
CA GLY K 678 -15.80 39.68 12.32
C GLY K 678 -15.57 40.40 11.01
N LYS K 679 -15.62 39.66 9.91
CA LYS K 679 -15.38 40.23 8.60
C LYS K 679 -16.53 41.17 8.19
N GLY K 680 -16.31 41.88 7.09
CA GLY K 680 -17.32 42.76 6.54
C GLY K 680 -17.24 44.20 7.00
N ARG K 681 -17.34 44.43 8.30
CA ARG K 681 -17.29 45.80 8.81
C ARG K 681 -15.92 46.42 8.58
N GLU K 682 -15.90 47.67 8.14
CA GLU K 682 -14.65 48.31 7.76
C GLU K 682 -13.79 48.63 9.00
N TYR K 683 -14.42 49.01 10.11
CA TYR K 683 -13.65 49.38 11.29
C TYR K 683 -12.83 48.20 11.83
N GLY K 684 -13.31 46.98 11.62
CA GLY K 684 -12.59 45.82 12.09
C GLY K 684 -11.20 45.72 11.49
N TYR K 685 -11.07 46.04 10.21
CA TYR K 685 -9.76 45.99 9.56
C TYR K 685 -8.79 46.99 10.18
N ALA K 686 -9.26 48.21 10.45
CA ALA K 686 -8.40 49.17 11.14
C ALA K 686 -8.03 48.69 12.52
N SER K 687 -8.97 48.05 13.22
CA SER K 687 -8.65 47.43 14.51
C SER K 687 -7.54 46.40 14.35
N LEU K 688 -7.66 45.54 13.33
CA LEU K 688 -6.62 44.56 13.04
C LEU K 688 -5.28 45.23 12.81
N HIS K 689 -5.27 46.26 11.95
CA HIS K 689 -4.04 46.98 11.64
C HIS K 689 -3.47 47.68 12.87
N LYS K 690 -4.31 48.00 13.84
CA LYS K 690 -3.79 48.56 15.09
C LYS K 690 -3.14 47.48 15.93
N GLU K 691 -3.85 46.36 16.14
CA GLU K 691 -3.34 45.33 17.03
C GLU K 691 -2.10 44.65 16.46
N LEU K 692 -1.97 44.57 15.15
CA LEU K 692 -0.81 43.92 14.54
C LEU K 692 0.45 44.76 14.70
N GLU K 693 0.33 46.08 14.74
CA GLU K 693 1.50 46.96 14.67
C GLU K 693 2.58 46.59 15.68
N PRO K 694 2.28 46.37 16.96
CA PRO K 694 3.36 46.03 17.91
C PRO K 694 3.93 44.64 17.71
N PHE K 695 3.18 43.71 17.11
CA PHE K 695 3.62 42.33 16.98
C PHE K 695 4.15 41.99 15.59
N LEU K 696 3.66 42.65 14.54
CA LEU K 696 4.08 42.40 13.17
C LEU K 696 4.70 43.65 12.59
N LEU K 697 5.91 43.53 12.07
CA LEU K 697 6.62 44.62 11.43
C LEU K 697 6.82 44.31 9.96
N ARG K 698 6.50 45.26 9.10
CA ARG K 698 6.61 45.08 7.66
C ARG K 698 6.84 46.42 6.99
N ARG K 699 7.83 46.48 6.10
CA ARG K 699 8.16 47.71 5.37
C ARG K 699 8.17 47.41 3.88
N VAL K 700 7.27 48.04 3.14
CA VAL K 700 7.25 47.90 1.69
C VAL K 700 8.55 48.48 1.11
N LYS K 701 8.95 47.95 -0.05
CA LYS K 701 10.19 48.40 -0.68
C LYS K 701 10.16 49.89 -0.95
N LYS K 702 9.08 50.38 -1.59
CA LYS K 702 9.02 51.77 -1.99
C LYS K 702 9.14 52.73 -0.82
N ASP K 703 8.83 52.28 0.39
CA ASP K 703 8.91 53.13 1.57
C ASP K 703 10.26 53.11 2.26
N VAL K 704 11.18 52.23 1.85
CA VAL K 704 12.47 52.12 2.51
C VAL K 704 13.66 52.20 1.56
N GLU K 705 13.51 51.89 0.28
CA GLU K 705 14.64 51.95 -0.65
C GLU K 705 14.08 52.25 -2.04
N LYS K 706 14.16 53.52 -2.45
CA LYS K 706 13.68 53.91 -3.76
C LYS K 706 14.67 53.58 -4.88
N SER K 707 15.92 53.25 -4.53
CA SER K 707 16.92 52.96 -5.57
C SER K 707 16.57 51.71 -6.37
N LEU K 708 15.90 50.75 -5.74
CA LEU K 708 15.57 49.51 -6.43
C LEU K 708 14.65 49.80 -7.61
N PRO K 709 14.95 49.29 -8.81
CA PRO K 709 14.04 49.48 -9.94
C PRO K 709 12.68 48.87 -9.66
N ALA K 710 11.63 49.52 -10.16
CA ALA K 710 10.28 49.02 -10.02
C ALA K 710 10.11 47.74 -10.83
N LYS K 711 9.44 46.76 -10.25
CA LYS K 711 9.21 45.49 -10.94
C LYS K 711 8.29 45.70 -12.14
N VAL K 712 8.51 44.88 -13.17
CA VAL K 712 7.70 44.91 -14.39
C VAL K 712 6.99 43.57 -14.50
N GLU K 713 5.66 43.60 -14.50
CA GLU K 713 4.82 42.42 -14.59
C GLU K 713 4.07 42.46 -15.92
N GLN K 714 4.22 41.41 -16.72
CA GLN K 714 3.52 41.30 -17.99
C GLN K 714 3.00 39.88 -18.17
N ILE K 715 1.77 39.78 -18.68
CA ILE K 715 1.12 38.51 -18.94
C ILE K 715 1.02 38.34 -20.45
N LEU K 716 1.59 37.25 -20.96
CA LEU K 716 1.64 36.98 -22.39
C LEU K 716 0.72 35.80 -22.69
N ARG K 717 -0.47 36.09 -23.19
CA ARG K 717 -1.38 35.05 -23.62
C ARG K 717 -0.77 34.29 -24.80
N MET K 718 -1.05 32.98 -24.87
CA MET K 718 -0.61 32.16 -25.98
C MET K 718 -1.70 31.15 -26.31
N GLU K 719 -1.86 30.89 -27.60
CA GLU K 719 -2.86 29.95 -28.08
C GLU K 719 -2.30 28.54 -28.09
N MET K 720 -3.16 27.57 -27.72
CA MET K 720 -2.73 26.18 -27.69
C MET K 720 -2.41 25.68 -29.09
N SER K 721 -1.42 24.79 -29.17
CA SER K 721 -1.06 24.19 -30.44
C SER K 721 -2.12 23.16 -30.86
N ALA K 722 -2.08 22.80 -32.14
CA ALA K 722 -3.08 21.88 -32.68
C ALA K 722 -3.01 20.52 -31.98
N LEU K 723 -1.79 20.02 -31.75
CA LEU K 723 -1.64 18.78 -31.00
C LEU K 723 -2.20 18.94 -29.58
N GLN K 724 -1.92 20.09 -28.96
CA GLN K 724 -2.51 20.38 -27.66
C GLN K 724 -4.03 20.35 -27.75
N LYS K 725 -4.59 20.96 -28.79
CA LYS K 725 -6.05 20.97 -28.94
C LYS K 725 -6.61 19.57 -29.11
N GLN K 726 -5.91 18.68 -29.81
CA GLN K 726 -6.42 17.34 -30.02
C GLN K 726 -6.37 16.53 -28.72
N TYR K 727 -5.24 16.60 -28.01
CA TYR K 727 -5.14 15.96 -26.71
C TYR K 727 -6.18 16.52 -25.74
N TYR K 728 -6.40 17.84 -25.79
CA TYR K 728 -7.38 18.48 -24.92
C TYR K 728 -8.79 17.97 -25.22
N LYS K 729 -9.13 17.88 -26.50
CA LYS K 729 -10.44 17.34 -26.88
C LYS K 729 -10.59 15.92 -26.34
N TRP K 730 -9.56 15.09 -26.51
CA TRP K 730 -9.64 13.72 -26.02
C TRP K 730 -9.81 13.68 -24.51
N ILE K 731 -9.05 14.50 -23.77
CA ILE K 731 -9.13 14.48 -22.31
C ILE K 731 -10.52 14.93 -21.85
N LEU K 732 -11.02 16.02 -22.42
CA LEU K 732 -12.35 16.50 -22.03
C LEU K 732 -13.41 15.43 -22.23
N THR K 733 -13.37 14.76 -23.38
CA THR K 733 -14.28 13.65 -23.65
C THR K 733 -13.87 12.39 -22.91
N ARG K 734 -12.70 12.37 -22.28
CA ARG K 734 -12.19 11.19 -21.58
C ARG K 734 -12.12 9.98 -22.50
N ASN K 735 -11.81 10.21 -23.77
CA ASN K 735 -11.66 9.14 -24.75
C ASN K 735 -10.25 8.56 -24.66
N TYR K 736 -10.03 7.79 -23.59
CA TYR K 736 -8.71 7.25 -23.32
C TYR K 736 -8.20 6.37 -24.47
N LYS K 737 -9.10 5.87 -25.31
CA LYS K 737 -8.69 4.98 -26.39
C LYS K 737 -7.63 5.62 -27.26
N ALA K 738 -7.74 6.93 -27.52
CA ALA K 738 -6.79 7.61 -28.38
C ALA K 738 -5.43 7.77 -27.68
N LEU K 739 -5.43 8.32 -26.46
CA LEU K 739 -4.18 8.52 -25.74
C LEU K 739 -3.45 7.20 -25.54
N SER K 740 -4.19 6.11 -25.33
CA SER K 740 -3.56 4.82 -25.05
C SER K 740 -2.81 4.27 -26.25
N LYS K 741 -3.07 4.78 -27.46
CA LYS K 741 -2.45 4.24 -28.66
C LYS K 741 -0.93 4.35 -28.58
N GLY K 742 -0.25 3.20 -28.48
CA GLY K 742 1.19 3.20 -28.40
C GLY K 742 1.75 3.86 -27.16
N SER K 743 0.97 3.94 -26.08
CA SER K 743 1.40 4.57 -24.85
C SER K 743 1.03 3.67 -23.68
N LYS K 744 1.88 3.68 -22.64
CA LYS K 744 1.65 2.88 -21.45
C LYS K 744 0.81 3.61 -20.40
N GLY K 745 0.32 4.81 -20.72
CA GLY K 745 -0.44 5.57 -19.74
C GLY K 745 -1.65 4.79 -19.25
N SER K 746 -1.94 4.93 -17.96
CA SER K 746 -3.05 4.23 -17.31
C SER K 746 -4.26 5.15 -17.28
N THR K 747 -5.41 4.64 -17.76
CA THR K 747 -6.63 5.44 -17.74
C THR K 747 -6.98 5.90 -16.33
N SER K 748 -6.65 5.10 -15.31
CA SER K 748 -6.96 5.47 -13.94
C SER K 748 -6.17 6.68 -13.47
N GLY K 749 -5.11 7.06 -14.19
CA GLY K 749 -4.39 8.27 -13.88
C GLY K 749 -5.14 9.55 -14.18
N PHE K 750 -6.33 9.45 -14.77
CA PHE K 750 -7.15 10.61 -15.10
C PHE K 750 -8.15 10.94 -13.99
N LEU K 751 -7.97 10.39 -12.79
CA LEU K 751 -8.88 10.64 -11.69
C LEU K 751 -8.91 12.10 -11.26
N ASN K 752 -7.93 12.90 -11.66
CA ASN K 752 -7.89 14.34 -11.37
C ASN K 752 -7.70 15.06 -12.70
N ILE K 753 -8.83 15.37 -13.36
CA ILE K 753 -8.79 15.92 -14.70
C ILE K 753 -8.10 17.29 -14.72
N MET K 754 -8.17 18.04 -13.62
CA MET K 754 -7.54 19.35 -13.60
C MET K 754 -6.03 19.24 -13.80
N MET K 755 -5.40 18.29 -13.10
CA MET K 755 -3.95 18.16 -13.17
C MET K 755 -3.48 17.60 -14.49
N GLU K 756 -4.35 16.91 -15.24
CA GLU K 756 -4.02 16.46 -16.58
C GLU K 756 -4.30 17.53 -17.63
N LEU K 757 -5.33 18.35 -17.44
CA LEU K 757 -5.53 19.51 -18.32
C LEU K 757 -4.36 20.46 -18.21
N LYS K 758 -3.87 20.69 -16.99
CA LYS K 758 -2.70 21.54 -16.82
C LYS K 758 -1.49 20.96 -17.56
N LYS K 759 -1.27 19.65 -17.44
CA LYS K 759 -0.17 19.02 -18.16
C LYS K 759 -0.32 19.18 -19.67
N CYS K 760 -1.52 18.90 -20.18
CA CYS K 760 -1.77 19.07 -21.62
C CYS K 760 -1.47 20.49 -22.05
N CYS K 761 -1.90 21.47 -21.27
CA CYS K 761 -1.63 22.87 -21.62
C CYS K 761 -0.13 23.15 -21.66
N ASN K 762 0.61 22.64 -20.67
CA ASN K 762 2.03 22.94 -20.60
C ASN K 762 2.79 22.32 -21.78
N HIS K 763 2.74 21.00 -21.91
CA HIS K 763 3.46 20.32 -22.98
C HIS K 763 2.85 18.93 -23.17
N CYS K 764 2.71 18.53 -24.43
CA CYS K 764 2.07 17.24 -24.72
C CYS K 764 2.85 16.08 -24.11
N TYR K 765 4.18 16.18 -24.09
CA TYR K 765 5.00 15.03 -23.69
C TYR K 765 4.69 14.56 -22.29
N LEU K 766 4.13 15.43 -21.45
CA LEU K 766 3.82 15.03 -20.07
C LEU K 766 2.79 13.90 -20.06
N ILE K 767 1.77 14.00 -20.90
CA ILE K 767 0.72 12.99 -20.92
C ILE K 767 1.10 11.80 -21.80
N LYS K 768 1.70 12.06 -22.97
CA LYS K 768 2.12 11.01 -23.90
C LYS K 768 3.59 11.18 -24.25
N PRO K 769 4.47 10.31 -23.75
CA PRO K 769 5.89 10.43 -24.09
C PRO K 769 6.10 10.39 -25.59
N PRO K 770 6.99 11.23 -26.13
CA PRO K 770 7.21 11.25 -27.58
C PRO K 770 7.89 9.97 -28.05
N ASP K 771 7.48 9.51 -29.24
CA ASP K 771 8.11 8.34 -29.86
C ASP K 771 9.47 8.74 -30.41
N ASN K 772 10.54 8.20 -29.82
CA ASN K 772 11.88 8.55 -30.25
C ASN K 772 12.21 8.01 -31.63
N ASN K 773 11.44 7.03 -32.12
CA ASN K 773 11.72 6.43 -33.42
C ASN K 773 11.19 7.27 -34.59
N GLU K 774 10.35 8.27 -34.31
CA GLU K 774 9.80 9.06 -35.40
C GLU K 774 10.89 9.81 -36.16
N PHE K 775 11.85 10.39 -35.43
CA PHE K 775 12.92 11.17 -36.04
C PHE K 775 14.25 10.73 -35.44
N TYR K 776 15.22 10.41 -36.31
CA TYR K 776 16.55 10.07 -35.86
C TYR K 776 17.49 11.28 -35.82
N ASN K 777 17.15 12.35 -36.53
CA ASN K 777 17.99 13.54 -36.58
C ASN K 777 17.50 14.54 -35.54
N LYS K 778 18.43 15.00 -34.69
CA LYS K 778 18.05 15.89 -33.59
C LYS K 778 17.42 17.18 -34.11
N GLN K 779 17.92 17.71 -35.22
CA GLN K 779 17.42 18.98 -35.72
C GLN K 779 15.93 18.92 -36.02
N GLU K 780 15.41 17.73 -36.32
CA GLU K 780 13.98 17.58 -36.61
C GLU K 780 13.18 17.34 -35.34
N ALA K 781 13.70 16.50 -34.43
CA ALA K 781 13.03 16.28 -33.16
C ALA K 781 12.90 17.58 -32.37
N LEU K 782 13.88 18.47 -32.49
CA LEU K 782 13.76 19.78 -31.87
C LEU K 782 12.59 20.56 -32.45
N GLN K 783 12.43 20.54 -33.77
CA GLN K 783 11.29 21.20 -34.39
C GLN K 783 9.98 20.63 -33.86
N HIS K 784 9.89 19.30 -33.76
CA HIS K 784 8.67 18.68 -33.26
C HIS K 784 8.42 19.08 -31.81
N LEU K 785 9.46 19.08 -30.98
CA LEU K 785 9.31 19.50 -29.60
C LEU K 785 8.80 20.93 -29.51
N ILE K 786 9.35 21.82 -30.31
CA ILE K 786 8.91 23.22 -30.28
C ILE K 786 7.45 23.32 -30.70
N ARG K 787 7.09 22.70 -31.82
CA ARG K 787 5.72 22.76 -32.30
C ARG K 787 4.76 21.96 -31.44
N SER K 788 5.28 21.00 -30.66
CA SER K 788 4.40 20.19 -29.82
C SER K 788 3.70 21.03 -28.75
N SER K 789 4.40 22.00 -28.17
CA SER K 789 3.85 22.84 -27.11
C SER K 789 3.69 24.26 -27.63
N GLY K 790 2.48 24.81 -27.50
CA GLY K 790 2.26 26.18 -27.93
C GLY K 790 3.09 27.18 -27.15
N LYS K 791 3.27 26.94 -25.86
CA LYS K 791 4.01 27.89 -25.02
C LYS K 791 5.43 28.06 -25.53
N LEU K 792 6.09 26.96 -25.91
CA LEU K 792 7.46 27.05 -26.39
C LEU K 792 7.57 27.94 -27.62
N ILE K 793 6.51 28.03 -28.42
CA ILE K 793 6.55 28.89 -29.61
C ILE K 793 6.87 30.32 -29.21
N LEU K 794 6.26 30.81 -28.14
CA LEU K 794 6.62 32.12 -27.61
C LEU K 794 7.92 32.08 -26.83
N LEU K 795 8.17 30.97 -26.12
CA LEU K 795 9.29 30.94 -25.18
C LEU K 795 10.63 31.01 -25.90
N ASP K 796 10.79 30.27 -26.99
CA ASP K 796 12.06 30.27 -27.71
C ASP K 796 12.36 31.65 -28.26
N LYS K 797 11.37 32.29 -28.88
CA LYS K 797 11.58 33.63 -29.42
C LYS K 797 11.91 34.62 -28.30
N LEU K 798 11.20 34.53 -27.18
CA LEU K 798 11.49 35.42 -26.06
C LEU K 798 12.90 35.21 -25.54
N LEU K 799 13.32 33.95 -25.42
CA LEU K 799 14.66 33.67 -24.92
C LEU K 799 15.72 34.20 -25.87
N ILE K 800 15.53 34.04 -27.18
CA ILE K 800 16.49 34.59 -28.14
C ILE K 800 16.55 36.10 -28.03
N ARG K 801 15.39 36.75 -27.97
CA ARG K 801 15.36 38.21 -27.90
C ARG K 801 16.07 38.70 -26.65
N LEU K 802 15.87 38.03 -25.51
CA LEU K 802 16.60 38.38 -24.30
C LEU K 802 18.08 38.06 -24.44
N ARG K 803 18.42 37.01 -25.19
CA ARG K 803 19.83 36.69 -25.43
C ARG K 803 20.52 37.83 -26.15
N GLU K 804 19.84 38.45 -27.12
CA GLU K 804 20.42 39.58 -27.82
C GLU K 804 20.83 40.67 -26.83
N ARG K 805 19.97 40.97 -25.86
CA ARG K 805 20.25 41.99 -24.87
C ARG K 805 21.32 41.57 -23.87
N GLY K 806 21.65 40.28 -23.81
CA GLY K 806 22.57 39.78 -22.81
C GLY K 806 21.98 39.58 -21.44
N ASN K 807 20.66 39.59 -21.32
CA ASN K 807 20.01 39.41 -20.02
C ASN K 807 19.86 37.94 -19.69
N ARG K 808 20.15 37.59 -18.44
CA ARG K 808 19.97 36.23 -17.97
C ARG K 808 18.52 36.01 -17.55
N VAL K 809 18.10 34.74 -17.59
CA VAL K 809 16.69 34.38 -17.44
C VAL K 809 16.55 33.33 -16.36
N LEU K 810 15.53 33.47 -15.53
CA LEU K 810 15.17 32.49 -14.50
C LEU K 810 13.80 31.91 -14.83
N ILE K 811 13.72 30.58 -14.90
CA ILE K 811 12.49 29.87 -15.22
C ILE K 811 12.03 29.15 -13.95
N PHE K 812 10.83 29.50 -13.49
CA PHE K 812 10.23 28.87 -12.32
C PHE K 812 9.02 28.05 -12.76
N SER K 813 8.98 26.78 -12.36
CA SER K 813 7.87 25.89 -12.68
C SER K 813 7.58 25.00 -11.49
N GLN K 814 6.30 24.69 -11.29
CA GLN K 814 5.87 23.85 -10.19
C GLN K 814 5.67 22.39 -10.58
N MET K 815 5.96 22.03 -11.82
CA MET K 815 5.96 20.64 -12.27
C MET K 815 7.39 20.26 -12.63
N VAL K 816 7.93 19.25 -11.93
CA VAL K 816 9.35 18.90 -12.06
C VAL K 816 9.64 18.28 -13.43
N ARG K 817 8.73 17.49 -13.97
CA ARG K 817 8.92 16.97 -15.32
C ARG K 817 9.00 18.08 -16.35
N MET K 818 8.34 19.20 -16.09
CA MET K 818 8.45 20.36 -16.97
C MET K 818 9.89 20.83 -17.02
N LEU K 819 10.56 20.85 -15.87
CA LEU K 819 11.98 21.20 -15.83
C LEU K 819 12.79 20.25 -16.69
N ASP K 820 12.49 18.94 -16.64
CA ASP K 820 13.20 17.98 -17.47
C ASP K 820 13.01 18.30 -18.95
N ILE K 821 11.76 18.57 -19.35
CA ILE K 821 11.49 18.90 -20.75
C ILE K 821 12.30 20.12 -21.17
N LEU K 822 12.25 21.17 -20.35
CA LEU K 822 12.95 22.41 -20.69
C LEU K 822 14.46 22.17 -20.76
N ALA K 823 14.99 21.38 -19.83
CA ALA K 823 16.42 21.06 -19.85
C ALA K 823 16.82 20.35 -21.14
N GLU K 824 16.01 19.37 -21.56
CA GLU K 824 16.29 18.66 -22.80
C GLU K 824 16.26 19.62 -23.97
N TYR K 825 15.28 20.53 -24.00
CA TYR K 825 15.24 21.52 -25.06
C TYR K 825 16.48 22.40 -25.06
N LEU K 826 16.88 22.86 -23.87
CA LEU K 826 18.04 23.73 -23.76
C LEU K 826 19.31 23.06 -24.26
N LYS K 827 19.49 21.78 -23.91
CA LYS K 827 20.75 21.12 -24.22
C LYS K 827 21.07 21.19 -25.72
N TYR K 828 20.06 21.21 -26.57
CA TYR K 828 20.31 21.20 -28.01
C TYR K 828 20.95 22.49 -28.48
N ARG K 829 20.52 23.64 -27.98
CA ARG K 829 20.89 24.92 -28.56
C ARG K 829 21.78 25.76 -27.67
N GLN K 830 21.35 26.06 -26.45
CA GLN K 830 21.88 27.17 -25.68
C GLN K 830 22.92 26.70 -24.65
N PHE K 831 23.55 27.68 -24.02
CA PHE K 831 24.68 27.46 -23.12
C PHE K 831 24.28 26.55 -21.96
N PRO K 832 25.25 26.07 -21.18
CA PRO K 832 24.91 25.21 -20.03
C PRO K 832 23.97 25.92 -19.07
N PHE K 833 23.06 25.15 -18.48
CA PHE K 833 22.05 25.64 -17.56
C PHE K 833 22.23 24.94 -16.22
N GLN K 834 22.05 25.68 -15.14
CA GLN K 834 21.98 25.06 -13.82
C GLN K 834 20.53 24.69 -13.49
N ARG K 835 20.38 23.73 -12.59
CA ARG K 835 19.08 23.21 -12.20
C ARG K 835 18.96 23.20 -10.69
N LEU K 836 17.74 23.45 -10.20
CA LEU K 836 17.45 23.44 -8.77
C LEU K 836 16.03 22.91 -8.56
N ASP K 837 15.92 21.62 -8.27
CA ASP K 837 14.67 21.01 -7.85
C ASP K 837 14.93 20.13 -6.64
N GLY K 838 13.86 19.62 -6.04
CA GLY K 838 13.97 18.92 -4.77
C GLY K 838 14.80 17.66 -4.82
N SER K 839 15.00 17.06 -5.99
CA SER K 839 15.83 15.87 -6.10
C SER K 839 17.32 16.19 -6.05
N ILE K 840 17.71 17.43 -6.38
CA ILE K 840 19.10 17.82 -6.33
C ILE K 840 19.55 17.87 -4.87
N LYS K 841 20.59 17.12 -4.54
CA LYS K 841 21.07 17.06 -3.17
C LYS K 841 21.63 18.41 -2.74
N GLY K 842 21.48 18.72 -1.45
CA GLY K 842 21.81 20.05 -0.97
C GLY K 842 23.24 20.46 -1.31
N GLU K 843 24.18 19.53 -1.14
CA GLU K 843 25.59 19.87 -1.35
C GLU K 843 25.84 20.48 -2.72
N LEU K 844 25.09 20.03 -3.73
CA LEU K 844 25.31 20.53 -5.09
C LEU K 844 24.65 21.89 -5.31
N ARG K 845 23.61 22.21 -4.54
CA ARG K 845 22.92 23.48 -4.72
C ARG K 845 23.85 24.65 -4.44
N LYS K 846 24.72 24.51 -3.42
CA LYS K 846 25.72 25.53 -3.17
C LYS K 846 26.53 25.83 -4.41
N GLN K 847 27.08 24.78 -5.03
CA GLN K 847 27.93 24.98 -6.20
C GLN K 847 27.15 25.59 -7.36
N ALA K 848 25.94 25.08 -7.59
CA ALA K 848 25.14 25.60 -8.70
C ALA K 848 24.85 27.09 -8.51
N LEU K 849 24.40 27.46 -7.31
CA LEU K 849 24.09 28.86 -7.02
C LEU K 849 25.33 29.74 -7.16
N ASP K 850 26.46 29.28 -6.61
CA ASP K 850 27.68 30.08 -6.71
C ASP K 850 28.10 30.25 -8.16
N HIS K 851 28.06 29.18 -8.94
CA HIS K 851 28.48 29.28 -10.33
C HIS K 851 27.60 30.26 -11.10
N PHE K 852 26.28 30.19 -10.91
CA PHE K 852 25.42 31.12 -11.62
C PHE K 852 25.65 32.55 -11.14
N ASN K 853 25.78 32.74 -9.82
CA ASN K 853 25.95 34.09 -9.28
C ASN K 853 27.34 34.64 -9.58
N ALA K 854 28.36 33.79 -9.59
CA ALA K 854 29.73 34.26 -9.70
C ALA K 854 29.91 35.09 -10.98
N GLU K 855 30.69 36.17 -10.85
CA GLU K 855 30.92 37.04 -11.98
C GLU K 855 31.59 36.29 -13.12
N GLY K 856 31.23 36.63 -14.35
CA GLY K 856 31.76 35.95 -15.51
C GLY K 856 31.05 34.66 -15.86
N SER K 857 29.94 34.34 -15.20
CA SER K 857 29.21 33.12 -15.49
C SER K 857 28.66 33.18 -16.92
N GLU K 858 28.66 32.04 -17.59
CA GLU K 858 28.15 31.92 -18.94
C GLU K 858 26.81 31.21 -19.01
N ASP K 859 26.30 30.70 -17.89
CA ASP K 859 25.02 30.00 -17.88
C ASP K 859 23.91 30.94 -18.35
N PHE K 860 23.17 30.52 -19.38
CA PHE K 860 22.13 31.36 -19.95
C PHE K 860 20.94 31.53 -19.00
N CYS K 861 20.50 30.44 -18.36
CA CYS K 861 19.28 30.49 -17.57
C CYS K 861 19.37 29.52 -16.40
N PHE K 862 18.44 29.68 -15.47
CA PHE K 862 18.36 28.86 -14.26
C PHE K 862 17.01 28.17 -14.23
N LEU K 863 17.03 26.83 -14.14
CA LEU K 863 15.80 26.04 -14.01
C LEU K 863 15.56 25.78 -12.52
N LEU K 864 14.61 26.50 -11.94
CA LEU K 864 14.33 26.45 -10.51
C LEU K 864 12.90 25.94 -10.29
N SER K 865 12.76 24.86 -9.55
CA SER K 865 11.44 24.44 -9.10
C SER K 865 10.92 25.43 -8.06
N THR K 866 9.62 25.73 -8.14
CA THR K 866 9.07 26.83 -7.35
C THR K 866 9.19 26.55 -5.85
N ARG K 867 8.62 25.42 -5.39
CA ARG K 867 8.61 25.15 -3.96
C ARG K 867 10.00 24.95 -3.39
N ALA K 868 10.94 24.43 -4.18
CA ALA K 868 12.29 24.21 -3.70
C ALA K 868 13.13 25.48 -3.78
N GLY K 869 13.28 26.02 -4.99
CA GLY K 869 14.20 27.11 -5.24
C GLY K 869 13.59 28.49 -5.32
N GLY K 870 12.28 28.60 -5.22
CA GLY K 870 11.63 29.90 -5.30
C GLY K 870 11.59 30.68 -4.01
N LEU K 871 12.04 30.10 -2.91
CA LEU K 871 11.91 30.70 -1.58
C LEU K 871 13.28 31.02 -1.00
N GLY K 872 13.43 32.26 -0.52
CA GLY K 872 14.56 32.63 0.31
C GLY K 872 15.86 32.92 -0.40
N ILE K 873 16.29 32.03 -1.31
CA ILE K 873 17.62 32.15 -1.88
C ILE K 873 17.83 33.53 -2.46
N ASN K 874 19.03 34.08 -2.25
CA ASN K 874 19.39 35.41 -2.73
C ASN K 874 20.24 35.25 -3.99
N LEU K 875 19.60 35.34 -5.15
CA LEU K 875 20.29 35.14 -6.42
C LEU K 875 20.81 36.46 -6.97
N ALA K 876 19.90 37.40 -7.24
CA ALA K 876 20.27 38.76 -7.63
C ALA K 876 21.34 38.79 -8.72
N SER K 877 21.16 37.97 -9.75
CA SER K 877 22.09 37.97 -10.87
C SER K 877 21.41 37.78 -12.22
N ALA K 878 20.09 37.98 -12.30
CA ALA K 878 19.36 37.77 -13.53
C ALA K 878 18.38 38.93 -13.74
N ASP K 879 17.97 39.10 -14.99
CA ASP K 879 17.09 40.20 -15.36
C ASP K 879 15.73 39.75 -15.88
N THR K 880 15.46 38.44 -15.93
CA THR K 880 14.19 37.93 -16.41
C THR K 880 13.74 36.77 -15.53
N VAL K 881 12.44 36.77 -15.20
CA VAL K 881 11.84 35.73 -14.37
C VAL K 881 10.59 35.26 -15.10
N VAL K 882 10.65 34.07 -15.68
CA VAL K 882 9.55 33.52 -16.48
C VAL K 882 8.86 32.44 -15.67
N ILE K 883 7.56 32.62 -15.43
CA ILE K 883 6.74 31.65 -14.72
C ILE K 883 6.08 30.76 -15.78
N PHE K 884 6.61 29.56 -15.96
CA PHE K 884 6.03 28.65 -16.95
C PHE K 884 4.61 28.28 -16.60
N ASP K 885 4.35 27.94 -15.34
CA ASP K 885 3.01 27.56 -14.89
C ASP K 885 2.74 28.20 -13.54
N SER K 886 1.51 28.67 -13.37
CA SER K 886 1.14 29.42 -12.18
C SER K 886 0.71 28.49 -11.06
N ASP K 887 1.19 28.76 -9.85
CA ASP K 887 0.78 28.02 -8.66
C ASP K 887 -0.64 28.40 -8.27
N TRP K 888 -1.32 27.47 -7.60
CA TRP K 888 -2.66 27.74 -7.08
C TRP K 888 -2.67 28.89 -6.09
N ASN K 889 -1.51 29.24 -5.55
CA ASN K 889 -1.39 30.26 -4.50
C ASN K 889 -0.54 31.39 -5.04
N PRO K 890 -1.11 32.56 -5.35
CA PRO K 890 -0.31 33.63 -5.95
C PRO K 890 0.86 34.07 -5.08
N GLN K 891 0.76 33.92 -3.76
CA GLN K 891 1.84 34.36 -2.89
C GLN K 891 3.13 33.63 -3.21
N ASN K 892 3.05 32.35 -3.58
CA ASN K 892 4.25 31.64 -3.99
C ASN K 892 4.84 32.26 -5.25
N ASP K 893 4.00 32.63 -6.21
CA ASP K 893 4.49 33.29 -7.41
C ASP K 893 5.20 34.59 -7.08
N LEU K 894 4.59 35.39 -6.20
CA LEU K 894 5.22 36.63 -5.78
C LEU K 894 6.55 36.36 -5.10
N GLN K 895 6.59 35.33 -4.26
CA GLN K 895 7.85 34.91 -3.63
C GLN K 895 8.92 34.64 -4.68
N ALA K 896 8.56 33.89 -5.71
CA ALA K 896 9.53 33.56 -6.75
C ALA K 896 10.04 34.82 -7.44
N GLN K 897 9.14 35.75 -7.76
CA GLN K 897 9.55 36.97 -8.45
C GLN K 897 10.61 37.72 -7.66
N ALA K 898 10.54 37.67 -6.33
CA ALA K 898 11.43 38.46 -5.49
C ALA K 898 12.82 37.84 -5.35
N ARG K 899 13.04 36.62 -5.85
CA ARG K 899 14.37 36.03 -5.78
C ARG K 899 15.39 36.90 -6.49
N ALA K 900 15.05 37.41 -7.67
CA ALA K 900 15.95 38.30 -8.38
C ALA K 900 15.89 39.71 -7.81
N HIS K 901 14.69 40.22 -7.56
CA HIS K 901 14.51 41.60 -7.11
C HIS K 901 14.88 41.69 -5.62
N ARG K 902 16.19 41.77 -5.38
CA ARG K 902 16.73 41.85 -4.02
C ARG K 902 17.76 42.97 -3.97
N ILE K 903 18.44 43.08 -2.82
CA ILE K 903 19.36 44.19 -2.59
C ILE K 903 20.44 44.26 -3.66
N GLY K 904 20.88 43.12 -4.18
CA GLY K 904 22.01 43.08 -5.08
C GLY K 904 21.74 43.53 -6.49
N GLN K 905 20.49 43.81 -6.84
CA GLN K 905 20.16 44.16 -8.22
C GLN K 905 20.61 45.58 -8.52
N LYS K 906 21.44 45.73 -9.55
CA LYS K 906 21.82 47.02 -10.09
C LYS K 906 21.04 47.37 -11.35
N LYS K 907 20.15 46.49 -11.79
CA LYS K 907 19.42 46.66 -13.04
C LYS K 907 17.98 46.22 -12.85
N GLN K 908 17.08 46.82 -13.62
CA GLN K 908 15.67 46.47 -13.53
C GLN K 908 15.42 45.08 -14.09
N VAL K 909 14.45 44.39 -13.50
CA VAL K 909 14.10 43.02 -13.85
C VAL K 909 12.73 43.00 -14.50
N ASN K 910 12.63 42.31 -15.63
CA ASN K 910 11.37 42.14 -16.35
C ASN K 910 10.82 40.76 -16.07
N ILE K 911 9.56 40.70 -15.63
CA ILE K 911 8.90 39.46 -15.25
C ILE K 911 7.79 39.17 -16.26
N TYR K 912 7.82 37.96 -16.82
CA TYR K 912 6.82 37.53 -17.80
C TYR K 912 6.11 36.30 -17.26
N ARG K 913 4.79 36.40 -17.12
CA ARG K 913 3.96 35.29 -16.66
C ARG K 913 3.28 34.65 -17.86
N LEU K 914 3.59 33.40 -18.13
CA LEU K 914 3.03 32.70 -19.28
C LEU K 914 1.62 32.21 -18.96
N VAL K 915 0.68 32.51 -19.86
CA VAL K 915 -0.71 32.09 -19.74
C VAL K 915 -1.16 31.57 -21.10
N THR K 916 -1.86 30.44 -21.10
CA THR K 916 -2.38 29.84 -22.33
C THR K 916 -3.80 30.36 -22.55
N LYS K 917 -4.00 31.12 -23.63
CA LYS K 917 -5.31 31.66 -23.93
C LYS K 917 -6.29 30.54 -24.26
N GLY K 918 -7.54 30.72 -23.84
CA GLY K 918 -8.55 29.70 -24.07
C GLY K 918 -8.32 28.40 -23.33
N SER K 919 -7.94 28.48 -22.06
CA SER K 919 -7.67 27.27 -21.28
C SER K 919 -7.92 27.55 -19.80
N VAL K 920 -7.90 26.49 -19.01
CA VAL K 920 -8.18 26.57 -17.59
C VAL K 920 -7.15 27.43 -16.86
N GLU K 921 -5.97 27.64 -17.45
CA GLU K 921 -4.96 28.47 -16.80
C GLU K 921 -5.50 29.87 -16.53
N GLU K 922 -6.25 30.43 -17.48
CA GLU K 922 -6.92 31.69 -17.24
C GLU K 922 -7.94 31.56 -16.11
N ASP K 923 -8.65 30.43 -16.04
CA ASP K 923 -9.61 30.21 -14.96
C ASP K 923 -8.93 30.32 -13.60
N ILE K 924 -7.74 29.74 -13.47
CA ILE K 924 -7.00 29.87 -12.22
C ILE K 924 -6.66 31.33 -11.96
N LEU K 925 -6.21 32.03 -13.01
CA LEU K 925 -5.83 33.43 -12.87
C LEU K 925 -6.99 34.29 -12.39
N GLU K 926 -8.23 33.93 -12.74
CA GLU K 926 -9.38 34.70 -12.26
C GLU K 926 -9.49 34.62 -10.73
N ARG K 927 -9.40 33.40 -10.18
CA ARG K 927 -9.32 33.27 -8.72
C ARG K 927 -8.17 34.09 -8.16
N ALA K 928 -7.01 34.01 -8.84
CA ALA K 928 -5.86 34.77 -8.38
C ALA K 928 -6.17 36.26 -8.33
N LYS K 929 -6.85 36.77 -9.35
CA LYS K 929 -7.21 38.18 -9.39
C LYS K 929 -8.10 38.56 -8.22
N LYS K 930 -9.15 37.77 -7.98
CA LYS K 930 -10.04 38.07 -6.85
C LYS K 930 -9.26 38.10 -5.54
N LYS K 931 -8.49 37.04 -5.28
CA LYS K 931 -7.72 36.96 -4.05
C LYS K 931 -6.77 38.15 -3.92
N MET K 932 -6.07 38.47 -5.00
CA MET K 932 -5.09 39.55 -4.97
C MET K 932 -5.76 40.89 -4.68
N VAL K 933 -6.90 41.14 -5.32
CA VAL K 933 -7.61 42.40 -5.07
C VAL K 933 -7.97 42.51 -3.60
N LEU K 934 -8.56 41.44 -3.03
CA LEU K 934 -8.93 41.49 -1.62
C LEU K 934 -7.72 41.72 -0.73
N ASP K 935 -6.64 40.97 -0.99
CA ASP K 935 -5.45 41.06 -0.16
C ASP K 935 -4.84 42.46 -0.23
N HIS K 936 -4.76 43.03 -1.43
CA HIS K 936 -4.25 44.40 -1.58
C HIS K 936 -5.13 45.39 -0.84
N LEU K 937 -6.44 45.27 -0.99
CA LEU K 937 -7.34 46.19 -0.30
C LEU K 937 -7.11 46.15 1.21
N VAL K 938 -6.97 44.94 1.77
CA VAL K 938 -6.71 44.83 3.20
C VAL K 938 -5.34 45.43 3.54
N ILE K 939 -4.31 45.03 2.79
CA ILE K 939 -2.94 45.41 3.11
C ILE K 939 -2.76 46.92 3.01
N GLN K 940 -3.35 47.54 1.97
CA GLN K 940 -3.19 48.97 1.77
C GLN K 940 -3.72 49.79 2.94
N ARG K 941 -4.66 49.25 3.70
CA ARG K 941 -5.18 49.97 4.86
C ARG K 941 -4.13 50.14 5.95
N MET K 942 -3.05 49.36 5.90
CA MET K 942 -1.99 49.50 6.89
C MET K 942 -1.32 50.87 6.80
N ASP K 943 -1.06 51.34 5.59
CA ASP K 943 -0.48 52.65 5.37
C ASP K 943 -1.53 53.73 5.55
N THR K 944 -1.13 54.86 6.13
CA THR K 944 -2.02 55.99 6.37
C THR K 944 -2.11 56.87 5.12
N THR K 945 -2.52 56.26 4.02
CA THR K 945 -2.66 56.97 2.75
C THR K 945 -4.08 57.50 2.58
PB ADP L . 16.85 36.77 2.73
O1B ADP L . 16.85 35.26 2.76
O2B ADP L . 15.66 37.38 2.01
O3B ADP L . 17.17 37.43 4.04
PA ADP L . 19.30 38.06 2.36
O1A ADP L . 20.17 37.16 3.22
O2A ADP L . 18.72 39.32 2.94
O3A ADP L . 18.10 37.14 1.79
O5' ADP L . 20.14 38.44 1.04
C5' ADP L . 21.55 38.55 1.12
C4' ADP L . 22.05 39.66 0.20
O4' ADP L . 21.58 40.92 0.67
C3' ADP L . 23.57 39.72 0.18
O3' ADP L . 24.06 39.39 -1.12
C2' ADP L . 23.94 41.14 0.54
O2' ADP L . 24.70 41.73 -0.52
C1' ADP L . 22.62 41.89 0.71
N9 ADP L . 22.63 42.58 2.02
C8 ADP L . 21.90 42.22 3.09
N7 ADP L . 22.11 43.06 4.14
C5 ADP L . 23.00 43.99 3.73
C6 ADP L . 23.67 45.17 4.33
N6 ADP L . 23.41 45.54 5.61
N1 ADP L . 24.52 45.88 3.56
C2 ADP L . 24.78 45.52 2.28
N3 ADP L . 24.21 44.46 1.67
C4 ADP L . 23.33 43.67 2.33
BE BEF M . 14.47 36.31 0.97
F1 BEF M . 15.51 35.95 -0.12
F2 BEF M . 13.27 37.13 0.39
F3 BEF M . 13.97 35.00 1.62
#